data_4W9M
#
_entry.id   4W9M
#
_cell.length_a   49.713
_cell.length_b   96.386
_cell.length_c   105.926
_cell.angle_alpha   90.010
_cell.angle_beta   89.220
_cell.angle_gamma   81.670
#
_symmetry.space_group_name_H-M   'P 1'
#
loop_
_entity.id
_entity.type
_entity.pdbx_description
1 polymer "DNA (5'-D(*GP*GP*TP*CP*GP*GP*TP*GP*AP*CP*CP*GP*AP*CP*C)-3')"
2 polymer "DNA (5'-D(*GP*GP*TP*CP*GP*GP*TP*CP*AP*CP*CP*GP*AP*CP*C)-3')"
3 polymer 'Probable DNA double-strand break repair Rad50 ATPase,Probable DNA double-strand break repair Rad50 ATPase'
4 polymer 'Exonuclease, putative'
5 non-polymer 'PHOSPHOAMINOPHOSPHONIC ACID-ADENYLATE ESTER'
6 non-polymer 'MAGNESIUM ION'
7 water water
#
loop_
_entity_poly.entity_id
_entity_poly.type
_entity_poly.pdbx_seq_one_letter_code
_entity_poly.pdbx_strand_id
1 'polydeoxyribonucleotide' (DG)(DG)(DT)(DC)(DG)(DG)(DT)(DG)(DA)(DC)(DC)(DG)(DA)(DC)(DC) Y,Z
2 'polydeoxyribonucleotide' (DG)(DG)(DT)(DC)(DG)(DG)(DT)(DC)(DA)(DC)(DC)(DG)(DA)(DC)(DC) A,G
3 'polypeptide(L)'
;MRPERLTVRNFLGLKNVDIEFQSGITVVEGPNGAGKSSLFEAISFALFGNGIRYPNSYDYVNRNAVDGTARLVFQFERGG
KRYEIIREINALQRKHNAKLSEILENGKKAAIAAKPTSVKQEVEKILGIEHRTFIRTVFLPQGEIDKLLISPPSEITEII
SDVFQSKETLEKLEKLLKEKMKKLENEISSGGAGGAGGSLEKKLKEMSDEYNNLDLLRKYLFDKSNFSRYFTGRVLEAVL
KRTKAYLDILTNGRFDIDFDDEKGGFIIKDWGIERPARGLSGGERALISISLAMSLAEVASGRLDAFFIDEGFSSLDTEN
KEKIASVLKELERLNKVIVFITHDREFSEAFDRKLRITGGVVVNE
;
C,E,I,K
4 'polypeptide(L)' DKLDYFELFKEYLKKREENHEKLLKILDELLDEVKKS D,F,J,L
#
loop_
_chem_comp.id
_chem_comp.type
_chem_comp.name
_chem_comp.formula
ANP non-polymer 'PHOSPHOAMINOPHOSPHONIC ACID-ADENYLATE ESTER' 'C10 H17 N6 O12 P3'
DA DNA linking 2'-DEOXYADENOSINE-5'-MONOPHOSPHATE 'C10 H14 N5 O6 P'
DC DNA linking 2'-DEOXYCYTIDINE-5'-MONOPHOSPHATE 'C9 H14 N3 O7 P'
DG DNA linking 2'-DEOXYGUANOSINE-5'-MONOPHOSPHATE 'C10 H14 N5 O7 P'
DT DNA linking THYMIDINE-5'-MONOPHOSPHATE 'C10 H15 N2 O8 P'
MG non-polymer 'MAGNESIUM ION' 'Mg 2'
#
# COMPACT_ATOMS: atom_id res chain seq x y z
N MET C 1 -29.19 10.85 -41.87
CA MET C 1 -29.60 11.87 -40.91
C MET C 1 -28.46 12.85 -40.63
N ARG C 2 -28.55 14.03 -41.24
CA ARG C 2 -27.53 15.05 -41.06
C ARG C 2 -28.09 16.26 -40.30
N PRO C 3 -27.74 16.35 -39.02
CA PRO C 3 -28.20 17.45 -38.18
C PRO C 3 -27.73 18.75 -38.79
N GLU C 4 -28.65 19.63 -39.15
CA GLU C 4 -28.25 20.96 -39.61
C GLU C 4 -28.23 21.94 -38.46
N ARG C 5 -29.37 22.19 -37.84
CA ARG C 5 -29.47 23.16 -36.76
C ARG C 5 -30.23 22.58 -35.54
N LEU C 6 -29.96 23.10 -34.35
CA LEU C 6 -30.67 22.66 -33.16
C LEU C 6 -30.76 23.76 -32.12
N THR C 7 -31.97 24.10 -31.71
CA THR C 7 -32.15 25.13 -30.71
C THR C 7 -32.93 24.58 -29.52
N VAL C 8 -32.47 24.89 -28.31
CA VAL C 8 -33.13 24.36 -27.12
C VAL C 8 -33.36 25.40 -26.03
N ARG C 9 -34.55 25.32 -25.41
CA ARG C 9 -34.91 26.06 -24.21
C ARG C 9 -35.41 25.08 -23.12
N ASN C 10 -34.74 25.02 -21.98
CA ASN C 10 -35.25 24.33 -20.80
C ASN C 10 -35.48 22.82 -20.90
N PHE C 11 -34.56 22.12 -21.54
CA PHE C 11 -34.68 20.67 -21.65
C PHE C 11 -33.60 20.06 -20.79
N LEU C 12 -34.00 19.28 -19.79
CA LEU C 12 -33.04 18.68 -18.89
C LEU C 12 -32.22 19.79 -18.26
N GLY C 13 -30.90 19.66 -18.36
CA GLY C 13 -29.96 20.59 -17.79
C GLY C 13 -29.60 21.79 -18.68
N LEU C 14 -30.37 22.06 -19.71
CA LEU C 14 -30.07 23.16 -20.61
C LEU C 14 -30.93 24.39 -20.36
N LYS C 15 -30.34 25.58 -20.47
CA LYS C 15 -31.14 26.81 -20.41
C LYS C 15 -31.46 27.26 -21.83
N ASN C 16 -30.44 27.71 -22.54
CA ASN C 16 -30.54 28.12 -23.94
C ASN C 16 -29.35 27.57 -24.70
N VAL C 17 -29.58 27.16 -25.94
CA VAL C 17 -28.55 26.61 -26.79
C VAL C 17 -29.02 26.76 -28.22
N ASP C 18 -28.16 27.29 -29.08
CA ASP C 18 -28.42 27.40 -30.52
C ASP C 18 -27.17 26.93 -31.24
N ILE C 19 -27.29 25.83 -31.96
CA ILE C 19 -26.14 25.10 -32.49
C ILE C 19 -26.31 24.76 -33.97
N GLU C 20 -25.38 25.24 -34.79
CA GLU C 20 -25.33 24.81 -36.18
C GLU C 20 -24.26 23.74 -36.23
N PHE C 21 -24.61 22.57 -36.77
CA PHE C 21 -23.68 21.47 -36.89
C PHE C 21 -22.89 21.55 -38.19
N GLN C 22 -21.59 21.26 -38.10
CA GLN C 22 -20.71 21.21 -39.26
C GLN C 22 -20.22 19.80 -39.60
N SER C 23 -19.51 19.69 -40.72
CA SER C 23 -18.90 18.44 -41.20
C SER C 23 -17.64 18.10 -40.41
N GLY C 24 -17.22 16.83 -40.43
CA GLY C 24 -16.07 16.46 -39.63
C GLY C 24 -16.38 16.51 -38.13
N ILE C 25 -15.31 16.64 -37.33
CA ILE C 25 -15.39 16.41 -35.90
C ILE C 25 -15.49 17.66 -35.04
N THR C 26 -16.50 17.69 -34.19
CA THR C 26 -16.56 18.66 -33.10
C THR C 26 -16.46 17.87 -31.80
N VAL C 27 -15.84 18.46 -30.79
CA VAL C 27 -15.84 17.86 -29.47
C VAL C 27 -16.66 18.75 -28.54
N VAL C 28 -17.67 18.19 -27.90
CA VAL C 28 -18.38 18.91 -26.85
C VAL C 28 -17.68 18.62 -25.52
N GLU C 29 -17.18 19.40 -24.74
CA GLU C 29 -16.27 19.39 -23.59
C GLU C 29 -16.77 20.33 -22.49
N GLY C 30 -16.66 20.10 -21.24
CA GLY C 30 -17.34 20.70 -20.10
C GLY C 30 -17.53 19.74 -18.92
N PRO C 31 -17.62 20.32 -17.72
CA PRO C 31 -17.55 19.59 -16.43
C PRO C 31 -18.76 18.68 -16.13
N ASN C 32 -18.70 17.87 -15.07
CA ASN C 32 -19.86 17.09 -14.65
C ASN C 32 -21.09 17.96 -14.44
N GLY C 33 -22.17 17.69 -15.16
CA GLY C 33 -23.38 18.48 -15.04
C GLY C 33 -23.42 19.76 -15.86
N ALA C 34 -22.50 19.90 -16.82
CA ALA C 34 -22.53 21.05 -17.69
C ALA C 34 -23.81 21.12 -18.54
N GLY C 35 -24.24 19.96 -19.03
CA GLY C 35 -25.34 19.90 -19.96
C GLY C 35 -24.96 19.19 -21.24
N LYS C 36 -23.83 18.49 -21.22
CA LYS C 36 -23.34 17.83 -22.43
C LYS C 36 -24.28 16.75 -22.96
N SER C 37 -24.57 15.74 -22.14
CA SER C 37 -25.49 14.65 -22.52
C SER C 37 -26.90 15.15 -22.70
N SER C 38 -27.21 16.28 -22.05
CA SER C 38 -28.54 16.86 -22.13
C SER C 38 -28.84 17.26 -23.57
N LEU C 39 -27.85 17.82 -24.24
CA LEU C 39 -27.97 18.15 -25.66
C LEU C 39 -28.16 16.85 -26.43
N PHE C 40 -27.43 15.81 -26.02
CA PHE C 40 -27.47 14.52 -26.69
C PHE C 40 -28.86 13.89 -26.65
N GLU C 41 -29.55 13.99 -25.52
CA GLU C 41 -30.89 13.41 -25.41
C GLU C 41 -31.90 14.31 -26.07
N ALA C 42 -31.54 15.58 -26.23
CA ALA C 42 -32.36 16.55 -26.98
C ALA C 42 -32.53 16.16 -28.46
N ILE C 43 -31.45 15.77 -29.11
CA ILE C 43 -31.54 15.28 -30.49
C ILE C 43 -32.40 14.03 -30.57
N SER C 44 -32.09 13.03 -29.75
CA SER C 44 -32.87 11.82 -29.70
C SER C 44 -34.32 12.11 -29.39
N PHE C 45 -34.56 13.00 -28.42
CA PHE C 45 -35.95 13.37 -28.11
C PHE C 45 -36.67 14.06 -29.28
N ALA C 46 -36.06 15.08 -29.85
CA ALA C 46 -36.70 15.81 -30.95
C ALA C 46 -37.13 14.90 -32.10
N LEU C 47 -36.31 13.93 -32.45
CA LEU C 47 -36.68 12.96 -33.49
C LEU C 47 -37.67 11.87 -33.03
N PHE C 48 -37.39 11.18 -31.93
CA PHE C 48 -38.18 10.00 -31.61
C PHE C 48 -39.16 10.19 -30.45
N GLY C 49 -39.05 11.34 -29.79
CA GLY C 49 -39.89 11.67 -28.66
C GLY C 49 -39.44 11.06 -27.33
N ASN C 50 -38.31 10.37 -27.33
CA ASN C 50 -37.82 9.71 -26.12
C ASN C 50 -36.41 10.10 -25.67
N GLY C 51 -36.29 10.42 -24.38
CA GLY C 51 -35.00 10.59 -23.72
C GLY C 51 -34.12 9.35 -23.70
N ILE C 52 -33.29 9.21 -22.68
CA ILE C 52 -32.46 8.02 -22.55
C ILE C 52 -32.78 7.77 -21.09
N ARG C 53 -32.80 8.83 -20.28
CA ARG C 53 -32.79 8.65 -18.84
C ARG C 53 -34.13 8.60 -18.11
N TYR C 54 -35.21 9.00 -18.76
CA TYR C 54 -36.54 9.01 -18.15
C TYR C 54 -37.63 8.43 -19.04
N PRO C 55 -38.42 7.50 -18.49
CA PRO C 55 -39.55 6.88 -19.21
C PRO C 55 -40.69 7.86 -19.50
N ASN C 56 -40.70 8.99 -18.79
CA ASN C 56 -41.80 9.95 -18.85
C ASN C 56 -41.34 11.24 -19.47
N SER C 57 -42.07 11.70 -20.49
CA SER C 57 -41.72 12.94 -21.19
C SER C 57 -41.62 14.20 -20.33
N TYR C 58 -42.53 14.37 -19.36
CA TYR C 58 -42.54 15.65 -18.64
C TYR C 58 -41.33 15.84 -17.73
N ASP C 59 -40.52 14.80 -17.58
CA ASP C 59 -39.32 14.86 -16.73
C ASP C 59 -38.15 15.52 -17.45
N TYR C 60 -38.27 15.70 -18.75
CA TYR C 60 -37.20 16.33 -19.48
C TYR C 60 -37.28 17.84 -19.41
N VAL C 61 -38.40 18.36 -18.94
CA VAL C 61 -38.53 19.80 -18.75
C VAL C 61 -37.62 20.24 -17.60
N ASN C 62 -36.75 21.19 -17.89
CA ASN C 62 -35.93 21.84 -16.88
C ASN C 62 -36.79 22.42 -15.75
N ARG C 63 -36.58 21.91 -14.54
CA ARG C 63 -37.46 22.27 -13.43
C ARG C 63 -37.26 23.70 -12.92
N ASN C 64 -36.15 24.32 -13.33
CA ASN C 64 -35.84 25.70 -13.00
C ASN C 64 -36.61 26.69 -13.85
N ALA C 65 -37.03 26.26 -15.03
CA ALA C 65 -37.72 27.11 -15.98
C ALA C 65 -39.04 27.63 -15.40
N VAL C 66 -39.25 28.93 -15.56
CA VAL C 66 -40.36 29.65 -14.93
C VAL C 66 -41.72 29.41 -15.61
N ASP C 67 -41.69 29.05 -16.88
CA ASP C 67 -42.92 28.67 -17.58
C ASP C 67 -43.22 27.17 -17.51
N GLY C 68 -42.24 26.37 -17.08
CA GLY C 68 -42.41 24.94 -17.04
C GLY C 68 -42.56 24.33 -18.43
N THR C 69 -42.01 24.99 -19.44
CA THR C 69 -42.11 24.49 -20.81
C THR C 69 -40.74 24.36 -21.49
N ALA C 70 -40.46 23.16 -22.02
CA ALA C 70 -39.28 22.95 -22.85
C ALA C 70 -39.60 23.12 -24.34
N ARG C 71 -38.69 23.71 -25.10
CA ARG C 71 -38.92 23.90 -26.51
C ARG C 71 -37.74 23.33 -27.30
N LEU C 72 -38.02 22.63 -28.39
CA LEU C 72 -37.01 21.96 -29.21
C LEU C 72 -37.25 22.25 -30.69
N VAL C 73 -36.24 22.74 -31.39
CA VAL C 73 -36.34 22.85 -32.85
C VAL C 73 -35.16 22.11 -33.45
N PHE C 74 -35.45 21.05 -34.19
CA PHE C 74 -34.42 20.29 -34.88
C PHE C 74 -34.68 20.30 -36.36
N GLN C 75 -33.62 20.50 -37.11
CA GLN C 75 -33.67 20.67 -38.54
C GLN C 75 -32.62 19.71 -39.06
N PHE C 76 -32.96 18.93 -40.08
CA PHE C 76 -32.01 17.95 -40.57
C PHE C 76 -32.27 17.58 -42.00
N GLU C 77 -31.25 17.10 -42.66
CA GLU C 77 -31.35 16.68 -44.03
C GLU C 77 -31.31 15.17 -44.17
N ARG C 78 -32.24 14.58 -44.90
CA ARG C 78 -32.12 13.19 -45.31
C ARG C 78 -32.47 12.89 -46.78
N GLY C 79 -31.53 12.38 -47.58
CA GLY C 79 -31.80 12.05 -48.98
C GLY C 79 -32.13 13.24 -49.85
N GLY C 80 -31.43 14.35 -49.65
CA GLY C 80 -31.66 15.55 -50.43
C GLY C 80 -32.65 16.47 -49.77
N LYS C 81 -33.73 15.87 -49.23
CA LYS C 81 -34.82 16.63 -48.57
C LYS C 81 -34.41 17.24 -47.21
N ARG C 82 -35.14 18.28 -46.78
CA ARG C 82 -34.87 19.00 -45.53
C ARG C 82 -36.11 19.01 -44.65
N TYR C 83 -35.95 18.81 -43.35
CA TYR C 83 -37.11 18.80 -42.49
C TYR C 83 -36.86 19.63 -41.26
N GLU C 84 -37.93 19.99 -40.58
CA GLU C 84 -37.78 20.68 -39.31
C GLU C 84 -38.78 20.10 -38.34
N ILE C 85 -38.34 19.88 -37.10
CA ILE C 85 -39.21 19.36 -36.06
C ILE C 85 -39.25 20.36 -34.94
N ILE C 86 -40.44 20.77 -34.52
CA ILE C 86 -40.63 21.67 -33.37
C ILE C 86 -41.41 20.94 -32.27
N ARG C 87 -40.87 20.85 -31.06
CA ARG C 87 -41.60 20.17 -29.97
C ARG C 87 -41.68 21.06 -28.72
N GLU C 88 -42.88 21.18 -28.15
CA GLU C 88 -43.03 21.88 -26.88
C GLU C 88 -43.58 20.98 -25.80
N ILE C 89 -42.74 20.61 -24.83
CA ILE C 89 -43.18 19.88 -23.64
C ILE C 89 -43.44 20.82 -22.47
N ASN C 90 -44.70 20.93 -22.07
CA ASN C 90 -45.11 21.75 -20.94
C ASN C 90 -45.39 20.81 -19.78
N ALA C 91 -44.46 20.75 -18.82
CA ALA C 91 -44.58 19.91 -17.63
C ALA C 91 -45.73 20.32 -16.69
N LEU C 92 -46.05 21.60 -16.70
CA LEU C 92 -47.13 22.14 -15.88
C LEU C 92 -48.53 21.71 -16.32
N GLN C 93 -48.78 21.81 -17.61
CA GLN C 93 -50.08 21.43 -18.20
C GLN C 93 -50.15 19.99 -18.71
N ARG C 94 -49.06 19.24 -18.59
CA ARG C 94 -49.03 17.86 -19.09
C ARG C 94 -49.33 17.79 -20.59
N LYS C 95 -48.77 18.74 -21.33
CA LYS C 95 -49.00 18.91 -22.75
C LYS C 95 -47.70 18.62 -23.53
N HIS C 96 -47.79 17.81 -24.59
CA HIS C 96 -46.66 17.57 -25.50
C HIS C 96 -47.12 17.80 -26.95
N ASN C 97 -46.64 18.91 -27.50
CA ASN C 97 -46.95 19.34 -28.87
C ASN C 97 -45.75 19.06 -29.77
N ALA C 98 -45.98 18.36 -30.88
CA ALA C 98 -44.91 18.01 -31.82
C ALA C 98 -45.42 18.21 -33.24
N LYS C 99 -44.52 18.49 -34.17
CA LYS C 99 -44.93 18.68 -35.54
C LYS C 99 -43.74 18.57 -36.46
N LEU C 100 -43.98 17.99 -37.64
CA LEU C 100 -42.93 17.77 -38.62
C LEU C 100 -43.29 18.42 -39.96
N SER C 101 -42.32 19.07 -40.57
CA SER C 101 -42.54 19.85 -41.76
C SER C 101 -41.38 19.67 -42.72
N GLU C 102 -41.70 19.48 -44.00
CA GLU C 102 -40.65 19.51 -45.01
C GLU C 102 -40.38 20.96 -45.33
N ILE C 103 -39.12 21.34 -45.39
CA ILE C 103 -38.71 22.69 -45.78
C ILE C 103 -38.35 22.64 -47.25
N LEU C 104 -39.30 23.02 -48.10
CA LEU C 104 -39.12 22.92 -49.56
C LEU C 104 -38.05 23.88 -50.06
N GLU C 105 -37.52 23.66 -51.25
CA GLU C 105 -36.33 24.43 -51.69
C GLU C 105 -36.65 25.90 -51.66
N ASN C 106 -37.86 26.26 -51.99
CA ASN C 106 -38.23 27.63 -51.94
C ASN C 106 -38.15 28.21 -50.53
N GLY C 107 -38.62 27.43 -49.57
CA GLY C 107 -38.44 27.68 -48.15
C GLY C 107 -39.72 27.66 -47.35
N LYS C 108 -40.86 27.50 -48.02
CA LYS C 108 -42.11 27.30 -47.31
C LYS C 108 -42.09 25.96 -46.55
N LYS C 109 -42.73 25.94 -45.38
CA LYS C 109 -42.79 24.73 -44.58
C LYS C 109 -44.09 23.98 -44.90
N ALA C 110 -43.98 22.83 -45.54
CA ALA C 110 -45.15 21.99 -45.78
C ALA C 110 -45.33 20.98 -44.64
N ALA C 111 -46.47 21.04 -43.95
CA ALA C 111 -46.71 20.14 -42.83
C ALA C 111 -46.78 18.69 -43.25
N ILE C 112 -46.27 17.81 -42.40
CA ILE C 112 -46.34 16.37 -42.63
C ILE C 112 -47.02 15.66 -41.47
N ALA C 113 -46.65 16.01 -40.25
CA ALA C 113 -47.21 15.38 -39.06
C ALA C 113 -47.38 16.42 -37.97
N ALA C 114 -48.44 16.30 -37.17
CA ALA C 114 -48.71 17.31 -36.16
C ALA C 114 -49.08 16.77 -34.79
N LYS C 115 -48.65 15.55 -34.50
CA LYS C 115 -48.79 14.94 -33.16
C LYS C 115 -47.55 14.11 -32.83
N PRO C 116 -47.23 13.99 -31.53
CA PRO C 116 -46.10 13.19 -31.05
C PRO C 116 -45.99 11.82 -31.70
N THR C 117 -47.14 11.15 -31.89
CA THR C 117 -47.16 9.83 -32.54
C THR C 117 -47.12 9.89 -34.07
N SER C 118 -47.85 10.79 -34.69
CA SER C 118 -47.74 10.94 -36.14
C SER C 118 -46.36 11.43 -36.56
N VAL C 119 -45.70 12.19 -35.69
CA VAL C 119 -44.35 12.64 -35.98
C VAL C 119 -43.37 11.49 -35.85
N LYS C 120 -43.56 10.64 -34.85
CA LYS C 120 -42.62 9.54 -34.61
C LYS C 120 -42.73 8.52 -35.73
N GLN C 121 -43.94 8.37 -36.23
CA GLN C 121 -44.23 7.43 -37.32
C GLN C 121 -43.63 7.91 -38.63
N GLU C 122 -43.77 9.20 -38.92
CA GLU C 122 -43.22 9.77 -40.16
C GLU C 122 -41.70 9.80 -40.10
N VAL C 123 -41.15 10.06 -38.92
CA VAL C 123 -39.72 10.09 -38.75
C VAL C 123 -39.08 8.74 -39.00
N GLU C 124 -39.72 7.68 -38.54
CA GLU C 124 -39.17 6.37 -38.78
C GLU C 124 -39.21 6.02 -40.26
N LYS C 125 -40.29 6.40 -40.95
CA LYS C 125 -40.39 6.22 -42.39
C LYS C 125 -39.25 6.96 -43.13
N ILE C 126 -38.96 8.19 -42.70
CA ILE C 126 -37.92 8.99 -43.35
C ILE C 126 -36.54 8.44 -43.07
N LEU C 127 -36.21 8.34 -41.79
CA LEU C 127 -34.85 8.01 -41.37
C LEU C 127 -34.50 6.57 -41.69
N GLY C 128 -35.51 5.73 -41.81
CA GLY C 128 -35.30 4.33 -42.11
C GLY C 128 -35.12 3.42 -40.91
N ILE C 129 -34.99 3.99 -39.70
CA ILE C 129 -34.72 3.17 -38.53
C ILE C 129 -35.57 3.52 -37.32
N GLU C 130 -35.85 2.51 -36.49
CA GLU C 130 -36.52 2.66 -35.20
C GLU C 130 -35.57 3.17 -34.12
N HIS C 131 -36.11 3.64 -33.00
CA HIS C 131 -35.27 4.35 -32.02
C HIS C 131 -34.13 3.51 -31.42
N ARG C 132 -34.43 2.24 -31.08
CA ARG C 132 -33.39 1.32 -30.63
C ARG C 132 -32.20 1.18 -31.58
N THR C 133 -32.45 1.09 -32.88
CA THR C 133 -31.36 0.96 -33.85
C THR C 133 -30.49 2.20 -33.83
N PHE C 134 -31.14 3.34 -33.63
CA PHE C 134 -30.44 4.61 -33.61
C PHE C 134 -29.48 4.65 -32.43
N ILE C 135 -29.92 4.25 -31.25
CA ILE C 135 -29.03 4.39 -30.08
C ILE C 135 -28.02 3.26 -29.90
N ARG C 136 -28.08 2.22 -30.73
CA ARG C 136 -27.10 1.15 -30.66
C ARG C 136 -26.02 1.24 -31.72
N THR C 137 -26.26 1.99 -32.78
CA THR C 137 -25.30 2.00 -33.87
C THR C 137 -24.40 3.23 -33.90
N VAL C 138 -24.99 4.38 -34.16
CA VAL C 138 -24.22 5.58 -34.48
C VAL C 138 -24.45 6.75 -33.52
N PHE C 139 -25.51 6.63 -32.71
CA PHE C 139 -25.80 7.59 -31.66
C PHE C 139 -25.66 6.90 -30.27
N LEU C 140 -24.43 6.76 -29.77
CA LEU C 140 -24.13 5.98 -28.57
C LEU C 140 -24.10 6.77 -27.25
N PRO C 141 -25.05 6.48 -26.34
CA PRO C 141 -25.22 7.21 -25.07
C PRO C 141 -24.18 6.89 -23.99
N GLN C 142 -24.02 7.85 -23.09
CA GLN C 142 -23.11 7.70 -21.96
C GLN C 142 -23.41 6.41 -21.15
N GLY C 143 -22.40 5.56 -21.02
CA GLY C 143 -22.55 4.31 -20.30
C GLY C 143 -23.15 3.19 -21.13
N GLU C 144 -23.49 3.48 -22.38
CA GLU C 144 -24.08 2.42 -23.20
C GLU C 144 -23.21 2.07 -24.42
N ILE C 145 -21.91 2.33 -24.34
CA ILE C 145 -21.05 2.21 -25.50
C ILE C 145 -20.95 0.79 -26.03
N ASP C 146 -21.07 -0.18 -25.14
CA ASP C 146 -20.80 -1.56 -25.49
C ASP C 146 -22.06 -2.41 -25.60
N LYS C 147 -23.21 -1.76 -25.69
CA LYS C 147 -24.48 -2.48 -25.72
C LYS C 147 -24.76 -3.33 -26.97
N LEU C 148 -24.17 -2.98 -28.11
CA LEU C 148 -24.37 -3.75 -29.31
C LEU C 148 -23.48 -4.99 -29.26
N LEU C 149 -22.28 -4.82 -28.76
CA LEU C 149 -21.25 -5.85 -28.77
C LEU C 149 -21.56 -7.05 -27.85
N ILE C 150 -22.05 -6.79 -26.64
CA ILE C 150 -22.42 -7.86 -25.72
C ILE C 150 -23.87 -8.27 -25.89
N SER C 151 -24.55 -7.72 -26.90
CA SER C 151 -25.96 -8.00 -27.15
C SER C 151 -26.21 -9.43 -27.65
N PRO C 152 -27.38 -9.98 -27.36
CA PRO C 152 -27.65 -11.37 -27.75
C PRO C 152 -27.88 -11.39 -29.26
N PRO C 153 -27.78 -12.56 -29.92
CA PRO C 153 -27.72 -12.70 -31.37
C PRO C 153 -28.92 -12.14 -32.11
N SER C 154 -30.11 -12.45 -31.62
CA SER C 154 -31.30 -12.04 -32.34
C SER C 154 -31.44 -10.50 -32.40
N GLU C 155 -31.02 -9.80 -31.36
CA GLU C 155 -31.03 -8.34 -31.39
C GLU C 155 -30.00 -7.73 -32.35
N ILE C 156 -28.77 -8.19 -32.25
CA ILE C 156 -27.68 -7.76 -33.13
C ILE C 156 -28.09 -7.80 -34.60
N THR C 157 -28.88 -8.79 -35.00
CA THR C 157 -29.23 -8.87 -36.41
C THR C 157 -30.46 -8.00 -36.74
N GLU C 158 -31.40 -7.90 -35.81
CA GLU C 158 -32.55 -7.01 -35.99
C GLU C 158 -32.08 -5.58 -36.18
N ILE C 159 -31.01 -5.22 -35.46
CA ILE C 159 -30.48 -3.85 -35.40
C ILE C 159 -29.67 -3.46 -36.64
N ILE C 160 -28.57 -4.17 -36.91
CA ILE C 160 -27.75 -3.90 -38.09
C ILE C 160 -28.51 -4.05 -39.42
N SER C 161 -29.51 -4.92 -39.46
CA SER C 161 -30.25 -5.08 -40.70
C SER C 161 -31.29 -4.00 -40.93
N ASP C 162 -31.91 -3.55 -39.83
CA ASP C 162 -32.84 -2.44 -39.84
C ASP C 162 -32.25 -1.19 -40.51
N VAL C 163 -30.93 -1.05 -40.42
CA VAL C 163 -30.27 0.09 -41.02
C VAL C 163 -30.48 0.09 -42.53
N PHE C 164 -30.40 -1.11 -43.11
CA PHE C 164 -30.22 -1.27 -44.55
C PHE C 164 -31.47 -1.73 -45.28
N GLN C 165 -32.58 -1.84 -44.58
CA GLN C 165 -33.81 -2.20 -45.25
C GLN C 165 -34.94 -1.34 -44.76
N SER C 166 -36.07 -1.39 -45.46
CA SER C 166 -37.20 -0.55 -45.11
C SER C 166 -38.43 -1.33 -44.67
N LYS C 167 -38.79 -1.15 -43.41
CA LYS C 167 -39.99 -1.79 -42.87
C LYS C 167 -41.21 -1.24 -43.61
N GLU C 168 -41.13 0.01 -44.02
CA GLU C 168 -42.27 0.68 -44.64
C GLU C 168 -42.49 0.07 -46.01
N THR C 169 -41.43 0.07 -46.82
CA THR C 169 -41.47 -0.47 -48.17
C THR C 169 -41.93 -1.92 -48.18
N LEU C 170 -41.23 -2.76 -47.43
CA LEU C 170 -41.55 -4.18 -47.41
C LEU C 170 -42.98 -4.46 -46.97
N GLU C 171 -43.51 -3.68 -46.05
CA GLU C 171 -44.86 -3.95 -45.53
C GLU C 171 -45.93 -3.73 -46.59
N LYS C 172 -45.90 -2.56 -47.21
CA LYS C 172 -46.72 -2.27 -48.38
C LYS C 172 -46.52 -3.35 -49.46
N LEU C 173 -45.29 -3.51 -49.95
CA LEU C 173 -44.93 -4.52 -50.96
C LEU C 173 -45.52 -5.90 -50.73
N GLU C 174 -45.43 -6.40 -49.50
CA GLU C 174 -45.99 -7.70 -49.19
C GLU C 174 -47.52 -7.73 -49.31
N LYS C 175 -48.18 -6.66 -48.86
CA LYS C 175 -49.65 -6.58 -48.90
C LYS C 175 -50.16 -6.54 -50.34
N LEU C 176 -49.55 -5.71 -51.17
CA LEU C 176 -49.99 -5.56 -52.55
C LEU C 176 -49.87 -6.90 -53.26
N LEU C 177 -48.80 -7.63 -52.97
CA LEU C 177 -48.61 -8.96 -53.50
C LEU C 177 -49.73 -9.88 -52.99
N LYS C 178 -50.10 -9.70 -51.73
CA LYS C 178 -51.16 -10.51 -51.12
C LYS C 178 -52.49 -10.30 -51.82
N GLU C 179 -52.80 -9.05 -52.16
CA GLU C 179 -54.01 -8.74 -52.93
C GLU C 179 -53.97 -9.26 -54.38
N LYS C 180 -52.87 -9.03 -55.08
CA LYS C 180 -52.81 -9.47 -56.47
C LYS C 180 -52.98 -10.99 -56.54
N MET C 181 -52.39 -11.70 -55.59
CA MET C 181 -52.55 -13.16 -55.51
C MET C 181 -54.00 -13.57 -55.24
N LYS C 182 -54.67 -12.84 -54.35
CA LYS C 182 -56.04 -13.13 -53.96
C LYS C 182 -56.98 -12.92 -55.15
N LYS C 183 -56.75 -11.84 -55.89
CA LYS C 183 -57.56 -11.50 -57.05
C LYS C 183 -57.44 -12.55 -58.16
N LEU C 184 -56.22 -13.02 -58.39
CA LEU C 184 -55.97 -14.01 -59.43
C LEU C 184 -56.71 -15.32 -59.13
N GLU C 185 -56.70 -15.70 -57.85
CA GLU C 185 -57.36 -16.93 -57.42
C GLU C 185 -58.87 -16.74 -57.36
N ASN C 186 -59.28 -15.49 -57.12
CA ASN C 186 -60.66 -15.04 -57.25
C ASN C 186 -61.11 -15.13 -58.70
N GLU C 187 -60.21 -14.78 -59.61
CA GLU C 187 -60.52 -14.80 -61.04
C GLU C 187 -60.40 -16.23 -61.59
N ILE C 188 -60.91 -17.19 -60.84
CA ILE C 188 -60.86 -18.59 -61.25
C ILE C 188 -62.21 -19.26 -61.07
N GLU C 201 -58.41 -21.02 -72.22
CA GLU C 201 -57.31 -21.94 -72.51
C GLU C 201 -55.97 -21.31 -72.17
N LYS C 202 -55.39 -20.59 -73.13
CA LYS C 202 -54.10 -19.95 -72.93
C LYS C 202 -54.18 -18.89 -71.83
N LYS C 203 -55.30 -18.20 -71.75
CA LYS C 203 -55.49 -17.13 -70.78
C LYS C 203 -55.36 -17.66 -69.36
N LEU C 204 -55.91 -18.85 -69.13
CA LEU C 204 -55.83 -19.47 -67.81
C LEU C 204 -54.38 -19.73 -67.42
N LYS C 205 -53.57 -20.19 -68.38
CA LYS C 205 -52.15 -20.41 -68.14
C LYS C 205 -51.47 -19.10 -67.81
N GLU C 206 -51.84 -18.05 -68.54
CA GLU C 206 -51.37 -16.69 -68.27
C GLU C 206 -51.82 -16.15 -66.91
N MET C 207 -53.12 -16.28 -66.63
CA MET C 207 -53.67 -15.89 -65.33
C MET C 207 -53.13 -16.78 -64.20
N SER C 208 -52.92 -18.07 -64.49
CA SER C 208 -52.48 -18.98 -63.46
C SER C 208 -50.96 -19.06 -63.40
N ASP C 209 -50.31 -18.73 -64.51
CA ASP C 209 -48.84 -18.72 -64.54
C ASP C 209 -48.29 -17.50 -63.79
N GLU C 210 -48.90 -16.33 -63.98
CA GLU C 210 -48.45 -15.17 -63.24
C GLU C 210 -48.82 -15.34 -61.76
N TYR C 211 -49.80 -16.19 -61.47
CA TYR C 211 -50.14 -16.46 -60.07
C TYR C 211 -48.96 -17.12 -59.37
N ASN C 212 -48.29 -18.01 -60.10
CA ASN C 212 -47.19 -18.79 -59.55
C ASN C 212 -45.89 -18.01 -59.46
N ASN C 213 -45.57 -17.29 -60.52
CA ASN C 213 -44.44 -16.37 -60.52
C ASN C 213 -44.50 -15.45 -59.31
N LEU C 214 -45.68 -14.86 -59.08
CA LEU C 214 -45.91 -14.07 -57.87
C LEU C 214 -45.57 -14.89 -56.63
N ASP C 215 -46.07 -16.12 -56.56
CA ASP C 215 -45.88 -16.95 -55.38
C ASP C 215 -44.43 -17.41 -55.22
N LEU C 216 -43.73 -17.65 -56.32
CA LEU C 216 -42.32 -18.02 -56.26
C LEU C 216 -41.47 -16.83 -55.81
N LEU C 217 -41.91 -15.64 -56.18
CA LEU C 217 -41.27 -14.40 -55.75
C LEU C 217 -41.61 -14.09 -54.28
N ARG C 218 -42.83 -14.43 -53.87
CA ARG C 218 -43.26 -14.27 -52.50
C ARG C 218 -42.41 -15.11 -51.57
N LYS C 219 -42.10 -16.33 -52.03
CA LYS C 219 -41.33 -17.28 -51.22
C LYS C 219 -39.93 -16.77 -50.98
N TYR C 220 -39.33 -16.17 -52.01
CA TYR C 220 -37.95 -15.72 -51.94
C TYR C 220 -37.74 -14.47 -51.08
N LEU C 221 -38.71 -13.56 -51.06
CA LEU C 221 -38.54 -12.32 -50.29
C LEU C 221 -38.95 -12.46 -48.82
N PHE C 222 -40.02 -13.21 -48.56
CA PHE C 222 -40.67 -13.14 -47.25
C PHE C 222 -40.56 -14.38 -46.33
N ASP C 223 -40.21 -15.53 -46.87
CA ASP C 223 -39.80 -16.64 -46.02
C ASP C 223 -38.50 -16.21 -45.35
N LYS C 224 -38.56 -15.88 -44.06
CA LYS C 224 -37.41 -15.34 -43.32
C LYS C 224 -36.16 -16.15 -43.64
N SER C 225 -36.36 -17.45 -43.79
CA SER C 225 -35.30 -18.39 -44.14
C SER C 225 -34.51 -17.96 -45.37
N ASN C 226 -35.20 -17.33 -46.32
CA ASN C 226 -34.62 -17.04 -47.63
C ASN C 226 -33.71 -15.82 -47.66
N PHE C 227 -34.08 -14.84 -48.48
CA PHE C 227 -33.25 -13.67 -48.69
C PHE C 227 -32.97 -12.88 -47.42
N SER C 228 -33.97 -12.79 -46.54
CA SER C 228 -33.80 -12.03 -45.30
C SER C 228 -32.54 -12.47 -44.57
N ARG C 229 -32.42 -13.77 -44.36
CA ARG C 229 -31.21 -14.35 -43.76
C ARG C 229 -29.95 -13.96 -44.55
N TYR C 230 -29.95 -14.32 -45.82
CA TYR C 230 -28.84 -14.03 -46.69
C TYR C 230 -28.43 -12.56 -46.61
N PHE C 231 -29.42 -11.67 -46.60
CA PHE C 231 -29.11 -10.24 -46.56
C PHE C 231 -28.32 -9.86 -45.34
N THR C 232 -28.86 -10.18 -44.18
CA THR C 232 -28.17 -9.99 -42.90
C THR C 232 -26.72 -10.48 -42.88
N GLY C 233 -26.45 -11.58 -43.59
CA GLY C 233 -25.13 -12.17 -43.65
C GLY C 233 -24.18 -11.35 -44.52
N ARG C 234 -24.66 -10.94 -45.68
CA ARG C 234 -23.91 -10.02 -46.53
C ARG C 234 -23.58 -8.69 -45.82
N VAL C 235 -24.58 -8.15 -45.13
CA VAL C 235 -24.40 -6.95 -44.31
C VAL C 235 -23.33 -7.13 -43.26
N LEU C 236 -23.39 -8.24 -42.55
CA LEU C 236 -22.45 -8.49 -41.46
C LEU C 236 -21.03 -8.57 -41.93
N GLU C 237 -20.79 -9.36 -42.97
CA GLU C 237 -19.48 -9.49 -43.59
C GLU C 237 -18.94 -8.10 -43.86
N ALA C 238 -19.75 -7.25 -44.48
CA ALA C 238 -19.30 -5.91 -44.78
C ALA C 238 -18.82 -5.15 -43.52
N VAL C 239 -19.58 -5.26 -42.44
CA VAL C 239 -19.29 -4.52 -41.23
C VAL C 239 -18.09 -5.11 -40.52
N LEU C 240 -18.07 -6.44 -40.39
CA LEU C 240 -16.95 -7.11 -39.74
C LEU C 240 -15.66 -6.99 -40.55
N LYS C 241 -15.76 -6.84 -41.83
CA LYS C 241 -14.58 -6.71 -42.61
C LYS C 241 -13.86 -5.51 -42.15
N ARG C 242 -14.60 -4.42 -42.03
CA ARG C 242 -14.07 -3.14 -41.57
C ARG C 242 -13.59 -3.19 -40.12
N THR C 243 -14.38 -3.85 -39.27
CA THR C 243 -14.07 -3.93 -37.85
C THR C 243 -12.75 -4.64 -37.64
N LYS C 244 -12.54 -5.69 -38.41
CA LYS C 244 -11.29 -6.46 -38.33
C LYS C 244 -10.15 -5.57 -38.75
N ALA C 245 -10.32 -4.86 -39.86
CA ALA C 245 -9.31 -3.88 -40.26
C ALA C 245 -8.91 -2.95 -39.09
N TYR C 246 -9.86 -2.18 -38.53
CA TYR C 246 -9.57 -1.28 -37.40
C TYR C 246 -8.83 -1.94 -36.24
N LEU C 247 -9.25 -3.16 -35.90
CA LEU C 247 -8.63 -3.91 -34.80
C LEU C 247 -7.17 -4.26 -35.04
N ASP C 248 -6.81 -4.45 -36.30
CA ASP C 248 -5.42 -4.78 -36.65
C ASP C 248 -4.56 -3.56 -36.38
N ILE C 249 -5.05 -2.40 -36.81
CA ILE C 249 -4.37 -1.13 -36.58
C ILE C 249 -4.24 -0.79 -35.08
N LEU C 250 -5.28 -1.07 -34.31
CA LEU C 250 -5.32 -0.64 -32.91
C LEU C 250 -4.64 -1.59 -31.93
N THR C 251 -4.55 -2.88 -32.25
CA THR C 251 -4.05 -3.86 -31.28
C THR C 251 -2.98 -4.79 -31.83
N ASN C 252 -2.23 -4.32 -32.81
CA ASN C 252 -1.12 -5.08 -33.37
C ASN C 252 -1.43 -6.53 -33.68
N GLY C 253 -2.54 -6.76 -34.38
CA GLY C 253 -2.95 -8.10 -34.74
C GLY C 253 -3.34 -9.05 -33.61
N ARG C 254 -3.55 -8.51 -32.42
CA ARG C 254 -3.85 -9.35 -31.25
C ARG C 254 -5.31 -9.81 -31.22
N PHE C 255 -6.21 -8.88 -31.52
CA PHE C 255 -7.66 -9.10 -31.40
C PHE C 255 -8.37 -9.14 -32.73
N ASP C 256 -9.01 -10.27 -32.98
CA ASP C 256 -9.86 -10.41 -34.13
C ASP C 256 -11.32 -10.37 -33.66
N ILE C 257 -12.28 -10.26 -34.58
CA ILE C 257 -13.70 -10.33 -34.23
C ILE C 257 -14.52 -11.09 -35.28
N ASP C 258 -15.58 -11.79 -34.85
CA ASP C 258 -16.46 -12.55 -35.74
C ASP C 258 -17.85 -12.65 -35.15
N PHE C 259 -18.80 -13.18 -35.91
CA PHE C 259 -20.17 -13.35 -35.42
C PHE C 259 -20.65 -14.80 -35.54
N ASP C 260 -21.06 -15.38 -34.43
CA ASP C 260 -21.68 -16.69 -34.43
C ASP C 260 -22.90 -16.65 -33.52
N ASP C 261 -24.08 -16.94 -34.06
CA ASP C 261 -25.28 -16.88 -33.23
C ASP C 261 -25.54 -18.16 -32.44
N GLU C 262 -24.76 -19.21 -32.67
CA GLU C 262 -24.85 -20.38 -31.78
C GLU C 262 -23.81 -20.26 -30.68
N LYS C 263 -22.98 -19.24 -30.74
CA LYS C 263 -21.97 -18.99 -29.71
C LYS C 263 -22.30 -17.83 -28.81
N GLY C 264 -23.52 -17.34 -28.96
CA GLY C 264 -24.10 -16.36 -28.06
C GLY C 264 -23.87 -14.92 -28.47
N GLY C 265 -23.20 -14.72 -29.59
CA GLY C 265 -23.02 -13.38 -30.13
C GLY C 265 -21.60 -13.11 -30.55
N PHE C 266 -21.32 -11.82 -30.76
CA PHE C 266 -19.99 -11.37 -31.12
C PHE C 266 -18.93 -12.09 -30.32
N ILE C 267 -17.93 -12.60 -31.03
CA ILE C 267 -16.86 -13.39 -30.44
C ILE C 267 -15.52 -12.84 -30.87
N ILE C 268 -14.65 -12.62 -29.89
CA ILE C 268 -13.34 -12.01 -30.07
C ILE C 268 -12.28 -13.09 -30.04
N LYS C 269 -11.20 -12.90 -30.78
CA LYS C 269 -10.10 -13.83 -30.68
C LYS C 269 -8.91 -13.10 -30.10
N ASP C 270 -8.22 -13.75 -29.16
CA ASP C 270 -7.06 -13.15 -28.54
C ASP C 270 -5.86 -14.00 -28.89
N TRP C 271 -5.01 -13.51 -29.80
CA TRP C 271 -3.98 -14.32 -30.42
C TRP C 271 -4.54 -15.69 -30.77
N GLY C 272 -5.72 -15.72 -31.40
CA GLY C 272 -6.31 -16.98 -31.80
C GLY C 272 -7.22 -17.66 -30.79
N ILE C 273 -7.23 -17.17 -29.55
CA ILE C 273 -8.04 -17.80 -28.50
C ILE C 273 -9.44 -17.20 -28.40
N GLU C 274 -10.47 -18.00 -28.66
CA GLU C 274 -11.85 -17.51 -28.64
C GLU C 274 -12.29 -16.97 -27.27
N ARG C 275 -13.16 -15.98 -27.30
CA ARG C 275 -13.58 -15.28 -26.10
C ARG C 275 -14.79 -14.41 -26.42
N PRO C 276 -15.90 -14.64 -25.71
CA PRO C 276 -17.13 -13.87 -25.94
C PRO C 276 -16.93 -12.42 -25.48
N ALA C 277 -17.56 -11.47 -26.16
CA ALA C 277 -17.35 -10.02 -25.89
C ALA C 277 -17.39 -9.67 -24.41
N ARG C 278 -18.35 -10.25 -23.71
CA ARG C 278 -18.59 -9.96 -22.30
C ARG C 278 -17.44 -10.35 -21.38
N GLY C 279 -16.53 -11.16 -21.89
CA GLY C 279 -15.37 -11.56 -21.13
C GLY C 279 -14.20 -10.61 -21.17
N LEU C 280 -14.16 -9.69 -22.14
CA LEU C 280 -13.10 -8.67 -22.24
C LEU C 280 -13.10 -7.67 -21.09
N SER C 281 -11.95 -7.02 -20.86
CA SER C 281 -11.86 -5.93 -19.88
C SER C 281 -12.68 -4.72 -20.28
N GLY C 282 -12.95 -3.85 -19.30
CA GLY C 282 -13.55 -2.54 -19.53
C GLY C 282 -12.88 -1.71 -20.61
N GLY C 283 -11.55 -1.74 -20.67
CA GLY C 283 -10.85 -1.00 -21.70
C GLY C 283 -10.98 -1.66 -23.06
N GLU C 284 -10.81 -2.98 -23.08
CA GLU C 284 -10.81 -3.75 -24.32
C GLU C 284 -12.19 -3.76 -24.97
N ARG C 285 -13.23 -3.64 -24.15
CA ARG C 285 -14.58 -3.66 -24.66
C ARG C 285 -14.90 -2.32 -25.28
N ALA C 286 -14.39 -1.24 -24.69
CA ALA C 286 -14.66 0.09 -25.23
C ALA C 286 -13.85 0.32 -26.51
N LEU C 287 -12.64 -0.20 -26.53
CA LEU C 287 -11.81 -0.05 -27.71
C LEU C 287 -12.39 -0.83 -28.92
N ILE C 288 -13.00 -1.99 -28.67
CA ILE C 288 -13.54 -2.84 -29.73
C ILE C 288 -14.93 -2.39 -30.15
N SER C 289 -15.69 -1.88 -29.18
CA SER C 289 -17.02 -1.30 -29.40
C SER C 289 -16.96 -0.14 -30.36
N ILE C 290 -16.04 0.78 -30.08
CA ILE C 290 -15.82 1.96 -30.92
C ILE C 290 -15.44 1.55 -32.34
N SER C 291 -14.56 0.56 -32.46
CA SER C 291 -14.19 0.03 -33.76
C SER C 291 -15.40 -0.40 -34.56
N LEU C 292 -16.23 -1.22 -33.93
CA LEU C 292 -17.51 -1.65 -34.49
C LEU C 292 -18.40 -0.47 -34.87
N ALA C 293 -18.47 0.55 -34.00
CA ALA C 293 -19.26 1.72 -34.28
C ALA C 293 -18.76 2.49 -35.51
N MET C 294 -17.47 2.79 -35.55
CA MET C 294 -16.85 3.48 -36.68
C MET C 294 -17.14 2.75 -37.97
N SER C 295 -17.11 1.43 -37.89
CA SER C 295 -17.33 0.59 -39.05
C SER C 295 -18.75 0.76 -39.55
N LEU C 296 -19.73 0.63 -38.65
CA LEU C 296 -21.13 0.81 -39.04
C LEU C 296 -21.36 2.21 -39.59
N ALA C 297 -20.64 3.18 -39.03
CA ALA C 297 -20.76 4.57 -39.45
C ALA C 297 -20.32 4.72 -40.90
N GLU C 298 -19.21 4.07 -41.25
CA GLU C 298 -18.71 4.10 -42.61
C GLU C 298 -19.67 3.38 -43.56
N VAL C 299 -20.15 2.21 -43.15
CA VAL C 299 -20.95 1.36 -44.02
C VAL C 299 -22.40 1.89 -44.24
N ALA C 300 -22.84 2.81 -43.40
CA ALA C 300 -24.16 3.37 -43.60
C ALA C 300 -24.14 4.88 -43.92
N SER C 301 -23.13 5.31 -44.67
CA SER C 301 -23.06 6.73 -45.06
C SER C 301 -24.13 6.97 -46.11
N GLY C 302 -24.75 8.14 -46.07
CA GLY C 302 -25.86 8.42 -46.95
C GLY C 302 -27.20 8.04 -46.32
N ARG C 303 -27.17 7.06 -45.44
CA ARG C 303 -28.36 6.67 -44.71
C ARG C 303 -28.37 7.28 -43.30
N LEU C 304 -27.19 7.30 -42.69
CA LEU C 304 -27.01 7.97 -41.40
C LEU C 304 -25.75 8.79 -41.54
N ASP C 305 -25.89 10.11 -41.51
CA ASP C 305 -24.74 10.96 -41.79
C ASP C 305 -24.36 11.77 -40.59
N ALA C 306 -24.51 11.15 -39.42
CA ALA C 306 -24.07 11.71 -38.17
C ALA C 306 -23.41 10.60 -37.38
N PHE C 307 -22.53 10.97 -36.46
CA PHE C 307 -21.89 9.96 -35.64
C PHE C 307 -21.52 10.56 -34.28
N PHE C 308 -22.32 10.25 -33.26
CA PHE C 308 -22.19 10.83 -31.92
C PHE C 308 -21.77 9.78 -30.90
N ILE C 309 -20.66 10.02 -30.22
CA ILE C 309 -20.16 9.08 -29.21
C ILE C 309 -19.93 9.78 -27.88
N ASP C 310 -20.93 9.74 -27.01
CA ASP C 310 -20.84 10.38 -25.70
C ASP C 310 -20.33 9.39 -24.66
N GLU C 311 -19.38 9.85 -23.84
CA GLU C 311 -18.81 9.00 -22.79
C GLU C 311 -18.48 7.61 -23.32
N GLY C 312 -17.35 7.50 -24.01
CA GLY C 312 -16.93 6.23 -24.57
C GLY C 312 -15.42 6.04 -24.49
N PHE C 313 -14.75 6.94 -23.78
CA PHE C 313 -13.30 6.87 -23.62
C PHE C 313 -12.89 7.13 -22.18
N SER C 314 -13.64 6.58 -21.25
CA SER C 314 -13.36 6.75 -19.82
C SER C 314 -12.47 5.62 -19.30
N SER C 315 -12.89 4.38 -19.55
CA SER C 315 -12.15 3.21 -19.10
C SER C 315 -11.02 2.88 -20.06
N LEU C 316 -10.48 3.90 -20.71
CA LEU C 316 -9.39 3.72 -21.66
C LEU C 316 -8.10 4.34 -21.16
N ASP C 317 -7.10 3.49 -20.88
CA ASP C 317 -5.80 3.95 -20.39
C ASP C 317 -5.11 4.96 -21.33
N THR C 318 -3.91 5.43 -20.98
CA THR C 318 -3.21 6.47 -21.76
C THR C 318 -2.76 6.00 -23.16
N GLU C 319 -2.26 4.78 -23.24
CA GLU C 319 -1.85 4.24 -24.52
C GLU C 319 -3.04 4.03 -25.45
N ASN C 320 -4.15 3.55 -24.90
CA ASN C 320 -5.32 3.33 -25.75
C ASN C 320 -6.16 4.58 -26.02
N LYS C 321 -6.14 5.53 -25.11
CA LYS C 321 -6.83 6.79 -25.35
C LYS C 321 -6.09 7.53 -26.48
N GLU C 322 -4.76 7.46 -26.49
CA GLU C 322 -4.00 8.13 -27.53
C GLU C 322 -4.22 7.40 -28.84
N LYS C 323 -4.21 6.08 -28.81
CA LYS C 323 -4.45 5.31 -30.02
C LYS C 323 -5.86 5.52 -30.61
N ILE C 324 -6.86 5.52 -29.74
CA ILE C 324 -8.25 5.72 -30.14
C ILE C 324 -8.52 7.11 -30.74
N ALA C 325 -7.94 8.13 -30.13
CA ALA C 325 -8.12 9.51 -30.57
C ALA C 325 -7.54 9.76 -31.96
N SER C 326 -6.35 9.22 -32.21
CA SER C 326 -5.70 9.39 -33.50
C SER C 326 -6.52 8.77 -34.62
N VAL C 327 -7.05 7.57 -34.36
CA VAL C 327 -7.89 6.87 -35.32
C VAL C 327 -9.17 7.65 -35.61
N LEU C 328 -9.75 8.22 -34.56
CA LEU C 328 -11.02 8.92 -34.67
C LEU C 328 -10.81 10.17 -35.52
N LYS C 329 -9.62 10.75 -35.42
CA LYS C 329 -9.30 11.95 -36.18
C LYS C 329 -9.30 11.64 -37.66
N GLU C 330 -9.04 10.38 -38.01
CA GLU C 330 -9.00 9.98 -39.41
C GLU C 330 -10.39 9.76 -39.95
N LEU C 331 -11.36 10.48 -39.40
CA LEU C 331 -12.72 10.50 -39.93
C LEU C 331 -13.10 11.94 -40.24
N GLU C 332 -12.30 12.87 -39.71
CA GLU C 332 -12.39 14.30 -40.02
C GLU C 332 -12.50 14.51 -41.53
N ARG C 333 -11.92 13.59 -42.29
CA ARG C 333 -11.94 13.68 -43.74
C ARG C 333 -13.38 13.74 -44.25
N LEU C 334 -14.19 12.78 -43.79
CA LEU C 334 -15.52 12.54 -44.34
C LEU C 334 -16.58 13.63 -44.13
N ASN C 335 -17.42 13.80 -45.15
CA ASN C 335 -18.62 14.61 -45.10
C ASN C 335 -19.65 13.99 -44.14
N LYS C 336 -19.55 14.38 -42.88
CA LYS C 336 -20.43 13.86 -41.87
C LYS C 336 -20.42 14.82 -40.71
N VAL C 337 -21.46 14.74 -39.91
CA VAL C 337 -21.49 15.41 -38.62
C VAL C 337 -21.01 14.45 -37.54
N ILE C 338 -19.76 14.58 -37.11
CA ILE C 338 -19.18 13.70 -36.11
C ILE C 338 -18.93 14.42 -34.79
N VAL C 339 -19.49 13.88 -33.71
CA VAL C 339 -19.40 14.55 -32.42
C VAL C 339 -19.04 13.61 -31.28
N PHE C 340 -17.97 13.98 -30.58
CA PHE C 340 -17.52 13.28 -29.37
C PHE C 340 -17.77 14.16 -28.15
N ILE C 341 -18.31 13.57 -27.09
CA ILE C 341 -18.61 14.29 -25.86
C ILE C 341 -17.68 13.87 -24.74
N THR C 342 -17.00 14.83 -24.12
CA THR C 342 -16.13 14.44 -23.02
C THR C 342 -16.09 15.50 -21.91
N HIS C 343 -15.65 15.09 -20.73
CA HIS C 343 -15.45 15.99 -19.62
C HIS C 343 -13.95 16.05 -19.40
N ASP C 344 -13.26 15.09 -19.99
CA ASP C 344 -11.80 15.00 -19.93
C ASP C 344 -11.17 15.99 -20.91
N ARG C 345 -10.47 16.98 -20.39
CA ARG C 345 -9.74 17.95 -21.20
C ARG C 345 -8.58 17.30 -21.98
N GLU C 346 -7.86 16.41 -21.31
CA GLU C 346 -6.80 15.65 -21.93
C GLU C 346 -7.27 15.15 -23.30
N PHE C 347 -8.24 14.24 -23.29
CA PHE C 347 -8.76 13.67 -24.53
C PHE C 347 -9.28 14.67 -25.60
N SER C 348 -9.98 15.72 -25.15
CA SER C 348 -10.65 16.65 -26.06
C SER C 348 -9.69 17.55 -26.84
N GLU C 349 -8.48 17.74 -26.32
CA GLU C 349 -7.55 18.66 -26.95
C GLU C 349 -6.68 18.02 -28.03
N ALA C 350 -6.91 16.74 -28.27
CA ALA C 350 -6.33 16.03 -29.40
C ALA C 350 -7.02 16.41 -30.71
N PHE C 351 -8.11 17.17 -30.61
CA PHE C 351 -8.87 17.63 -31.78
C PHE C 351 -8.85 19.16 -31.87
N ASP C 352 -9.43 19.72 -32.93
CA ASP C 352 -9.31 21.15 -33.21
C ASP C 352 -10.53 21.98 -32.83
N ARG C 353 -11.70 21.53 -33.29
CA ARG C 353 -12.94 22.25 -33.12
C ARG C 353 -13.63 21.85 -31.83
N LYS C 354 -13.64 22.73 -30.83
CA LYS C 354 -14.27 22.46 -29.54
C LYS C 354 -15.55 23.24 -29.35
N LEU C 355 -16.58 22.62 -28.81
CA LEU C 355 -17.78 23.32 -28.39
C LEU C 355 -17.89 23.22 -26.86
N ARG C 356 -17.73 24.35 -26.16
CA ARG C 356 -17.67 24.32 -24.70
C ARG C 356 -19.00 24.67 -24.05
N ILE C 357 -19.48 23.78 -23.19
CA ILE C 357 -20.74 23.96 -22.47
C ILE C 357 -20.50 24.00 -20.95
N THR C 358 -21.02 25.05 -20.30
CA THR C 358 -21.08 25.13 -18.85
C THR C 358 -22.42 25.74 -18.44
N GLY C 359 -22.94 25.34 -17.29
CA GLY C 359 -24.16 25.95 -16.79
C GLY C 359 -25.34 25.90 -17.75
N GLY C 360 -25.39 24.89 -18.61
CA GLY C 360 -26.47 24.74 -19.56
C GLY C 360 -26.51 25.78 -20.67
N VAL C 361 -25.34 26.38 -20.99
CA VAL C 361 -25.21 27.35 -22.10
C VAL C 361 -23.86 27.20 -22.78
N VAL C 362 -23.77 27.65 -24.02
CA VAL C 362 -22.53 27.50 -24.74
C VAL C 362 -21.61 28.61 -24.27
N VAL C 363 -20.31 28.35 -24.18
CA VAL C 363 -19.40 29.38 -23.69
C VAL C 363 -18.24 29.62 -24.65
N ASN C 364 -17.63 30.80 -24.55
CA ASN C 364 -16.50 31.15 -25.42
C ASN C 364 -16.92 31.24 -26.89
N LYS D 2 -23.96 -1.74 -53.66
CA LYS D 2 -24.23 -0.59 -52.82
C LYS D 2 -24.84 -1.01 -51.49
N LEU D 3 -25.08 -2.31 -51.33
CA LEU D 3 -25.64 -2.86 -50.10
C LEU D 3 -27.14 -2.65 -50.04
N ASP D 4 -27.72 -2.19 -51.15
CA ASP D 4 -29.16 -1.95 -51.23
C ASP D 4 -29.94 -3.25 -51.19
N TYR D 5 -30.92 -3.33 -50.29
CA TYR D 5 -31.74 -4.52 -50.15
C TYR D 5 -32.15 -5.09 -51.50
N PHE D 6 -32.67 -4.22 -52.36
CA PHE D 6 -33.26 -4.71 -53.59
C PHE D 6 -32.23 -4.98 -54.66
N GLU D 7 -31.11 -4.28 -54.60
CA GLU D 7 -30.03 -4.59 -55.52
C GLU D 7 -29.48 -5.98 -55.20
N LEU D 8 -29.30 -6.28 -53.91
CA LEU D 8 -28.79 -7.58 -53.51
C LEU D 8 -29.72 -8.73 -53.87
N PHE D 9 -31.03 -8.46 -53.87
CA PHE D 9 -32.00 -9.50 -54.19
C PHE D 9 -31.88 -9.91 -55.65
N LYS D 10 -31.67 -8.92 -56.51
CA LYS D 10 -31.49 -9.14 -57.94
C LYS D 10 -30.31 -10.08 -58.18
N GLU D 11 -29.27 -9.91 -57.37
CA GLU D 11 -28.09 -10.77 -57.45
C GLU D 11 -28.34 -12.14 -56.80
N TYR D 12 -29.18 -12.17 -55.77
CA TYR D 12 -29.43 -13.39 -55.03
C TYR D 12 -30.35 -14.31 -55.80
N LEU D 13 -31.27 -13.70 -56.54
CA LEU D 13 -32.28 -14.44 -57.27
C LEU D 13 -31.69 -15.02 -58.55
N LYS D 14 -30.84 -14.23 -59.20
CA LYS D 14 -30.17 -14.65 -60.42
C LYS D 14 -29.29 -15.86 -60.21
N LYS D 15 -28.76 -16.00 -58.99
CA LYS D 15 -27.92 -17.14 -58.63
C LYS D 15 -28.64 -18.49 -58.58
N ARG D 16 -29.82 -18.51 -57.97
CA ARG D 16 -30.54 -19.76 -57.73
C ARG D 16 -31.88 -19.90 -58.47
N GLU D 17 -32.28 -18.86 -59.19
CA GLU D 17 -33.56 -18.89 -59.88
C GLU D 17 -33.36 -18.74 -61.38
N GLU D 18 -33.99 -19.61 -62.16
CA GLU D 18 -33.82 -19.54 -63.61
C GLU D 18 -34.88 -18.64 -64.26
N ASN D 19 -36.07 -18.59 -63.65
CA ASN D 19 -37.13 -17.74 -64.15
C ASN D 19 -36.99 -16.33 -63.60
N HIS D 20 -35.78 -15.97 -63.18
CA HIS D 20 -35.50 -14.71 -62.50
C HIS D 20 -35.78 -13.44 -63.33
N GLU D 21 -35.44 -13.46 -64.62
CA GLU D 21 -35.60 -12.28 -65.45
C GLU D 21 -37.07 -11.88 -65.52
N LYS D 22 -37.93 -12.88 -65.65
CA LYS D 22 -39.37 -12.71 -65.57
C LYS D 22 -39.76 -12.20 -64.18
N LEU D 23 -39.14 -12.76 -63.15
CA LEU D 23 -39.50 -12.47 -61.76
C LEU D 23 -39.06 -11.08 -61.29
N LEU D 24 -37.84 -10.69 -61.61
CA LEU D 24 -37.37 -9.35 -61.26
C LEU D 24 -38.28 -8.32 -61.90
N LYS D 25 -38.80 -8.64 -63.09
CA LYS D 25 -39.67 -7.75 -63.85
C LYS D 25 -40.98 -7.50 -63.12
N ILE D 26 -41.61 -8.58 -62.68
CA ILE D 26 -42.77 -8.48 -61.85
C ILE D 26 -42.47 -7.64 -60.60
N LEU D 27 -41.27 -7.79 -60.04
CA LEU D 27 -40.91 -7.05 -58.84
C LEU D 27 -40.87 -5.55 -59.09
N ASP D 28 -40.23 -5.16 -60.19
CA ASP D 28 -40.15 -3.76 -60.58
C ASP D 28 -41.53 -3.12 -60.69
N GLU D 29 -42.48 -3.80 -61.35
CA GLU D 29 -43.85 -3.31 -61.44
C GLU D 29 -44.46 -3.08 -60.06
N LEU D 30 -44.19 -4.00 -59.12
CA LEU D 30 -44.74 -3.91 -57.77
C LEU D 30 -44.11 -2.77 -56.98
N LEU D 31 -42.79 -2.66 -57.07
CA LEU D 31 -42.06 -1.57 -56.42
C LEU D 31 -42.59 -0.22 -56.86
N ASP D 32 -42.94 -0.11 -58.14
CA ASP D 32 -43.54 1.09 -58.69
C ASP D 32 -44.92 1.37 -58.10
N GLU D 33 -45.78 0.35 -58.04
CA GLU D 33 -47.12 0.59 -57.50
C GLU D 33 -47.02 0.96 -56.02
N VAL D 34 -45.96 0.50 -55.37
CA VAL D 34 -45.76 0.84 -53.96
C VAL D 34 -45.32 2.29 -53.80
N LYS D 35 -44.30 2.69 -54.57
CA LYS D 35 -43.77 4.05 -54.50
C LYS D 35 -44.84 5.12 -54.79
N LYS D 36 -45.72 4.80 -55.74
CA LYS D 36 -46.83 5.69 -56.09
C LYS D 36 -47.73 5.96 -54.87
N SER D 37 -48.12 4.91 -54.17
CA SER D 37 -48.92 5.07 -52.96
C SER D 37 -48.08 5.71 -51.84
N MET E 1 -16.73 -9.29 6.87
CA MET E 1 -15.77 -10.05 6.07
C MET E 1 -14.50 -9.25 5.90
N ARG E 2 -13.38 -9.84 6.31
CA ARG E 2 -12.11 -9.15 6.25
C ARG E 2 -11.11 -10.01 5.52
N PRO E 3 -10.78 -9.63 4.29
CA PRO E 3 -9.78 -10.36 3.47
C PRO E 3 -8.40 -10.35 4.11
N GLU E 4 -7.71 -11.49 4.13
CA GLU E 4 -6.39 -11.53 4.76
C GLU E 4 -5.30 -11.91 3.77
N ARG E 5 -5.50 -13.02 3.07
CA ARG E 5 -4.56 -13.39 2.03
C ARG E 5 -5.31 -13.97 0.82
N LEU E 6 -4.80 -13.73 -0.38
CA LEU E 6 -5.39 -14.24 -1.60
C LEU E 6 -4.31 -14.70 -2.56
N THR E 7 -4.42 -15.97 -2.93
CA THR E 7 -3.51 -16.59 -3.86
C THR E 7 -4.28 -17.02 -5.11
N VAL E 8 -3.81 -16.54 -6.26
CA VAL E 8 -4.44 -16.84 -7.54
C VAL E 8 -3.46 -17.52 -8.48
N ARG E 9 -3.90 -18.58 -9.13
CA ARG E 9 -3.14 -19.11 -10.24
C ARG E 9 -4.04 -19.28 -11.46
N ASN E 10 -3.68 -18.65 -12.58
CA ASN E 10 -4.37 -18.90 -13.86
C ASN E 10 -5.88 -18.70 -13.83
N PHE E 11 -6.28 -17.61 -13.21
CA PHE E 11 -7.67 -17.22 -13.15
C PHE E 11 -7.82 -16.00 -14.08
N LEU E 12 -8.65 -16.15 -15.11
CA LEU E 12 -8.87 -15.07 -16.07
C LEU E 12 -7.55 -14.49 -16.58
N GLY E 13 -7.37 -13.20 -16.36
CA GLY E 13 -6.15 -12.52 -16.77
C GLY E 13 -4.92 -12.88 -15.96
N LEU E 14 -5.11 -13.44 -14.77
CA LEU E 14 -3.98 -13.74 -13.87
C LEU E 14 -3.08 -14.94 -14.25
N LYS E 15 -1.78 -14.84 -13.98
CA LYS E 15 -0.86 -15.97 -14.15
C LYS E 15 -0.39 -16.57 -12.81
N ASN E 16 0.17 -15.72 -11.95
CA ASN E 16 0.28 -15.98 -10.51
C ASN E 16 0.28 -14.69 -9.68
N VAL E 17 -0.48 -14.69 -8.60
CA VAL E 17 -0.57 -13.56 -7.68
C VAL E 17 -0.66 -14.06 -6.23
N ASP E 18 -0.14 -13.27 -5.29
CA ASP E 18 -0.12 -13.64 -3.87
C ASP E 18 -0.15 -12.37 -3.03
N ILE E 19 -1.31 -12.04 -2.47
CA ILE E 19 -1.53 -10.75 -1.82
C ILE E 19 -1.93 -10.87 -0.35
N GLU E 20 -1.21 -10.21 0.55
CA GLU E 20 -1.70 -9.99 1.90
C GLU E 20 -2.59 -8.76 1.81
N PHE E 21 -3.71 -8.77 2.52
CA PHE E 21 -4.56 -7.58 2.63
C PHE E 21 -4.34 -7.00 4.05
N GLN E 22 -4.52 -5.70 4.21
CA GLN E 22 -4.45 -5.13 5.57
C GLN E 22 -5.38 -3.93 5.71
N SER E 23 -5.59 -3.48 6.93
CA SER E 23 -6.43 -2.30 7.14
C SER E 23 -5.81 -1.12 6.48
N GLY E 24 -6.64 -0.25 5.95
CA GLY E 24 -6.13 0.95 5.33
C GLY E 24 -6.57 1.00 3.89
N ILE E 25 -6.02 1.93 3.12
CA ILE E 25 -6.39 2.03 1.73
C ILE E 25 -5.26 1.51 0.85
N THR E 26 -5.64 0.75 -0.16
CA THR E 26 -4.73 0.30 -1.18
C THR E 26 -5.30 0.59 -2.56
N VAL E 27 -4.50 1.21 -3.41
CA VAL E 27 -4.83 1.34 -4.83
C VAL E 27 -4.19 0.23 -5.66
N VAL E 28 -4.97 -0.39 -6.53
CA VAL E 28 -4.47 -1.38 -7.47
C VAL E 28 -4.40 -0.67 -8.79
N GLU E 29 -3.17 -0.41 -9.23
CA GLU E 29 -2.92 0.29 -10.49
C GLU E 29 -2.68 -0.70 -11.62
N GLY E 30 -2.76 -0.23 -12.87
CA GLY E 30 -2.51 -1.06 -14.02
C GLY E 30 -3.26 -0.72 -15.30
N PRO E 31 -2.67 -1.07 -16.45
CA PRO E 31 -3.27 -0.79 -17.76
C PRO E 31 -4.52 -1.61 -18.02
N ASN E 32 -5.11 -1.44 -19.19
CA ASN E 32 -6.18 -2.32 -19.62
C ASN E 32 -5.72 -3.77 -19.82
N GLY E 33 -6.56 -4.73 -19.46
CA GLY E 33 -6.20 -6.12 -19.64
C GLY E 33 -5.01 -6.53 -18.79
N ALA E 34 -4.74 -5.75 -17.75
CA ALA E 34 -3.61 -6.08 -16.90
C ALA E 34 -3.92 -7.20 -15.91
N GLY E 35 -5.16 -7.24 -15.41
CA GLY E 35 -5.59 -8.26 -14.50
C GLY E 35 -6.17 -7.67 -13.23
N LYS E 36 -6.52 -6.39 -13.26
CA LYS E 36 -7.08 -5.74 -12.08
C LYS E 36 -8.47 -6.29 -11.70
N SER E 37 -9.38 -6.28 -12.67
CA SER E 37 -10.71 -6.82 -12.45
C SER E 37 -10.72 -8.34 -12.15
N SER E 38 -9.72 -9.05 -12.68
CA SER E 38 -9.63 -10.49 -12.53
C SER E 38 -9.43 -10.78 -11.06
N LEU E 39 -8.64 -9.93 -10.43
CA LEU E 39 -8.31 -10.10 -9.02
C LEU E 39 -9.53 -9.86 -8.12
N PHE E 40 -10.47 -9.07 -8.63
CA PHE E 40 -11.68 -8.69 -7.93
C PHE E 40 -12.66 -9.83 -8.05
N GLU E 41 -12.80 -10.35 -9.28
CA GLU E 41 -13.72 -11.46 -9.52
C GLU E 41 -13.21 -12.70 -8.79
N ALA E 42 -11.89 -12.82 -8.70
CA ALA E 42 -11.22 -13.85 -7.90
C ALA E 42 -11.78 -13.98 -6.45
N ILE E 43 -11.79 -12.86 -5.72
CA ILE E 43 -12.38 -12.82 -4.37
C ILE E 43 -13.84 -13.24 -4.44
N SER E 44 -14.56 -12.67 -5.39
CA SER E 44 -15.95 -13.02 -5.60
C SER E 44 -16.07 -14.54 -5.81
N PHE E 45 -15.28 -15.09 -6.73
CA PHE E 45 -15.30 -16.54 -6.96
C PHE E 45 -14.77 -17.36 -5.78
N ALA E 46 -13.83 -16.85 -5.01
CA ALA E 46 -13.42 -17.56 -3.80
C ALA E 46 -14.59 -17.78 -2.82
N LEU E 47 -15.35 -16.73 -2.56
CA LEU E 47 -16.44 -16.83 -1.61
C LEU E 47 -17.67 -17.47 -2.18
N PHE E 48 -18.30 -16.82 -3.15
CA PHE E 48 -19.60 -17.28 -3.59
C PHE E 48 -19.56 -18.26 -4.74
N GLY E 49 -18.38 -18.59 -5.24
CA GLY E 49 -18.28 -19.44 -6.41
C GLY E 49 -18.99 -18.91 -7.64
N ASN E 50 -19.28 -17.60 -7.65
CA ASN E 50 -19.79 -16.90 -8.80
C ASN E 50 -18.81 -15.77 -9.12
N GLY E 51 -18.75 -15.37 -10.39
CA GLY E 51 -17.97 -14.21 -10.77
C GLY E 51 -18.89 -13.07 -11.19
N ILE E 52 -18.33 -12.04 -11.81
CA ILE E 52 -19.19 -11.05 -12.43
C ILE E 52 -19.40 -11.36 -13.90
N ARG E 53 -18.32 -11.61 -14.62
CA ARG E 53 -18.37 -11.41 -16.07
C ARG E 53 -18.87 -12.59 -16.91
N TYR E 54 -18.93 -13.79 -16.39
CA TYR E 54 -19.24 -14.98 -17.15
C TYR E 54 -20.32 -15.78 -16.57
N PRO E 55 -21.17 -16.37 -17.39
CA PRO E 55 -22.17 -17.25 -16.75
C PRO E 55 -21.62 -18.57 -16.20
N ASN E 56 -20.69 -19.19 -16.92
CA ASN E 56 -20.23 -20.54 -16.60
C ASN E 56 -18.84 -20.62 -15.96
N SER E 57 -18.74 -21.39 -14.88
CA SER E 57 -17.49 -21.51 -14.12
C SER E 57 -16.18 -21.75 -14.89
N TYR E 58 -16.20 -22.67 -15.83
CA TYR E 58 -15.01 -23.03 -16.58
C TYR E 58 -14.52 -21.91 -17.49
N ASP E 59 -15.37 -20.92 -17.72
CA ASP E 59 -14.92 -19.73 -18.47
C ASP E 59 -13.85 -18.95 -17.70
N TYR E 60 -13.90 -19.01 -16.37
CA TYR E 60 -12.98 -18.22 -15.54
C TYR E 60 -11.54 -18.71 -15.57
N VAL E 61 -11.29 -19.87 -16.15
CA VAL E 61 -9.96 -20.46 -16.17
C VAL E 61 -9.20 -19.81 -17.28
N ASN E 62 -7.98 -19.40 -16.96
CA ASN E 62 -7.09 -18.79 -17.91
C ASN E 62 -6.80 -19.73 -19.08
N ARG E 63 -7.25 -19.40 -20.25
CA ARG E 63 -7.17 -20.29 -21.33
C ARG E 63 -5.77 -20.62 -21.84
N ASN E 64 -4.82 -19.85 -21.39
CA ASN E 64 -3.40 -20.03 -21.74
C ASN E 64 -2.66 -20.97 -20.78
N ALA E 65 -3.25 -21.17 -19.61
CA ALA E 65 -2.73 -22.14 -18.67
C ALA E 65 -2.60 -23.49 -19.40
N VAL E 66 -1.44 -24.11 -19.27
CA VAL E 66 -1.15 -25.30 -20.06
C VAL E 66 -1.80 -26.57 -19.47
N ASP E 67 -2.12 -26.56 -18.17
CA ASP E 67 -2.86 -27.69 -17.58
C ASP E 67 -4.35 -27.43 -17.41
N GLY E 68 -4.81 -26.27 -17.91
CA GLY E 68 -6.21 -25.92 -17.86
C GLY E 68 -6.79 -25.83 -16.47
N THR E 69 -5.92 -25.55 -15.48
CA THR E 69 -6.33 -25.46 -14.07
C THR E 69 -6.16 -24.07 -13.45
N ALA E 70 -7.25 -23.51 -12.92
CA ALA E 70 -7.19 -22.29 -12.10
C ALA E 70 -7.29 -22.67 -10.63
N ARG E 71 -6.35 -22.21 -9.82
CA ARG E 71 -6.44 -22.48 -8.39
C ARG E 71 -6.50 -21.20 -7.56
N LEU E 72 -7.45 -21.17 -6.61
CA LEU E 72 -7.70 -20.05 -5.72
C LEU E 72 -7.60 -20.47 -4.28
N VAL E 73 -6.80 -19.75 -3.49
CA VAL E 73 -6.82 -19.95 -2.04
C VAL E 73 -7.12 -18.61 -1.40
N PHE E 74 -8.23 -18.54 -0.67
CA PHE E 74 -8.63 -17.31 0.00
C PHE E 74 -8.74 -17.50 1.51
N GLN E 75 -8.10 -16.61 2.26
CA GLN E 75 -8.17 -16.64 3.72
C GLN E 75 -8.80 -15.35 4.23
N PHE E 76 -9.80 -15.47 5.09
CA PHE E 76 -10.49 -14.30 5.60
C PHE E 76 -10.88 -14.51 7.04
N GLU E 77 -11.31 -13.42 7.68
CA GLU E 77 -11.68 -13.43 9.08
C GLU E 77 -13.07 -12.85 9.16
N ARG E 78 -13.84 -13.36 10.10
CA ARG E 78 -15.10 -12.77 10.49
C ARG E 78 -15.24 -12.94 11.98
N GLY E 79 -15.70 -11.89 12.64
CA GLY E 79 -16.19 -12.00 14.00
C GLY E 79 -15.25 -12.78 14.92
N GLY E 80 -13.96 -12.55 14.75
CA GLY E 80 -12.96 -13.25 15.52
C GLY E 80 -12.46 -14.53 14.86
N LYS E 81 -13.37 -15.25 14.20
CA LYS E 81 -13.01 -16.49 13.54
C LYS E 81 -12.29 -16.26 12.22
N ARG E 82 -11.70 -17.32 11.68
CA ARG E 82 -10.78 -17.21 10.55
C ARG E 82 -10.90 -18.43 9.66
N TYR E 83 -11.08 -18.20 8.37
CA TYR E 83 -11.50 -19.24 7.44
C TYR E 83 -10.62 -19.36 6.20
N GLU E 84 -10.53 -20.54 5.63
CA GLU E 84 -9.72 -20.73 4.43
C GLU E 84 -10.50 -21.48 3.38
N ILE E 85 -10.61 -20.90 2.20
CA ILE E 85 -11.27 -21.54 1.07
C ILE E 85 -10.21 -21.85 0.03
N ILE E 86 -10.15 -23.12 -0.39
CA ILE E 86 -9.31 -23.52 -1.51
C ILE E 86 -10.17 -23.93 -2.70
N ARG E 87 -9.81 -23.49 -3.91
CA ARG E 87 -10.54 -23.93 -5.09
C ARG E 87 -9.63 -24.36 -6.24
N GLU E 88 -10.01 -25.45 -6.89
CA GLU E 88 -9.46 -25.76 -8.19
C GLU E 88 -10.60 -25.81 -9.20
N ILE E 89 -10.49 -25.01 -10.26
CA ILE E 89 -11.37 -25.16 -11.43
C ILE E 89 -10.53 -25.74 -12.56
N ASN E 90 -10.65 -27.04 -12.78
CA ASN E 90 -9.94 -27.73 -13.86
C ASN E 90 -10.76 -27.73 -15.13
N ALA E 91 -10.36 -26.96 -16.13
CA ALA E 91 -11.19 -26.85 -17.34
C ALA E 91 -11.10 -28.04 -18.32
N LEU E 92 -10.02 -28.81 -18.29
CA LEU E 92 -9.91 -29.97 -19.17
C LEU E 92 -10.75 -31.14 -18.67
N GLN E 93 -10.50 -31.54 -17.44
CA GLN E 93 -11.26 -32.55 -16.75
C GLN E 93 -12.65 -32.11 -16.47
N ARG E 94 -12.91 -30.81 -16.61
CA ARG E 94 -14.23 -30.26 -16.27
C ARG E 94 -14.61 -30.55 -14.82
N LYS E 95 -13.65 -30.43 -13.92
CA LYS E 95 -13.84 -30.72 -12.54
C LYS E 95 -13.67 -29.47 -11.67
N HIS E 96 -14.62 -29.18 -10.81
CA HIS E 96 -14.56 -28.03 -9.93
C HIS E 96 -14.65 -28.48 -8.49
N ASN E 97 -13.53 -28.33 -7.78
CA ASN E 97 -13.41 -28.71 -6.38
C ASN E 97 -13.34 -27.45 -5.49
N ALA E 98 -13.69 -27.59 -4.22
CA ALA E 98 -13.75 -26.43 -3.35
C ALA E 98 -13.98 -26.87 -1.94
N LYS E 99 -13.12 -26.45 -1.02
CA LYS E 99 -13.37 -26.68 0.39
C LYS E 99 -13.20 -25.42 1.22
N LEU E 100 -13.91 -25.36 2.34
CA LEU E 100 -13.84 -24.30 3.31
C LEU E 100 -13.46 -24.88 4.69
N SER E 101 -12.28 -24.56 5.19
CA SER E 101 -11.89 -25.02 6.53
C SER E 101 -11.80 -23.88 7.54
N GLU E 102 -12.08 -24.15 8.81
CA GLU E 102 -11.82 -23.13 9.81
C GLU E 102 -10.37 -23.23 10.24
N ILE E 103 -9.76 -22.09 10.54
CA ILE E 103 -8.42 -22.06 11.10
C ILE E 103 -8.52 -21.70 12.57
N LEU E 104 -8.20 -22.67 13.43
CA LEU E 104 -8.35 -22.55 14.88
C LEU E 104 -7.11 -21.98 15.55
N GLU E 105 -7.25 -21.55 16.81
CA GLU E 105 -6.13 -20.91 17.52
C GLU E 105 -4.89 -21.81 17.64
N ASN E 106 -5.08 -23.12 17.62
CA ASN E 106 -3.96 -24.06 17.71
C ASN E 106 -3.35 -24.45 16.35
N GLY E 107 -3.76 -23.75 15.29
CA GLY E 107 -3.13 -23.91 13.99
C GLY E 107 -3.52 -25.11 13.14
N LYS E 108 -4.55 -25.84 13.56
CA LYS E 108 -5.07 -26.91 12.72
C LYS E 108 -6.21 -26.39 11.83
N LYS E 109 -6.68 -27.19 10.88
CA LYS E 109 -7.73 -26.75 9.99
C LYS E 109 -9.00 -27.61 10.07
N ALA E 110 -9.92 -27.24 10.95
CA ALA E 110 -11.21 -27.91 11.02
C ALA E 110 -11.99 -27.67 9.73
N ALA E 111 -12.40 -28.76 9.07
CA ALA E 111 -13.16 -28.63 7.83
C ALA E 111 -14.64 -28.37 8.09
N ILE E 112 -15.22 -27.44 7.33
CA ILE E 112 -16.65 -27.16 7.41
C ILE E 112 -17.42 -27.52 6.15
N ALA E 113 -16.75 -27.55 5.00
CA ALA E 113 -17.44 -27.93 3.76
C ALA E 113 -16.48 -28.26 2.66
N ALA E 114 -16.85 -29.22 1.82
CA ALA E 114 -16.10 -29.58 0.63
C ALA E 114 -17.06 -29.55 -0.55
N LYS E 115 -16.56 -29.12 -1.70
CA LYS E 115 -17.33 -29.01 -2.95
C LYS E 115 -17.98 -27.63 -3.11
N PRO E 116 -18.33 -27.28 -4.41
CA PRO E 116 -18.84 -25.90 -4.53
C PRO E 116 -20.15 -25.58 -3.79
N THR E 117 -21.12 -26.49 -3.83
CA THR E 117 -22.49 -26.14 -3.46
C THR E 117 -22.62 -25.91 -1.97
N SER E 118 -21.88 -26.68 -1.18
CA SER E 118 -22.03 -26.56 0.26
C SER E 118 -21.06 -25.54 0.82
N VAL E 119 -19.98 -25.25 0.08
CA VAL E 119 -19.09 -24.17 0.47
C VAL E 119 -19.81 -22.80 0.38
N LYS E 120 -20.50 -22.57 -0.74
CA LYS E 120 -21.33 -21.39 -0.93
C LYS E 120 -22.39 -21.22 0.16
N GLN E 121 -23.04 -22.32 0.55
CA GLN E 121 -24.07 -22.24 1.61
C GLN E 121 -23.42 -21.89 2.94
N GLU E 122 -22.27 -22.49 3.21
CA GLU E 122 -21.46 -22.14 4.36
C GLU E 122 -20.93 -20.70 4.33
N VAL E 123 -20.36 -20.29 3.20
CA VAL E 123 -19.96 -18.90 3.04
C VAL E 123 -21.14 -17.96 3.30
N GLU E 124 -22.29 -18.22 2.69
CA GLU E 124 -23.45 -17.35 2.87
C GLU E 124 -23.98 -17.30 4.31
N LYS E 125 -23.73 -18.36 5.09
CA LYS E 125 -24.01 -18.31 6.52
C LYS E 125 -23.04 -17.45 7.33
N ILE E 126 -21.75 -17.73 7.23
CA ILE E 126 -20.71 -16.98 7.92
C ILE E 126 -20.77 -15.47 7.66
N LEU E 127 -20.91 -15.07 6.42
CA LEU E 127 -21.12 -13.71 6.04
C LEU E 127 -22.44 -13.03 6.39
N GLY E 128 -23.55 -13.75 6.28
CA GLY E 128 -24.87 -13.21 6.54
C GLY E 128 -25.41 -12.34 5.42
N ILE E 129 -24.84 -12.51 4.21
CA ILE E 129 -25.33 -11.88 2.99
C ILE E 129 -25.27 -12.85 1.82
N GLU E 130 -26.01 -12.58 0.75
CA GLU E 130 -25.88 -13.33 -0.47
C GLU E 130 -25.01 -12.56 -1.49
N HIS E 131 -24.67 -13.18 -2.61
CA HIS E 131 -23.81 -12.53 -3.60
C HIS E 131 -24.32 -11.17 -4.09
N ARG E 132 -25.63 -11.05 -4.37
CA ARG E 132 -26.18 -9.79 -4.88
C ARG E 132 -25.95 -8.65 -3.90
N THR E 133 -26.26 -8.87 -2.63
CA THR E 133 -26.01 -7.88 -1.61
C THR E 133 -24.53 -7.49 -1.53
N PHE E 134 -23.66 -8.47 -1.65
CA PHE E 134 -22.23 -8.26 -1.64
C PHE E 134 -21.80 -7.28 -2.74
N ILE E 135 -22.19 -7.54 -3.98
CA ILE E 135 -21.76 -6.68 -5.08
C ILE E 135 -22.54 -5.37 -5.22
N ARG E 136 -23.65 -5.22 -4.51
CA ARG E 136 -24.41 -3.99 -4.59
C ARG E 136 -24.10 -2.98 -3.49
N THR E 137 -23.29 -3.32 -2.51
CA THR E 137 -23.10 -2.43 -1.38
C THR E 137 -21.66 -1.98 -1.18
N VAL E 138 -20.78 -2.95 -0.91
CA VAL E 138 -19.42 -2.60 -0.50
C VAL E 138 -18.36 -3.24 -1.40
N PHE E 139 -18.83 -3.91 -2.45
CA PHE E 139 -17.94 -4.63 -3.34
C PHE E 139 -18.39 -4.38 -4.79
N LEU E 140 -18.26 -3.12 -5.21
CA LEU E 140 -18.86 -2.57 -6.44
C LEU E 140 -18.01 -2.77 -7.68
N PRO E 141 -18.45 -3.64 -8.60
CA PRO E 141 -17.70 -4.01 -9.82
C PRO E 141 -17.59 -2.91 -10.91
N GLN E 142 -16.71 -3.12 -11.88
CA GLN E 142 -16.55 -2.21 -13.00
C GLN E 142 -17.89 -2.03 -13.73
N GLY E 143 -18.23 -0.78 -14.01
CA GLY E 143 -19.46 -0.46 -14.69
C GLY E 143 -20.78 -0.66 -13.95
N GLU E 144 -20.73 -1.12 -12.70
CA GLU E 144 -21.97 -1.32 -11.98
C GLU E 144 -22.07 -0.49 -10.68
N ILE E 145 -21.30 0.59 -10.61
CA ILE E 145 -21.23 1.44 -9.41
C ILE E 145 -22.61 1.97 -8.93
N ASP E 146 -23.44 2.46 -9.84
CA ASP E 146 -24.75 3.05 -9.48
C ASP E 146 -25.97 2.12 -9.44
N LYS E 147 -25.76 0.81 -9.45
CA LYS E 147 -26.89 -0.13 -9.40
C LYS E 147 -27.78 0.01 -8.16
N LEU E 148 -27.21 0.08 -6.98
CA LEU E 148 -28.02 0.30 -5.77
C LEU E 148 -28.84 1.58 -5.86
N LEU E 149 -28.16 2.69 -6.16
CA LEU E 149 -28.76 4.01 -6.27
C LEU E 149 -30.00 4.08 -7.11
N ILE E 150 -29.97 3.46 -8.27
CA ILE E 150 -31.06 3.62 -9.22
C ILE E 150 -32.03 2.46 -9.19
N SER E 151 -31.78 1.52 -8.27
CA SER E 151 -32.64 0.37 -8.11
C SER E 151 -34.01 0.81 -7.64
N PRO E 152 -35.03 -0.02 -7.90
CA PRO E 152 -36.39 0.18 -7.35
C PRO E 152 -36.43 -0.10 -5.84
N PRO E 153 -37.38 0.49 -5.13
CA PRO E 153 -37.45 0.42 -3.66
C PRO E 153 -37.49 -1.01 -3.13
N SER E 154 -38.23 -1.90 -3.80
CA SER E 154 -38.26 -3.31 -3.44
C SER E 154 -36.85 -3.90 -3.32
N GLU E 155 -36.05 -3.76 -4.36
CA GLU E 155 -34.69 -4.31 -4.32
C GLU E 155 -33.86 -3.67 -3.24
N ILE E 156 -33.87 -2.35 -3.19
CA ILE E 156 -33.10 -1.64 -2.16
C ILE E 156 -33.38 -2.16 -0.76
N THR E 157 -34.66 -2.36 -0.42
CA THR E 157 -34.99 -2.81 0.92
C THR E 157 -34.46 -4.23 1.18
N GLU E 158 -34.62 -5.13 0.22
CA GLU E 158 -34.08 -6.49 0.36
C GLU E 158 -32.61 -6.50 0.68
N ILE E 159 -31.86 -5.74 -0.13
CA ILE E 159 -30.42 -5.55 0.05
C ILE E 159 -30.08 -5.03 1.44
N ILE E 160 -30.68 -3.90 1.82
CA ILE E 160 -30.41 -3.33 3.12
C ILE E 160 -30.72 -4.31 4.28
N SER E 161 -31.91 -4.90 4.26
CA SER E 161 -32.32 -5.84 5.31
C SER E 161 -31.27 -6.91 5.52
N ASP E 162 -30.93 -7.58 4.43
CA ASP E 162 -29.97 -8.66 4.41
C ASP E 162 -28.62 -8.35 5.05
N VAL E 163 -28.15 -7.12 4.86
CA VAL E 163 -26.90 -6.67 5.48
C VAL E 163 -27.02 -6.66 7.00
N PHE E 164 -28.21 -6.33 7.48
CA PHE E 164 -28.38 -6.04 8.90
C PHE E 164 -29.24 -7.07 9.60
N GLN E 165 -29.50 -8.18 8.91
CA GLN E 165 -30.28 -9.27 9.49
C GLN E 165 -29.74 -10.64 9.06
N SER E 166 -29.99 -11.63 9.89
CA SER E 166 -29.68 -13.01 9.53
C SER E 166 -30.90 -13.55 8.81
N LYS E 167 -30.72 -13.98 7.57
CA LYS E 167 -31.84 -14.58 6.85
C LYS E 167 -31.95 -16.01 7.35
N GLU E 168 -30.86 -16.55 7.88
CA GLU E 168 -30.85 -17.90 8.46
C GLU E 168 -31.74 -18.06 9.70
N THR E 169 -31.66 -17.10 10.61
CA THR E 169 -32.56 -16.96 11.74
C THR E 169 -33.99 -16.69 11.30
N LEU E 170 -34.19 -15.65 10.50
CA LEU E 170 -35.53 -15.29 10.09
C LEU E 170 -36.24 -16.39 9.32
N GLU E 171 -35.49 -17.20 8.57
CA GLU E 171 -36.11 -18.22 7.73
C GLU E 171 -36.70 -19.30 8.62
N LYS E 172 -35.96 -19.61 9.68
CA LYS E 172 -36.34 -20.65 10.63
C LYS E 172 -37.44 -20.16 11.56
N LEU E 173 -37.25 -18.96 12.12
CA LEU E 173 -38.25 -18.32 12.98
C LEU E 173 -39.63 -18.28 12.31
N GLU E 174 -39.67 -17.81 11.06
CA GLU E 174 -40.91 -17.78 10.30
C GLU E 174 -41.47 -19.18 10.12
N LYS E 175 -40.59 -20.15 9.85
CA LYS E 175 -41.03 -21.52 9.68
C LYS E 175 -41.51 -22.13 10.99
N LEU E 176 -40.79 -21.89 12.07
CA LEU E 176 -41.11 -22.47 13.38
C LEU E 176 -42.47 -21.98 13.82
N LEU E 177 -42.72 -20.72 13.53
CA LEU E 177 -43.92 -20.06 13.96
C LEU E 177 -45.09 -20.45 13.06
N LYS E 178 -44.79 -20.88 11.84
CA LYS E 178 -45.82 -21.52 11.04
C LYS E 178 -46.24 -22.85 11.68
N GLU E 179 -45.25 -23.68 11.99
CA GLU E 179 -45.45 -24.96 12.65
C GLU E 179 -46.29 -24.87 13.93
N LYS E 180 -46.11 -23.79 14.69
CA LYS E 180 -46.83 -23.68 15.95
C LYS E 180 -48.24 -23.11 15.77
N MET E 181 -48.62 -22.81 14.53
CA MET E 181 -49.99 -22.38 14.28
C MET E 181 -50.78 -23.49 13.62
N LYS E 182 -50.11 -24.29 12.80
CA LYS E 182 -50.77 -25.39 12.13
C LYS E 182 -50.79 -26.59 13.08
N LYS E 183 -50.20 -26.42 14.26
CA LYS E 183 -50.26 -27.46 15.27
C LYS E 183 -51.36 -27.10 16.25
N LEU E 184 -51.73 -25.83 16.26
CA LEU E 184 -52.85 -25.39 17.07
C LEU E 184 -54.17 -25.49 16.29
N GLU E 185 -54.11 -25.22 14.98
CA GLU E 185 -55.25 -25.50 14.11
C GLU E 185 -55.52 -27.00 14.09
N ASN E 186 -54.45 -27.78 14.16
CA ASN E 186 -54.54 -29.22 14.09
C ASN E 186 -55.40 -29.75 15.23
N GLU E 187 -55.40 -29.05 16.35
CA GLU E 187 -56.06 -29.56 17.53
C GLU E 187 -57.52 -29.80 17.16
N ILE E 188 -58.07 -28.92 16.34
CA ILE E 188 -59.45 -29.05 15.91
C ILE E 188 -59.93 -27.80 15.20
N LYS E 202 -62.70 -25.01 27.43
CA LYS E 202 -61.71 -24.07 27.93
C LYS E 202 -60.40 -24.19 27.14
N LYS E 203 -60.02 -25.42 26.83
CA LYS E 203 -58.79 -25.68 26.08
C LYS E 203 -58.88 -25.13 24.67
N LEU E 204 -60.06 -25.27 24.06
CA LEU E 204 -60.29 -24.78 22.68
C LEU E 204 -60.43 -23.26 22.58
N LYS E 205 -60.73 -22.60 23.69
CA LYS E 205 -60.67 -21.15 23.76
C LYS E 205 -59.22 -20.71 24.00
N GLU E 206 -58.51 -21.42 24.87
CA GLU E 206 -57.11 -21.11 25.18
C GLU E 206 -56.13 -21.41 24.04
N MET E 207 -56.51 -22.31 23.14
CA MET E 207 -55.72 -22.58 21.96
C MET E 207 -56.17 -21.73 20.76
N SER E 208 -57.33 -21.10 20.90
CA SER E 208 -57.81 -20.18 19.89
C SER E 208 -57.06 -18.87 20.12
N ASP E 209 -56.91 -18.52 21.40
CA ASP E 209 -56.24 -17.29 21.81
C ASP E 209 -54.71 -17.36 21.79
N GLU E 210 -54.15 -18.54 21.51
CA GLU E 210 -52.72 -18.62 21.29
C GLU E 210 -52.39 -18.48 19.81
N TYR E 211 -53.15 -19.19 18.99
CA TYR E 211 -53.09 -19.04 17.55
C TYR E 211 -53.14 -17.55 17.16
N ASN E 212 -53.82 -16.75 17.98
CA ASN E 212 -54.06 -15.34 17.68
C ASN E 212 -52.99 -14.39 18.22
N ASN E 213 -52.23 -14.85 19.21
CA ASN E 213 -51.10 -14.07 19.69
C ASN E 213 -49.80 -14.33 18.90
N LEU E 214 -49.73 -15.51 18.28
CA LEU E 214 -48.61 -15.85 17.41
C LEU E 214 -48.85 -15.14 16.10
N ASP E 215 -50.12 -14.96 15.78
CA ASP E 215 -50.52 -14.42 14.49
C ASP E 215 -50.28 -12.92 14.46
N LEU E 216 -50.50 -12.26 15.59
CA LEU E 216 -50.16 -10.85 15.71
C LEU E 216 -48.64 -10.70 15.59
N LEU E 217 -47.91 -11.69 16.12
CA LEU E 217 -46.45 -11.68 16.04
C LEU E 217 -45.98 -11.89 14.60
N ARG E 218 -46.58 -12.87 13.92
CA ARG E 218 -46.26 -13.16 12.54
C ARG E 218 -46.48 -11.93 11.67
N LYS E 219 -47.53 -11.19 11.97
CA LYS E 219 -47.92 -10.05 11.14
C LYS E 219 -46.94 -8.90 11.24
N TYR E 220 -46.66 -8.47 12.45
CA TYR E 220 -45.69 -7.42 12.69
C TYR E 220 -44.28 -7.76 12.21
N LEU E 221 -44.04 -9.01 11.83
CA LEU E 221 -42.70 -9.50 11.54
C LEU E 221 -42.49 -9.95 10.09
N PHE E 222 -43.56 -10.29 9.38
CA PHE E 222 -43.42 -10.77 8.01
C PHE E 222 -44.38 -10.12 7.02
N ASP E 223 -45.28 -9.26 7.54
CA ASP E 223 -46.03 -8.38 6.65
C ASP E 223 -45.07 -7.37 6.06
N LYS E 224 -45.14 -7.15 4.76
CA LYS E 224 -44.12 -6.40 4.03
C LYS E 224 -43.78 -4.93 4.36
N SER E 225 -44.37 -3.88 4.31
CA SER E 225 -45.67 -3.96 5.00
C SER E 225 -45.64 -3.98 6.53
N ASN E 226 -44.81 -3.78 7.45
CA ASN E 226 -44.72 -3.40 8.85
C ASN E 226 -43.29 -3.10 9.26
N PHE E 227 -42.65 -4.05 9.94
CA PHE E 227 -41.33 -3.80 10.52
C PHE E 227 -40.21 -3.85 9.50
N SER E 228 -40.41 -4.55 8.40
CA SER E 228 -39.42 -4.51 7.36
C SER E 228 -39.39 -3.10 6.80
N ARG E 229 -40.56 -2.54 6.54
CA ARG E 229 -40.66 -1.16 6.05
C ARG E 229 -40.11 -0.16 7.09
N TYR E 230 -40.25 -0.50 8.37
CA TYR E 230 -39.78 0.38 9.43
C TYR E 230 -38.28 0.28 9.62
N PHE E 231 -37.78 -0.95 9.57
CA PHE E 231 -36.37 -1.25 9.77
C PHE E 231 -35.53 -0.69 8.63
N THR E 232 -36.02 -0.81 7.40
CA THR E 232 -35.30 -0.28 6.25
C THR E 232 -35.20 1.21 6.45
N GLY E 233 -36.29 1.80 6.91
CA GLY E 233 -36.33 3.22 7.17
C GLY E 233 -35.28 3.58 8.18
N ARG E 234 -35.19 2.79 9.25
CA ARG E 234 -34.30 3.16 10.35
C ARG E 234 -32.83 2.99 10.02
N VAL E 235 -32.52 2.04 9.15
CA VAL E 235 -31.18 1.90 8.61
C VAL E 235 -30.81 3.03 7.62
N LEU E 236 -31.69 3.31 6.66
CA LEU E 236 -31.38 4.28 5.63
C LEU E 236 -31.32 5.65 6.24
N GLU E 237 -32.02 5.83 7.35
CA GLU E 237 -31.92 7.04 8.12
C GLU E 237 -30.47 7.21 8.63
N ALA E 238 -29.89 6.13 9.16
CA ALA E 238 -28.53 6.22 9.66
C ALA E 238 -27.53 6.41 8.53
N VAL E 239 -27.74 5.67 7.44
CA VAL E 239 -26.89 5.69 6.26
C VAL E 239 -26.90 7.06 5.55
N LEU E 240 -28.10 7.56 5.27
CA LEU E 240 -28.23 8.84 4.57
C LEU E 240 -27.79 10.04 5.41
N LYS E 241 -27.65 9.87 6.74
CA LYS E 241 -27.16 10.96 7.58
C LYS E 241 -25.71 11.20 7.27
N ARG E 242 -24.96 10.13 7.08
CA ARG E 242 -23.55 10.28 6.70
C ARG E 242 -23.39 10.70 5.23
N THR E 243 -24.33 10.31 4.37
CA THR E 243 -24.18 10.59 2.97
C THR E 243 -24.43 12.06 2.75
N LYS E 244 -25.45 12.58 3.42
CA LYS E 244 -25.83 13.99 3.34
C LYS E 244 -24.66 14.84 3.71
N ALA E 245 -23.95 14.42 4.75
CA ALA E 245 -22.75 15.13 5.19
C ALA E 245 -21.60 15.02 4.19
N TYR E 246 -21.30 13.81 3.70
CA TYR E 246 -20.37 13.63 2.58
C TYR E 246 -20.72 14.48 1.36
N LEU E 247 -22.03 14.64 1.08
CA LEU E 247 -22.49 15.40 -0.08
C LEU E 247 -22.41 16.89 0.17
N ASP E 248 -22.48 17.27 1.42
CA ASP E 248 -22.38 18.68 1.75
C ASP E 248 -20.93 19.11 1.53
N ILE E 249 -20.01 18.31 2.03
CA ILE E 249 -18.60 18.53 1.78
C ILE E 249 -18.24 18.55 0.28
N LEU E 250 -18.68 17.52 -0.45
CA LEU E 250 -18.31 17.33 -1.87
C LEU E 250 -18.93 18.33 -2.87
N THR E 251 -20.15 18.79 -2.58
CA THR E 251 -20.86 19.68 -3.50
C THR E 251 -21.17 21.06 -2.91
N ASN E 252 -20.57 21.40 -1.78
CA ASN E 252 -20.86 22.65 -1.07
C ASN E 252 -22.37 22.88 -0.89
N GLY E 253 -23.03 21.97 -0.18
CA GLY E 253 -24.44 22.11 0.15
C GLY E 253 -25.48 21.99 -0.95
N ARG E 254 -25.05 21.81 -2.20
CA ARG E 254 -25.99 21.70 -3.31
C ARG E 254 -26.87 20.44 -3.30
N PHE E 255 -26.26 19.27 -3.12
CA PHE E 255 -27.02 18.03 -3.21
C PHE E 255 -27.49 17.48 -1.88
N ASP E 256 -28.75 17.08 -1.83
CA ASP E 256 -29.28 16.42 -0.66
C ASP E 256 -29.84 15.10 -1.11
N ILE E 257 -29.81 14.09 -0.26
CA ILE E 257 -30.37 12.80 -0.64
C ILE E 257 -31.38 12.30 0.39
N ASP E 258 -32.50 11.78 -0.07
CA ASP E 258 -33.40 11.07 0.82
C ASP E 258 -33.99 9.86 0.11
N PHE E 259 -34.64 9.01 0.89
CA PHE E 259 -35.23 7.77 0.37
C PHE E 259 -36.74 7.76 0.56
N ASP E 260 -37.48 7.61 -0.53
CA ASP E 260 -38.94 7.50 -0.48
C ASP E 260 -39.42 6.28 -1.27
N ASP E 261 -40.20 5.42 -0.63
CA ASP E 261 -40.77 4.25 -1.31
C ASP E 261 -41.74 4.63 -2.42
N GLU E 262 -42.61 5.59 -2.13
CA GLU E 262 -43.63 6.04 -3.08
C GLU E 262 -43.05 6.69 -4.33
N LYS E 263 -42.02 7.50 -4.14
CA LYS E 263 -41.40 8.28 -5.20
C LYS E 263 -40.39 7.46 -6.01
N GLY E 264 -40.44 6.15 -5.89
CA GLY E 264 -39.65 5.30 -6.75
C GLY E 264 -38.22 4.97 -6.32
N GLY E 265 -37.77 5.46 -5.18
CA GLY E 265 -36.49 4.98 -4.66
C GLY E 265 -35.65 6.05 -4.02
N PHE E 266 -34.38 6.08 -4.40
CA PHE E 266 -33.51 7.15 -4.00
C PHE E 266 -33.92 8.44 -4.73
N ILE E 267 -34.08 9.50 -3.94
CA ILE E 267 -34.62 10.77 -4.43
C ILE E 267 -33.67 11.86 -4.04
N ILE E 268 -33.21 12.61 -5.02
CA ILE E 268 -32.17 13.62 -4.80
C ILE E 268 -32.76 15.02 -4.87
N LYS E 269 -32.30 15.88 -3.98
CA LYS E 269 -32.60 17.32 -4.05
C LYS E 269 -31.42 18.12 -4.58
N ASP E 270 -31.69 18.93 -5.60
CA ASP E 270 -30.66 19.77 -6.23
C ASP E 270 -31.02 21.23 -5.96
N TRP E 271 -30.27 21.90 -5.07
CA TRP E 271 -30.73 23.19 -4.50
C TRP E 271 -32.21 23.10 -4.15
N GLY E 272 -32.59 22.07 -3.40
CA GLY E 272 -33.97 21.93 -3.02
C GLY E 272 -34.86 21.26 -4.04
N ILE E 273 -34.54 21.40 -5.32
CA ILE E 273 -35.34 20.76 -6.36
C ILE E 273 -35.24 19.22 -6.41
N GLU E 274 -36.39 18.53 -6.41
CA GLU E 274 -36.44 17.05 -6.45
C GLU E 274 -36.12 16.43 -7.82
N ARG E 275 -35.36 15.33 -7.79
CA ARG E 275 -34.96 14.60 -9.01
C ARG E 275 -34.71 13.12 -8.72
N PRO E 276 -35.28 12.23 -9.53
CA PRO E 276 -35.03 10.80 -9.36
C PRO E 276 -33.57 10.46 -9.71
N ALA E 277 -32.96 9.57 -8.94
CA ALA E 277 -31.52 9.30 -9.07
C ALA E 277 -31.04 9.07 -10.53
N ARG E 278 -31.91 8.54 -11.38
CA ARG E 278 -31.59 8.33 -12.78
C ARG E 278 -31.52 9.66 -13.58
N GLY E 279 -31.99 10.75 -12.98
CA GLY E 279 -31.96 12.04 -13.65
C GLY E 279 -30.56 12.55 -13.73
N LEU E 280 -29.76 12.18 -12.73
CA LEU E 280 -28.38 12.63 -12.59
C LEU E 280 -27.52 12.33 -13.81
N SER E 281 -26.31 12.87 -13.83
CA SER E 281 -25.43 12.66 -14.96
C SER E 281 -24.43 11.61 -14.59
N GLY E 282 -23.53 11.28 -15.53
CA GLY E 282 -22.43 10.40 -15.24
C GLY E 282 -21.65 10.68 -13.96
N GLY E 283 -21.00 11.84 -13.86
CA GLY E 283 -20.19 12.17 -12.70
C GLY E 283 -21.01 12.29 -11.40
N GLU E 284 -22.13 12.99 -11.48
CA GLU E 284 -23.00 13.15 -10.33
C GLU E 284 -23.50 11.81 -9.79
N ARG E 285 -23.73 10.85 -10.69
CA ARG E 285 -24.11 9.49 -10.32
C ARG E 285 -23.00 8.72 -9.61
N ALA E 286 -21.80 8.89 -10.11
CA ALA E 286 -20.59 8.26 -9.60
C ALA E 286 -20.34 8.86 -8.25
N LEU E 287 -20.29 10.19 -8.22
CA LEU E 287 -20.13 10.94 -6.99
C LEU E 287 -21.17 10.56 -5.92
N ILE E 288 -22.47 10.58 -6.25
CA ILE E 288 -23.53 10.12 -5.32
C ILE E 288 -23.71 8.58 -5.15
N SER E 289 -23.05 7.75 -5.97
CA SER E 289 -22.96 6.38 -5.56
C SER E 289 -21.80 6.13 -4.60
N ILE E 290 -20.68 6.80 -4.83
CA ILE E 290 -19.50 6.58 -3.99
C ILE E 290 -19.72 7.03 -2.52
N SER E 291 -20.23 8.25 -2.28
CA SER E 291 -20.51 8.71 -0.91
C SER E 291 -21.63 7.83 -0.25
N LEU E 292 -22.55 7.25 -1.05
CA LEU E 292 -23.59 6.37 -0.48
C LEU E 292 -23.00 5.03 -0.16
N ALA E 293 -21.92 4.66 -0.87
CA ALA E 293 -21.28 3.37 -0.65
C ALA E 293 -20.33 3.42 0.51
N MET E 294 -19.72 4.56 0.76
CA MET E 294 -18.75 4.61 1.83
C MET E 294 -19.48 4.88 3.13
N SER E 295 -20.70 5.39 3.00
CA SER E 295 -21.65 5.52 4.11
C SER E 295 -22.18 4.17 4.62
N LEU E 296 -22.54 3.30 3.68
CA LEU E 296 -23.05 1.97 4.00
C LEU E 296 -21.98 1.15 4.70
N ALA E 297 -20.74 1.27 4.22
CA ALA E 297 -19.65 0.50 4.75
C ALA E 297 -19.35 0.93 6.16
N GLU E 298 -19.50 2.24 6.43
CA GLU E 298 -19.28 2.75 7.78
C GLU E 298 -20.32 2.20 8.75
N VAL E 299 -21.58 2.26 8.35
CA VAL E 299 -22.68 1.76 9.18
C VAL E 299 -22.71 0.20 9.24
N ALA E 300 -21.90 -0.48 8.43
CA ALA E 300 -21.91 -1.92 8.45
C ALA E 300 -20.61 -2.52 8.96
N SER E 301 -19.85 -1.75 9.72
CA SER E 301 -18.56 -2.23 10.25
C SER E 301 -18.78 -3.25 11.37
N GLY E 302 -18.11 -4.39 11.26
CA GLY E 302 -18.39 -5.53 12.10
C GLY E 302 -19.11 -6.60 11.30
N ARG E 303 -20.20 -6.20 10.65
CA ARG E 303 -20.88 -7.07 9.71
C ARG E 303 -20.06 -7.19 8.42
N LEU E 304 -19.90 -6.07 7.70
CA LEU E 304 -19.11 -6.04 6.48
C LEU E 304 -17.84 -5.25 6.72
N ASP E 305 -16.68 -5.88 6.53
CA ASP E 305 -15.41 -5.22 6.87
C ASP E 305 -14.44 -4.95 5.72
N ALA E 306 -14.95 -4.97 4.50
CA ALA E 306 -14.17 -4.65 3.33
C ALA E 306 -14.95 -3.61 2.54
N PHE E 307 -14.25 -2.86 1.71
CA PHE E 307 -14.89 -1.91 0.83
C PHE E 307 -14.05 -1.86 -0.44
N PHE E 308 -14.60 -2.38 -1.54
CA PHE E 308 -13.87 -2.42 -2.82
C PHE E 308 -14.52 -1.61 -3.93
N ILE E 309 -13.76 -0.78 -4.64
CA ILE E 309 -14.31 -0.18 -5.85
C ILE E 309 -13.44 -0.35 -7.09
N ASP E 310 -14.06 -0.85 -8.15
CA ASP E 310 -13.37 -1.07 -9.40
C ASP E 310 -13.83 0.01 -10.34
N GLU E 311 -13.10 1.13 -10.37
CA GLU E 311 -13.24 2.16 -11.41
C GLU E 311 -14.55 2.97 -11.50
N GLY E 312 -14.91 3.67 -10.45
CA GLY E 312 -15.87 4.74 -10.56
C GLY E 312 -15.42 6.01 -11.25
N PHE E 313 -14.23 6.41 -10.90
CA PHE E 313 -13.79 7.73 -10.69
C PHE E 313 -13.41 8.30 -12.00
N SER E 314 -13.68 7.62 -13.05
CA SER E 314 -13.26 8.15 -14.34
C SER E 314 -14.40 8.89 -15.00
N SER E 315 -15.61 8.68 -14.54
CA SER E 315 -16.71 9.51 -15.00
C SER E 315 -16.36 10.95 -14.61
N LEU E 316 -15.67 11.08 -13.49
CA LEU E 316 -15.52 12.33 -12.76
C LEU E 316 -14.51 13.31 -13.40
N ASP E 317 -14.81 14.62 -13.39
CA ASP E 317 -13.88 15.66 -13.85
C ASP E 317 -12.81 15.89 -12.80
N THR E 318 -11.84 16.75 -13.09
CA THR E 318 -10.64 16.87 -12.27
C THR E 318 -10.95 17.39 -10.88
N GLU E 319 -11.82 18.39 -10.81
CA GLU E 319 -12.28 18.93 -9.54
C GLU E 319 -12.91 17.84 -8.68
N ASN E 320 -13.87 17.13 -9.25
CA ASN E 320 -14.62 16.11 -8.49
C ASN E 320 -13.79 14.90 -8.13
N LYS E 321 -12.82 14.57 -8.97
CA LYS E 321 -11.97 13.40 -8.76
C LYS E 321 -11.10 13.63 -7.54
N GLU E 322 -10.53 14.83 -7.44
CA GLU E 322 -9.69 15.22 -6.33
C GLU E 322 -10.50 15.36 -5.06
N LYS E 323 -11.72 15.87 -5.18
CA LYS E 323 -12.57 16.04 -4.00
C LYS E 323 -12.95 14.68 -3.46
N ILE E 324 -13.34 13.79 -4.36
CA ILE E 324 -13.74 12.44 -3.99
C ILE E 324 -12.55 11.72 -3.37
N ALA E 325 -11.38 11.92 -3.96
CA ALA E 325 -10.16 11.32 -3.46
C ALA E 325 -9.85 11.80 -2.05
N SER E 326 -10.08 13.09 -1.81
CA SER E 326 -9.79 13.67 -0.50
C SER E 326 -10.62 13.01 0.60
N VAL E 327 -11.93 12.84 0.37
CA VAL E 327 -12.79 12.25 1.40
C VAL E 327 -12.45 10.75 1.61
N LEU E 328 -12.32 10.02 0.52
CA LEU E 328 -11.91 8.64 0.55
C LEU E 328 -10.63 8.43 1.33
N LYS E 329 -9.64 9.29 1.12
CA LYS E 329 -8.36 9.19 1.81
C LYS E 329 -8.56 9.28 3.34
N GLU E 330 -9.63 9.94 3.76
CA GLU E 330 -9.92 10.10 5.17
C GLU E 330 -10.69 8.91 5.72
N LEU E 331 -10.58 7.78 5.03
CA LEU E 331 -11.11 6.52 5.52
C LEU E 331 -9.94 5.71 6.01
N GLU E 332 -8.74 6.09 5.56
CA GLU E 332 -7.47 5.42 5.84
C GLU E 332 -7.34 4.99 7.31
N ARG E 333 -8.07 5.70 8.17
CA ARG E 333 -8.01 5.51 9.60
C ARG E 333 -8.71 4.23 10.03
N LEU E 334 -9.77 3.89 9.30
CA LEU E 334 -10.68 2.82 9.65
C LEU E 334 -9.97 1.47 9.73
N ASN E 335 -10.55 0.57 10.53
CA ASN E 335 -10.13 -0.82 10.60
C ASN E 335 -10.87 -1.57 9.48
N LYS E 336 -10.66 -1.11 8.24
CA LYS E 336 -11.36 -1.66 7.09
C LYS E 336 -10.36 -1.98 6.01
N VAL E 337 -10.54 -3.12 5.31
CA VAL E 337 -9.75 -3.40 4.12
C VAL E 337 -10.33 -2.71 2.89
N ILE E 338 -9.83 -1.51 2.60
CA ILE E 338 -10.37 -0.65 1.56
C ILE E 338 -9.47 -0.76 0.34
N VAL E 339 -10.06 -1.05 -0.80
CA VAL E 339 -9.26 -1.24 -2.01
C VAL E 339 -9.94 -0.62 -3.21
N PHE E 340 -9.25 0.30 -3.85
CA PHE E 340 -9.76 0.88 -5.06
C PHE E 340 -8.91 0.44 -6.22
N ILE E 341 -9.53 0.27 -7.37
CA ILE E 341 -8.87 -0.18 -8.56
C ILE E 341 -8.96 0.87 -9.67
N THR E 342 -7.84 1.17 -10.31
CA THR E 342 -7.80 2.24 -11.32
C THR E 342 -6.66 2.10 -12.32
N HIS E 343 -6.86 2.60 -13.53
CA HIS E 343 -5.76 2.76 -14.48
C HIS E 343 -5.27 4.21 -14.43
N ASP E 344 -6.17 5.11 -14.05
CA ASP E 344 -5.95 6.54 -13.87
C ASP E 344 -4.87 6.87 -12.85
N ARG E 345 -3.74 7.40 -13.30
CA ARG E 345 -2.64 7.72 -12.39
C ARG E 345 -2.89 8.99 -11.57
N GLU E 346 -3.74 9.88 -12.09
CA GLU E 346 -4.02 11.14 -11.41
C GLU E 346 -4.71 10.86 -10.06
N PHE E 347 -5.67 9.95 -10.10
CA PHE E 347 -6.33 9.46 -8.90
C PHE E 347 -5.36 8.66 -8.04
N SER E 348 -4.69 7.67 -8.62
CA SER E 348 -3.91 6.72 -7.83
C SER E 348 -2.77 7.37 -7.03
N GLU E 349 -2.09 8.35 -7.64
CA GLU E 349 -0.94 9.00 -6.99
C GLU E 349 -1.34 9.67 -5.66
N ALA E 350 -2.59 10.09 -5.57
CA ALA E 350 -3.13 10.63 -4.34
C ALA E 350 -2.95 9.71 -3.13
N PHE E 351 -2.87 8.40 -3.35
CA PHE E 351 -2.76 7.45 -2.21
C PHE E 351 -1.35 6.90 -2.03
N ASP E 352 -1.07 6.43 -0.82
CA ASP E 352 0.26 5.93 -0.46
C ASP E 352 0.53 4.48 -0.84
N ARG E 353 -0.30 3.56 -0.37
CA ARG E 353 -0.03 2.13 -0.54
C ARG E 353 -0.51 1.65 -1.90
N LYS E 354 0.42 1.17 -2.72
CA LYS E 354 0.05 0.82 -4.07
C LYS E 354 0.34 -0.63 -4.37
N LEU E 355 -0.36 -1.15 -5.35
CA LEU E 355 -0.12 -2.52 -5.79
C LEU E 355 -0.25 -2.46 -7.30
N ARG E 356 0.86 -2.63 -8.00
CA ARG E 356 0.78 -2.46 -9.43
C ARG E 356 0.67 -3.82 -10.12
N ILE E 357 -0.26 -3.94 -11.06
CA ILE E 357 -0.44 -5.19 -11.78
C ILE E 357 -0.37 -4.96 -13.27
N THR E 358 0.59 -5.63 -13.90
CA THR E 358 0.67 -5.65 -15.36
C THR E 358 0.94 -7.05 -15.89
N GLY E 359 0.23 -7.42 -16.96
CA GLY E 359 0.40 -8.70 -17.61
C GLY E 359 -0.02 -9.91 -16.79
N GLY E 360 -0.95 -9.73 -15.85
CA GLY E 360 -1.33 -10.83 -15.00
C GLY E 360 -0.38 -11.15 -13.86
N VAL E 361 0.56 -10.27 -13.54
CA VAL E 361 1.42 -10.45 -12.36
C VAL E 361 1.63 -9.13 -11.61
N VAL E 362 2.04 -9.20 -10.35
CA VAL E 362 2.34 -7.99 -9.58
C VAL E 362 3.74 -7.49 -9.94
N VAL E 363 3.92 -6.21 -10.11
CA VAL E 363 5.21 -5.74 -10.54
C VAL E 363 5.94 -4.83 -9.59
N ASN E 364 7.25 -5.04 -9.53
CA ASN E 364 8.23 -4.23 -8.79
C ASN E 364 8.21 -4.31 -7.28
N ASP F 1 -24.88 -3.00 18.94
CA ASP F 1 -25.10 -1.94 17.95
C ASP F 1 -26.55 -1.43 17.98
N LYS F 2 -26.71 -0.17 17.59
CA LYS F 2 -28.04 0.45 17.49
C LYS F 2 -28.97 -0.25 16.49
N LEU F 3 -28.45 -0.45 15.27
CA LEU F 3 -29.20 -1.12 14.23
C LEU F 3 -29.07 -2.61 14.41
N ASP F 4 -29.54 -3.07 15.55
CA ASP F 4 -29.77 -4.49 15.82
C ASP F 4 -31.24 -4.86 15.60
N TYR F 5 -31.48 -5.74 14.64
CA TYR F 5 -32.82 -6.12 14.20
C TYR F 5 -33.86 -6.25 15.31
N PHE F 6 -33.61 -7.15 16.25
CA PHE F 6 -34.59 -7.39 17.30
C PHE F 6 -34.62 -6.31 18.38
N GLU F 7 -33.50 -5.64 18.59
CA GLU F 7 -33.48 -4.48 19.49
C GLU F 7 -34.24 -3.30 18.87
N LEU F 8 -34.20 -3.23 17.55
CA LEU F 8 -35.09 -2.37 16.78
C LEU F 8 -36.52 -2.86 16.96
N PHE F 9 -36.68 -4.19 16.97
CA PHE F 9 -38.01 -4.80 17.04
C PHE F 9 -38.57 -4.83 18.46
N LYS F 10 -37.70 -4.94 19.45
CA LYS F 10 -38.09 -4.74 20.84
C LYS F 10 -38.79 -3.38 21.04
N GLU F 11 -38.53 -2.43 20.14
CA GLU F 11 -39.02 -1.06 20.31
C GLU F 11 -40.16 -0.69 19.37
N TYR F 12 -40.13 -1.21 18.16
CA TYR F 12 -41.22 -1.00 17.19
C TYR F 12 -42.55 -1.50 17.74
N LEU F 13 -42.48 -2.41 18.70
CA LEU F 13 -43.64 -3.03 19.31
C LEU F 13 -44.19 -2.16 20.44
N LYS F 14 -43.30 -1.66 21.28
CA LYS F 14 -43.68 -0.83 22.44
C LYS F 14 -44.48 0.43 22.07
N LYS F 15 -44.18 0.97 20.89
CA LYS F 15 -44.99 2.02 20.28
C LYS F 15 -46.36 1.51 19.81
N ARG F 16 -46.35 0.34 19.18
CA ARG F 16 -47.54 -0.21 18.53
C ARG F 16 -48.30 -1.26 19.35
N GLU F 17 -47.77 -1.60 20.52
CA GLU F 17 -48.43 -2.61 21.36
C GLU F 17 -48.45 -2.31 22.85
N GLU F 18 -49.56 -2.73 23.48
CA GLU F 18 -49.69 -2.72 24.93
C GLU F 18 -49.41 -4.12 25.46
N ASN F 19 -49.89 -5.13 24.73
CA ASN F 19 -49.65 -6.53 25.06
C ASN F 19 -48.25 -6.97 24.60
N HIS F 20 -47.31 -6.03 24.61
CA HIS F 20 -45.97 -6.26 24.10
C HIS F 20 -45.09 -7.01 25.08
N GLU F 21 -45.63 -7.37 26.24
CA GLU F 21 -44.88 -8.14 27.23
C GLU F 21 -44.90 -9.61 26.88
N LYS F 22 -46.11 -10.16 26.74
CA LYS F 22 -46.28 -11.57 26.39
C LYS F 22 -45.87 -11.81 24.95
N LEU F 23 -45.97 -10.78 24.11
CA LEU F 23 -45.55 -10.91 22.72
C LEU F 23 -44.04 -11.02 22.57
N LEU F 24 -43.30 -10.13 23.22
CA LEU F 24 -41.85 -10.21 23.19
C LEU F 24 -41.39 -11.41 24.00
N LYS F 25 -42.26 -11.91 24.88
CA LYS F 25 -42.02 -13.17 25.57
C LYS F 25 -42.05 -14.30 24.54
N ILE F 26 -43.16 -14.38 23.82
CA ILE F 26 -43.36 -15.38 22.78
C ILE F 26 -42.23 -15.37 21.77
N LEU F 27 -41.83 -14.17 21.37
CA LEU F 27 -40.75 -13.99 20.40
C LEU F 27 -39.46 -14.57 20.97
N ASP F 28 -39.22 -14.34 22.25
CA ASP F 28 -38.02 -14.87 22.89
C ASP F 28 -38.02 -16.41 22.99
N GLU F 29 -39.17 -17.01 23.30
CA GLU F 29 -39.24 -18.47 23.38
C GLU F 29 -38.91 -19.05 22.02
N LEU F 30 -39.52 -18.47 21.00
CA LEU F 30 -39.35 -18.92 19.63
C LEU F 30 -37.90 -18.84 19.14
N LEU F 31 -37.24 -17.71 19.39
CA LEU F 31 -35.85 -17.55 18.95
C LEU F 31 -34.92 -18.55 19.65
N ASP F 32 -35.27 -18.91 20.87
CA ASP F 32 -34.56 -19.95 21.65
C ASP F 32 -34.61 -21.36 21.05
N GLU F 33 -35.78 -21.81 20.61
CA GLU F 33 -35.88 -23.07 19.88
C GLU F 33 -35.47 -22.91 18.42
N VAL F 34 -34.94 -21.75 18.09
CA VAL F 34 -34.19 -21.58 16.85
C VAL F 34 -32.71 -21.64 17.21
N LYS F 35 -32.35 -21.05 18.35
CA LYS F 35 -30.99 -21.16 18.86
C LYS F 35 -30.59 -22.62 19.06
N LYS F 36 -31.48 -23.39 19.68
CA LYS F 36 -31.26 -24.82 19.88
C LYS F 36 -30.99 -25.55 18.56
N MET I 1 11.93 -5.69 39.91
CA MET I 1 11.20 -6.33 38.82
C MET I 1 11.60 -7.79 38.72
N ARG I 2 10.79 -8.66 39.27
CA ARG I 2 11.15 -10.07 39.27
C ARG I 2 10.21 -10.84 38.36
N PRO I 3 10.70 -11.17 37.15
CA PRO I 3 9.98 -11.92 36.11
C PRO I 3 9.55 -13.22 36.71
N GLU I 4 8.33 -13.68 36.45
CA GLU I 4 7.89 -14.94 37.03
C GLU I 4 7.48 -15.97 35.96
N ARG I 5 6.54 -15.57 35.10
CA ARG I 5 6.12 -16.42 34.01
C ARG I 5 6.03 -15.60 32.71
N LEU I 6 6.42 -16.20 31.57
CA LEU I 6 6.25 -15.53 30.28
C LEU I 6 5.74 -16.47 29.19
N THR I 7 4.66 -16.07 28.53
CA THR I 7 4.11 -16.86 27.44
C THR I 7 4.11 -16.03 26.15
N VAL I 8 4.50 -16.63 25.03
CA VAL I 8 4.63 -15.88 23.78
C VAL I 8 4.06 -16.64 22.59
N ARG I 9 3.29 -15.97 21.74
CA ARG I 9 2.85 -16.55 20.47
C ARG I 9 3.20 -15.58 19.34
N ASN I 10 3.88 -16.10 18.31
CA ASN I 10 4.22 -15.36 17.10
C ASN I 10 4.82 -13.95 17.30
N PHE I 11 5.83 -13.86 18.15
CA PHE I 11 6.50 -12.58 18.36
C PHE I 11 7.91 -12.73 17.82
N LEU I 12 8.27 -11.87 16.87
CA LEU I 12 9.58 -11.96 16.27
C LEU I 12 9.74 -13.36 15.68
N GLY I 13 10.83 -14.01 16.07
CA GLY I 13 11.16 -15.35 15.63
C GLY I 13 10.60 -16.48 16.50
N LEU I 14 9.77 -16.11 17.47
CA LEU I 14 9.19 -17.08 18.39
C LEU I 14 7.85 -17.55 17.86
N LYS I 15 7.57 -18.84 17.96
CA LYS I 15 6.26 -19.36 17.56
C LYS I 15 5.43 -19.56 18.84
N ASN I 16 5.84 -20.52 19.65
CA ASN I 16 5.25 -20.77 20.98
C ASN I 16 6.32 -20.97 22.05
N VAL I 17 6.08 -20.35 23.20
CA VAL I 17 7.02 -20.39 24.30
C VAL I 17 6.28 -20.13 25.61
N ASP I 18 6.47 -21.04 26.57
CA ASP I 18 5.96 -20.87 27.94
C ASP I 18 7.18 -21.04 28.85
N ILE I 19 7.38 -20.12 29.77
CA ILE I 19 8.61 -20.08 30.54
C ILE I 19 8.33 -19.61 31.98
N GLU I 20 8.72 -20.43 32.95
CA GLU I 20 8.71 -19.99 34.34
C GLU I 20 10.10 -19.53 34.65
N PHE I 21 10.22 -18.45 35.39
CA PHE I 21 11.54 -17.94 35.67
C PHE I 21 11.97 -18.41 37.04
N GLN I 22 13.23 -18.78 37.13
CA GLN I 22 13.82 -19.22 38.39
C GLN I 22 14.82 -18.22 38.96
N SER I 23 15.04 -18.32 40.27
CA SER I 23 16.11 -17.60 40.95
C SER I 23 17.46 -18.20 40.56
N GLY I 24 18.52 -17.39 40.62
CA GLY I 24 19.82 -17.82 40.14
C GLY I 24 19.97 -17.75 38.63
N ILE I 25 21.12 -18.18 38.14
CA ILE I 25 21.48 -18.15 36.72
C ILE I 25 20.83 -19.26 35.87
N THR I 26 20.24 -18.85 34.75
CA THR I 26 19.91 -19.74 33.63
C THR I 26 20.60 -19.18 32.39
N VAL I 27 21.12 -20.06 31.56
CA VAL I 27 21.78 -19.65 30.32
C VAL I 27 20.89 -20.00 29.12
N VAL I 28 20.49 -18.99 28.36
CA VAL I 28 19.71 -19.25 27.16
C VAL I 28 20.66 -19.55 25.97
N GLU I 29 20.47 -20.71 25.34
CA GLU I 29 21.44 -21.21 24.39
C GLU I 29 20.78 -21.68 23.07
N GLY I 30 21.50 -21.56 21.97
CA GLY I 30 20.94 -21.84 20.67
C GLY I 30 21.63 -21.10 19.54
N PRO I 31 21.49 -21.62 18.31
CA PRO I 31 22.14 -21.15 17.08
C PRO I 31 21.62 -19.78 16.61
N ASN I 32 22.30 -19.15 15.63
CA ASN I 32 21.86 -17.83 15.11
C ASN I 32 20.44 -17.98 14.55
N GLY I 33 19.56 -17.06 14.89
CA GLY I 33 18.18 -17.20 14.48
C GLY I 33 17.32 -18.21 15.23
N ALA I 34 17.81 -18.77 16.33
CA ALA I 34 16.98 -19.63 17.17
C ALA I 34 15.70 -18.95 17.68
N GLY I 35 15.84 -17.71 18.15
CA GLY I 35 14.80 -16.99 18.89
C GLY I 35 15.26 -16.49 20.26
N LYS I 36 16.57 -16.38 20.47
CA LYS I 36 17.08 -15.99 21.78
C LYS I 36 16.93 -14.49 22.11
N SER I 37 17.21 -13.63 21.15
CA SER I 37 16.95 -12.20 21.37
C SER I 37 15.45 -11.85 21.34
N SER I 38 14.66 -12.61 20.57
CA SER I 38 13.24 -12.30 20.39
C SER I 38 12.59 -12.49 21.73
N LEU I 39 13.18 -13.38 22.52
CA LEU I 39 12.71 -13.71 23.85
C LEU I 39 12.96 -12.53 24.75
N PHE I 40 14.21 -12.05 24.72
CA PHE I 40 14.65 -10.81 25.35
C PHE I 40 13.73 -9.64 25.02
N GLU I 41 13.38 -9.47 23.74
CA GLU I 41 12.60 -8.30 23.32
C GLU I 41 11.14 -8.41 23.77
N ALA I 42 10.66 -9.63 23.92
CA ALA I 42 9.30 -9.87 24.40
C ALA I 42 9.11 -9.26 25.80
N ILE I 43 10.09 -9.46 26.67
CA ILE I 43 10.03 -8.88 28.02
C ILE I 43 10.04 -7.36 27.97
N SER I 44 10.97 -6.82 27.21
CA SER I 44 11.06 -5.39 27.00
C SER I 44 9.76 -4.84 26.45
N PHE I 45 9.21 -5.46 25.41
CA PHE I 45 7.92 -5.03 24.85
C PHE I 45 6.74 -5.18 25.81
N ALA I 46 6.57 -6.34 26.43
CA ALA I 46 5.44 -6.53 27.34
C ALA I 46 5.34 -5.45 28.43
N LEU I 47 6.47 -5.11 29.05
CA LEU I 47 6.49 -4.01 30.02
C LEU I 47 6.35 -2.63 29.36
N PHE I 48 7.23 -2.32 28.43
CA PHE I 48 7.39 -0.92 28.07
C PHE I 48 6.73 -0.53 26.74
N GLY I 49 6.22 -1.51 26.01
CA GLY I 49 5.59 -1.30 24.72
C GLY I 49 6.60 -1.08 23.61
N ASN I 50 7.88 -1.22 23.93
CA ASN I 50 8.95 -0.99 22.95
C ASN I 50 9.93 -2.15 22.88
N GLY I 51 10.32 -2.50 21.66
CA GLY I 51 11.31 -3.53 21.49
C GLY I 51 12.68 -2.89 21.40
N ILE I 52 13.60 -3.53 20.70
CA ILE I 52 14.91 -2.95 20.52
C ILE I 52 15.18 -2.70 19.05
N ARG I 53 14.76 -3.65 18.22
CA ARG I 53 15.23 -3.67 16.84
C ARG I 53 14.33 -2.94 15.84
N TYR I 54 13.04 -2.86 16.15
CA TYR I 54 12.12 -2.10 15.31
C TYR I 54 11.51 -0.94 16.07
N PRO I 55 11.32 0.20 15.39
CA PRO I 55 10.60 1.29 16.02
C PRO I 55 9.08 1.18 15.85
N ASN I 56 8.63 0.32 14.93
CA ASN I 56 7.21 0.19 14.63
C ASN I 56 6.67 -1.07 15.29
N SER I 57 5.51 -0.99 15.93
CA SER I 57 5.02 -2.08 16.76
C SER I 57 4.57 -3.26 15.93
N TYR I 58 4.05 -2.98 14.76
CA TYR I 58 3.50 -4.07 13.98
C TYR I 58 4.59 -4.94 13.31
N ASP I 59 5.84 -4.47 13.27
CA ASP I 59 6.90 -5.28 12.69
C ASP I 59 7.34 -6.41 13.61
N TYR I 60 6.86 -6.40 14.85
CA TYR I 60 7.27 -7.42 15.80
C TYR I 60 6.42 -8.64 15.69
N VAL I 61 5.31 -8.53 15.00
CA VAL I 61 4.51 -9.72 14.75
C VAL I 61 5.32 -10.69 13.89
N ASN I 62 5.34 -11.97 14.28
CA ASN I 62 6.01 -13.00 13.50
C ASN I 62 5.35 -13.09 12.14
N ARG I 63 6.07 -12.76 11.09
CA ARG I 63 5.42 -12.72 9.79
C ARG I 63 5.01 -14.07 9.21
N ASN I 64 5.36 -15.16 9.90
CA ASN I 64 4.84 -16.47 9.52
C ASN I 64 3.50 -16.76 10.15
N ALA I 65 2.97 -15.83 10.94
CA ALA I 65 1.75 -16.09 11.70
C ALA I 65 0.53 -15.98 10.80
N VAL I 66 -0.29 -17.03 10.82
CA VAL I 66 -1.46 -17.12 9.96
C VAL I 66 -2.56 -16.15 10.40
N ASP I 67 -2.70 -15.96 11.70
CA ASP I 67 -3.75 -15.06 12.19
C ASP I 67 -3.32 -13.60 12.15
N GLY I 68 -2.06 -13.35 11.79
CA GLY I 68 -1.51 -12.01 11.70
C GLY I 68 -1.27 -11.36 13.06
N THR I 69 -1.29 -12.17 14.13
CA THR I 69 -1.34 -11.65 15.50
C THR I 69 -0.34 -12.26 16.51
N ALA I 70 0.40 -11.38 17.17
CA ALA I 70 1.30 -11.74 18.25
C ALA I 70 0.59 -11.65 19.59
N ARG I 71 1.02 -12.45 20.56
CA ARG I 71 0.46 -12.34 21.90
C ARG I 71 1.49 -12.53 23.01
N LEU I 72 1.55 -11.55 23.93
CA LEU I 72 2.41 -11.61 25.11
C LEU I 72 1.59 -11.70 26.40
N VAL I 73 1.92 -12.67 27.24
CA VAL I 73 1.48 -12.65 28.64
C VAL I 73 2.71 -12.61 29.57
N PHE I 74 2.83 -11.51 30.30
CA PHE I 74 3.93 -11.37 31.26
C PHE I 74 3.40 -11.26 32.69
N GLN I 75 3.91 -12.11 33.56
CA GLN I 75 3.61 -12.01 34.97
C GLN I 75 4.87 -11.65 35.69
N PHE I 76 4.77 -10.79 36.70
CA PHE I 76 5.96 -10.41 37.45
C PHE I 76 5.66 -9.86 38.83
N GLU I 77 6.67 -9.86 39.68
CA GLU I 77 6.53 -9.38 41.06
C GLU I 77 7.35 -8.12 41.31
N ARG I 78 6.83 -7.20 42.12
CA ARG I 78 7.60 -6.03 42.54
C ARG I 78 7.03 -5.42 43.82
N GLY I 79 7.89 -5.19 44.80
CA GLY I 79 7.49 -4.63 46.08
C GLY I 79 6.40 -5.41 46.83
N GLY I 80 6.46 -6.74 46.74
CA GLY I 80 5.45 -7.57 47.36
C GLY I 80 4.27 -7.92 46.46
N LYS I 81 3.78 -6.93 45.70
CA LYS I 81 2.66 -7.13 44.77
C LYS I 81 3.01 -7.95 43.49
N ARG I 82 1.98 -8.46 42.83
CA ARG I 82 2.13 -9.28 41.64
C ARG I 82 1.28 -8.74 40.48
N TYR I 83 1.83 -8.68 39.28
CA TYR I 83 1.13 -8.08 38.15
C TYR I 83 1.12 -9.02 36.95
N GLU I 84 0.25 -8.75 36.00
CA GLU I 84 0.21 -9.51 34.76
C GLU I 84 -0.24 -8.67 33.58
N ILE I 85 0.64 -8.58 32.57
CA ILE I 85 0.38 -7.80 31.39
C ILE I 85 0.02 -8.71 30.25
N ILE I 86 -1.09 -8.42 29.60
CA ILE I 86 -1.44 -9.10 28.37
C ILE I 86 -1.34 -8.15 27.18
N ARG I 87 -0.70 -8.59 26.10
CA ARG I 87 -0.66 -7.80 24.88
C ARG I 87 -0.93 -8.65 23.65
N GLU I 88 -1.71 -8.09 22.73
CA GLU I 88 -1.95 -8.65 21.42
C GLU I 88 -1.68 -7.60 20.35
N ILE I 89 -0.85 -7.93 19.37
CA ILE I 89 -0.61 -7.04 18.25
C ILE I 89 -1.03 -7.72 16.96
N ASN I 90 -2.09 -7.20 16.34
CA ASN I 90 -2.50 -7.68 15.04
C ASN I 90 -1.88 -6.80 13.98
N ALA I 91 -1.04 -7.41 13.13
CA ALA I 91 -0.27 -6.63 12.16
C ALA I 91 -1.16 -6.19 11.02
N LEU I 92 -2.08 -7.07 10.65
CA LEU I 92 -3.10 -6.83 9.62
C LEU I 92 -4.14 -5.77 9.96
N GLN I 93 -4.65 -5.79 11.19
CA GLN I 93 -5.63 -4.78 11.59
C GLN I 93 -5.03 -3.48 12.11
N ARG I 94 -3.71 -3.42 12.25
CA ARG I 94 -3.04 -2.26 12.89
C ARG I 94 -3.53 -1.95 14.31
N LYS I 95 -3.65 -2.99 15.14
CA LYS I 95 -4.32 -2.90 16.42
C LYS I 95 -3.34 -3.39 17.48
N HIS I 96 -3.11 -2.59 18.52
CA HIS I 96 -2.30 -3.00 19.66
C HIS I 96 -3.16 -3.03 20.95
N ASN I 97 -3.46 -4.22 21.45
CA ASN I 97 -4.18 -4.32 22.72
C ASN I 97 -3.27 -4.63 23.91
N ALA I 98 -3.53 -3.99 25.04
CA ALA I 98 -2.64 -4.12 26.19
C ALA I 98 -3.39 -3.89 27.49
N LYS I 99 -3.24 -4.80 28.44
CA LYS I 99 -3.90 -4.63 29.73
C LYS I 99 -2.91 -4.91 30.84
N LEU I 100 -3.15 -4.30 31.98
CA LEU I 100 -2.33 -4.55 33.15
C LEU I 100 -3.25 -4.79 34.36
N SER I 101 -2.97 -5.81 35.14
CA SER I 101 -3.81 -6.19 36.27
C SER I 101 -2.96 -6.52 37.45
N GLU I 102 -3.39 -6.14 38.66
CA GLU I 102 -2.73 -6.70 39.81
C GLU I 102 -3.31 -8.08 40.03
N ILE I 103 -2.49 -9.06 40.37
CA ILE I 103 -3.03 -10.35 40.78
C ILE I 103 -3.03 -10.36 42.31
N LEU I 104 -4.21 -10.17 42.88
CA LEU I 104 -4.39 -10.14 44.34
C LEU I 104 -4.05 -11.46 45.05
N GLU I 105 -3.97 -11.42 46.38
CA GLU I 105 -3.77 -12.62 47.19
C GLU I 105 -4.86 -13.64 46.90
N ASN I 106 -6.12 -13.16 46.90
CA ASN I 106 -7.28 -13.92 46.41
C ASN I 106 -6.95 -14.73 45.16
N GLY I 107 -6.21 -14.09 44.25
CA GLY I 107 -5.85 -14.69 42.99
C GLY I 107 -6.66 -14.06 41.87
N LYS I 108 -7.61 -13.21 42.26
CA LYS I 108 -8.37 -12.45 41.29
C LYS I 108 -7.53 -11.27 40.78
N LYS I 109 -7.67 -10.85 40.05
CA LYS I 109 -6.77 -10.00 39.28
C LYS I 109 -7.20 -8.54 39.34
N ALA I 110 -7.41 -7.46 39.75
CA ALA I 110 -7.93 -6.11 39.64
C ALA I 110 -7.33 -5.38 38.42
N ALA I 111 -8.15 -4.93 37.48
CA ALA I 111 -7.64 -4.18 36.33
C ALA I 111 -7.06 -2.81 36.72
N ILE I 112 -5.96 -2.43 36.08
CA ILE I 112 -5.24 -1.20 36.39
C ILE I 112 -5.13 -0.26 35.20
N ALA I 113 -4.75 -0.81 34.05
CA ALA I 113 -4.77 -0.07 32.78
C ALA I 113 -5.12 -0.99 31.61
N ALA I 114 -5.76 -0.43 30.59
CA ALA I 114 -6.23 -1.24 29.48
C ALA I 114 -5.98 -0.62 28.09
N LYS I 115 -5.00 0.26 28.01
CA LYS I 115 -4.57 0.85 26.75
C LYS I 115 -3.04 0.78 26.75
N PRO I 116 -2.40 0.81 25.57
CA PRO I 116 -0.93 0.78 25.59
C PRO I 116 -0.30 1.98 26.33
N THR I 117 -0.78 3.20 26.09
CA THR I 117 -0.24 4.36 26.81
C THR I 117 -0.46 4.31 28.33
N SER I 118 -1.65 3.89 28.76
CA SER I 118 -1.94 3.85 30.18
C SER I 118 -1.21 2.71 30.87
N VAL I 119 -0.97 1.64 30.13
CA VAL I 119 -0.17 0.52 30.67
C VAL I 119 1.28 0.98 30.82
N LYS I 120 1.79 1.66 29.79
CA LYS I 120 3.14 2.20 29.86
C LYS I 120 3.35 3.16 31.03
N GLN I 121 2.50 4.14 31.22
CA GLN I 121 2.71 5.03 32.35
C GLN I 121 2.44 4.37 33.70
N GLU I 122 1.59 3.34 33.74
CA GLU I 122 1.41 2.55 34.96
C GLU I 122 2.62 1.67 35.26
N VAL I 123 3.17 1.05 34.23
CA VAL I 123 4.37 0.25 34.43
C VAL I 123 5.60 1.06 34.88
N GLU I 124 5.81 2.23 34.31
CA GLU I 124 6.93 3.06 34.73
C GLU I 124 6.76 3.46 36.19
N LYS I 125 5.52 3.71 36.58
CA LYS I 125 5.20 4.04 37.96
C LYS I 125 5.53 2.88 38.91
N ILE I 126 5.02 1.69 38.63
CA ILE I 126 5.34 0.54 39.47
C ILE I 126 6.83 0.20 39.48
N LEU I 127 7.44 0.21 38.30
CA LEU I 127 8.86 -0.10 38.14
C LEU I 127 9.82 0.88 38.82
N GLY I 128 9.51 2.16 38.71
CA GLY I 128 10.37 3.24 39.15
C GLY I 128 11.33 3.81 38.09
N ILE I 129 11.37 3.15 36.93
CA ILE I 129 12.33 3.53 35.91
C ILE I 129 11.65 3.62 34.56
N GLU I 130 12.29 4.29 33.61
CA GLU I 130 11.78 4.35 32.25
C GLU I 130 12.49 3.30 31.36
N HIS I 131 12.14 3.23 30.09
CA HIS I 131 12.65 2.16 29.23
C HIS I 131 14.18 2.27 28.98
N ARG I 132 14.68 3.49 28.79
CA ARG I 132 16.11 3.67 28.52
C ARG I 132 16.91 3.32 29.76
N THR I 133 16.32 3.45 30.94
CA THR I 133 17.05 3.02 32.13
C THR I 133 17.11 1.50 32.17
N PHE I 134 15.98 0.87 31.92
CA PHE I 134 15.91 -0.58 31.93
C PHE I 134 16.94 -1.23 30.96
N ILE I 135 17.10 -0.68 29.77
CA ILE I 135 17.96 -1.33 28.82
C ILE I 135 19.42 -0.89 28.88
N ARG I 136 19.72 0.11 29.71
CA ARG I 136 21.10 0.55 29.89
C ARG I 136 21.64 0.05 31.23
N THR I 137 20.76 -0.35 32.13
CA THR I 137 21.22 -0.83 33.43
C THR I 137 21.37 -2.34 33.56
N VAL I 138 20.25 -3.03 33.66
CA VAL I 138 20.28 -4.44 34.10
C VAL I 138 19.66 -5.39 33.08
N PHE I 139 19.33 -4.85 31.93
CA PHE I 139 18.70 -5.63 30.90
C PHE I 139 19.38 -5.23 29.59
N LEU I 140 20.61 -5.71 29.43
CA LEU I 140 21.49 -5.32 28.33
C LEU I 140 21.23 -6.04 27.02
N PRO I 141 20.86 -5.25 26.00
CA PRO I 141 20.59 -5.72 24.63
C PRO I 141 21.86 -6.16 23.85
N GLN I 142 21.66 -7.12 22.96
CA GLN I 142 22.74 -7.62 22.13
C GLN I 142 23.38 -6.54 21.26
N GLY I 143 24.68 -6.35 21.43
CA GLY I 143 25.38 -5.32 20.68
C GLY I 143 25.47 -4.00 21.44
N GLU I 144 24.72 -3.86 22.52
CA GLU I 144 24.70 -2.61 23.27
C GLU I 144 25.31 -2.77 24.65
N ILE I 145 26.19 -3.75 24.80
CA ILE I 145 26.76 -4.05 26.11
C ILE I 145 27.37 -2.82 26.78
N ASP I 146 27.85 -1.91 25.95
CA ASP I 146 28.75 -0.85 26.39
C ASP I 146 28.14 0.56 26.35
N LYS I 147 26.84 0.64 26.09
CA LYS I 147 26.15 1.92 25.91
C LYS I 147 26.18 2.86 27.12
N LEU I 148 26.15 2.30 28.31
CA LEU I 148 26.24 3.12 29.50
C LEU I 148 27.65 3.67 29.66
N LEU I 149 28.65 2.83 29.39
CA LEU I 149 30.03 3.16 29.68
C LEU I 149 30.58 4.29 28.79
N ILE I 150 30.13 4.35 27.54
CA ILE I 150 30.55 5.45 26.66
C ILE I 150 29.51 6.56 26.58
N SER I 151 28.47 6.50 27.41
CA SER I 151 27.41 7.50 27.41
C SER I 151 27.97 8.86 27.82
N PRO I 152 27.44 9.94 27.25
CA PRO I 152 27.92 11.26 27.70
C PRO I 152 27.48 11.46 29.17
N PRO I 153 28.15 12.35 29.92
CA PRO I 153 27.94 12.46 31.38
C PRO I 153 26.49 12.67 31.79
N SER I 154 25.76 13.51 31.06
CA SER I 154 24.38 13.83 31.44
C SER I 154 23.43 12.64 31.37
N GLU I 155 23.61 11.74 30.41
CA GLU I 155 22.78 10.54 30.32
C GLU I 155 23.08 9.54 31.47
N ILE I 156 24.37 9.28 31.68
CA ILE I 156 24.85 8.48 32.81
C ILE I 156 24.19 8.88 34.13
N THR I 157 24.27 10.16 34.50
CA THR I 157 23.64 10.60 35.74
C THR I 157 22.13 10.48 35.67
N GLU I 158 21.52 10.90 34.56
CA GLU I 158 20.08 10.66 34.38
C GLU I 158 19.64 9.19 34.60
N ILE I 159 20.40 8.24 34.06
CA ILE I 159 20.04 6.80 34.10
C ILE I 159 20.20 6.15 35.47
N ILE I 160 21.40 6.13 36.02
CA ILE I 160 21.64 5.61 37.37
C ILE I 160 20.78 6.25 38.49
N SER I 161 20.58 7.57 38.45
CA SER I 161 19.82 8.24 39.49
C SER I 161 18.32 7.92 39.38
N ASP I 162 17.90 7.47 38.19
CA ASP I 162 16.51 7.10 37.93
C ASP I 162 16.12 5.80 38.68
N VAL I 163 17.05 4.88 38.77
CA VAL I 163 16.83 3.61 39.46
C VAL I 163 16.45 3.86 40.91
N PHE I 164 17.08 4.88 41.50
CA PHE I 164 17.01 5.14 42.94
C PHE I 164 16.12 6.32 43.36
N GLN I 165 15.33 6.85 42.43
CA GLN I 165 14.43 7.93 42.77
C GLN I 165 13.09 7.75 42.05
N SER I 166 12.10 8.56 42.41
CA SER I 166 10.76 8.41 41.84
C SER I 166 10.25 9.65 41.14
N LYS I 167 10.11 9.59 39.82
CA LYS I 167 9.60 10.71 39.06
C LYS I 167 8.22 11.12 39.62
N GLU I 168 7.31 10.16 39.70
CA GLU I 168 5.94 10.39 40.19
C GLU I 168 5.90 11.03 41.57
N THR I 169 6.46 10.33 42.57
CA THR I 169 6.46 10.80 43.96
C THR I 169 7.04 12.21 44.11
N LEU I 170 8.14 12.48 43.42
CA LEU I 170 8.74 13.80 43.40
C LEU I 170 7.81 14.84 42.75
N GLU I 171 7.15 14.44 41.67
CA GLU I 171 6.28 15.34 40.91
C GLU I 171 5.03 15.73 41.70
N LYS I 172 4.55 14.80 42.52
CA LYS I 172 3.35 15.05 43.30
C LYS I 172 3.68 15.83 44.58
N LEU I 173 4.92 15.73 45.03
CA LEU I 173 5.38 16.41 46.24
C LEU I 173 5.60 17.90 46.00
N GLU I 174 5.92 18.26 44.76
CA GLU I 174 6.27 19.64 44.45
C GLU I 174 5.00 20.45 44.21
N LYS I 175 4.05 19.86 43.48
CA LYS I 175 2.76 20.47 43.24
C LYS I 175 2.09 20.76 44.56
N LEU I 176 1.98 19.70 45.38
CA LEU I 176 1.40 19.80 46.72
C LEU I 176 2.11 20.85 47.58
N LEU I 177 3.38 21.09 47.29
CA LEU I 177 4.11 22.12 48.02
C LEU I 177 3.73 23.49 47.49
N LYS I 178 3.73 23.63 46.16
CA LYS I 178 3.37 24.90 45.55
C LYS I 178 1.94 25.29 45.89
N GLU I 179 1.04 24.30 45.90
CA GLU I 179 -0.37 24.55 46.24
C GLU I 179 -0.53 25.03 47.68
N LYS I 180 0.22 24.42 48.59
CA LYS I 180 0.21 24.81 50.00
C LYS I 180 0.78 26.21 50.23
N MET I 181 1.94 26.48 49.64
CA MET I 181 2.56 27.79 49.81
C MET I 181 1.70 28.82 49.14
N LYS I 182 1.05 28.45 48.04
CA LYS I 182 0.16 29.37 47.34
C LYS I 182 -1.04 29.76 48.21
N LYS I 183 -1.60 28.79 48.93
CA LYS I 183 -2.73 29.03 49.81
C LYS I 183 -2.36 29.99 50.94
N LEU I 184 -1.17 29.80 51.49
CA LEU I 184 -0.67 30.64 52.58
C LEU I 184 -0.46 32.07 52.11
N GLU I 185 0.07 32.21 50.89
CA GLU I 185 0.37 33.53 50.33
C GLU I 185 -0.91 34.31 50.03
N ASN I 186 -1.92 33.59 49.56
CA ASN I 186 -3.25 34.15 49.34
C ASN I 186 -3.80 34.67 50.65
N GLU I 187 -3.51 33.98 51.74
CA GLU I 187 -3.98 34.38 53.06
C GLU I 187 -3.09 35.47 53.65
N ILE I 188 -2.25 36.07 52.82
CA ILE I 188 -1.34 37.12 53.26
C ILE I 188 -1.22 38.22 52.21
N GLU I 201 -1.64 39.19 66.45
CA GLU I 201 -0.19 39.06 66.34
C GLU I 201 0.29 37.62 66.14
N LYS I 202 -0.32 36.69 66.87
CA LYS I 202 0.12 35.30 66.83
C LYS I 202 -0.09 34.65 65.46
N LYS I 203 -1.26 34.88 64.88
CA LYS I 203 -1.51 34.48 63.51
C LYS I 203 -0.77 35.42 62.59
N LEU I 204 -0.26 34.92 61.47
CA LEU I 204 0.42 35.79 60.51
C LEU I 204 1.87 35.99 60.90
N LYS I 205 2.26 35.44 62.05
CA LYS I 205 3.67 35.16 62.33
C LYS I 205 3.83 33.66 62.19
N GLU I 206 2.90 32.92 62.82
CA GLU I 206 2.83 31.48 62.69
C GLU I 206 2.58 31.09 61.22
N MET I 207 1.88 31.95 60.48
CA MET I 207 1.67 31.74 59.05
C MET I 207 2.84 32.27 58.23
N SER I 208 3.63 33.15 58.83
CA SER I 208 4.78 33.71 58.13
C SER I 208 5.89 32.67 58.21
N ASP I 209 6.06 32.11 59.40
CA ASP I 209 7.05 31.07 59.65
C ASP I 209 6.80 29.82 58.79
N GLU I 210 5.64 29.19 58.95
CA GLU I 210 5.31 27.98 58.22
C GLU I 210 5.41 28.17 56.70
N TYR I 211 5.42 29.41 56.25
CA TYR I 211 5.60 29.68 54.83
C TYR I 211 7.05 29.57 54.47
N ASN I 212 7.91 30.04 55.36
CA ASN I 212 9.32 30.16 55.00
C ASN I 212 10.08 28.86 55.18
N ASN I 213 9.60 28.01 56.09
CA ASN I 213 10.17 26.69 56.23
C ASN I 213 9.85 25.81 55.01
N LEU I 214 8.63 25.97 54.49
CA LEU I 214 8.23 25.30 53.27
C LEU I 214 9.16 25.67 52.12
N ASP I 215 9.40 26.96 52.01
CA ASP I 215 10.22 27.52 50.96
C ASP I 215 11.67 27.05 51.12
N LEU I 216 12.19 27.14 52.34
CA LEU I 216 13.54 26.69 52.64
C LEU I 216 13.71 25.22 52.26
N LEU I 217 12.68 24.42 52.57
CA LEU I 217 12.64 23.00 52.22
C LEU I 217 12.61 22.81 50.71
N ARG I 218 11.84 23.65 50.03
CA ARG I 218 11.70 23.58 48.58
C ARG I 218 13.04 23.82 47.91
N LYS I 219 13.80 24.76 48.45
CA LYS I 219 15.11 25.09 47.92
C LYS I 219 16.04 23.88 48.01
N TYR I 220 15.96 23.16 49.12
CA TYR I 220 16.84 22.01 49.32
C TYR I 220 16.44 20.80 48.47
N LEU I 221 15.15 20.60 48.27
CA LEU I 221 14.70 19.45 47.50
C LEU I 221 14.75 19.65 45.99
N PHE I 222 14.35 20.82 45.52
CA PHE I 222 14.05 20.97 44.10
C PHE I 222 15.04 21.75 43.24
N ASP I 223 15.82 22.67 43.82
CA ASP I 223 16.96 23.20 43.09
C ASP I 223 17.95 22.04 42.85
N LYS I 224 18.17 21.74 41.58
CA LYS I 224 19.03 20.63 41.15
C LYS I 224 20.37 20.69 41.86
N SER I 225 20.95 21.89 41.89
CA SER I 225 22.23 22.17 42.54
C SER I 225 22.26 21.76 44.01
N ASN I 226 21.10 21.57 44.61
CA ASN I 226 21.04 21.12 45.98
C ASN I 226 21.12 19.59 46.08
N PHE I 227 20.10 18.98 46.68
CA PHE I 227 20.13 17.56 46.96
C PHE I 227 20.17 16.66 45.71
N SER I 228 19.79 17.19 44.55
CA SER I 228 19.79 16.33 43.37
C SER I 228 21.23 15.97 43.01
N ARG I 229 22.06 16.99 42.81
CA ARG I 229 23.49 16.79 42.58
C ARG I 229 24.12 15.91 43.65
N TYR I 230 23.69 16.08 44.88
CA TYR I 230 24.33 15.41 45.99
C TYR I 230 24.00 13.93 45.99
N PHE I 231 22.73 13.62 45.79
CA PHE I 231 22.26 12.24 45.76
C PHE I 231 22.89 11.43 44.61
N THR I 232 23.22 12.08 43.51
CA THR I 232 23.84 11.38 42.41
C THR I 232 25.28 10.99 42.70
N GLY I 233 26.05 11.92 43.28
CA GLY I 233 27.38 11.62 43.76
C GLY I 233 27.41 10.46 44.76
N ARG I 234 26.43 10.42 45.65
CA ARG I 234 26.31 9.33 46.61
C ARG I 234 26.05 7.99 45.93
N VAL I 235 25.07 7.98 45.01
CA VAL I 235 24.76 6.79 44.25
C VAL I 235 25.97 6.34 43.43
N LEU I 236 26.66 7.29 42.81
CA LEU I 236 27.76 6.94 41.93
C LEU I 236 28.88 6.37 42.74
N GLU I 237 29.19 7.03 43.84
CA GLU I 237 30.17 6.56 44.80
C GLU I 237 29.93 5.08 45.12
N ALA I 238 28.68 4.74 45.39
CA ALA I 238 28.32 3.39 45.78
C ALA I 238 28.46 2.34 44.66
N VAL I 239 28.03 2.70 43.46
CA VAL I 239 28.13 1.83 42.29
C VAL I 239 29.58 1.55 41.85
N LEU I 240 30.42 2.58 41.86
CA LEU I 240 31.83 2.42 41.49
C LEU I 240 32.67 1.75 42.58
N LYS I 241 32.19 1.77 43.82
CA LYS I 241 32.90 1.04 44.86
C LYS I 241 32.84 -0.44 44.49
N ARG I 242 31.67 -0.90 44.06
CA ARG I 242 31.50 -2.24 43.53
C ARG I 242 32.28 -2.45 42.23
N THR I 243 32.23 -1.45 41.35
CA THR I 243 32.89 -1.52 40.05
C THR I 243 34.40 -1.64 40.18
N LYS I 244 34.95 -0.88 41.12
CA LYS I 244 36.40 -0.93 41.40
C LYS I 244 36.82 -2.27 41.97
N ALA I 245 35.98 -2.88 42.80
CA ALA I 245 36.35 -4.15 43.42
C ALA I 245 36.46 -5.27 42.36
N TYR I 246 35.48 -5.38 41.47
CA TYR I 246 35.47 -6.42 40.44
C TYR I 246 36.65 -6.29 39.51
N LEU I 247 36.97 -5.04 39.18
CA LEU I 247 38.10 -4.73 38.32
C LEU I 247 39.44 -5.10 38.95
N ASP I 248 39.55 -4.91 40.27
CA ASP I 248 40.76 -5.30 40.97
C ASP I 248 40.97 -6.79 40.76
N ILE I 249 39.91 -7.55 40.97
CA ILE I 249 39.94 -8.99 40.73
C ILE I 249 40.18 -9.33 39.26
N LEU I 250 39.27 -8.93 38.39
CA LEU I 250 39.33 -9.29 36.99
C LEU I 250 40.58 -8.78 36.24
N THR I 251 41.18 -7.68 36.67
CA THR I 251 42.36 -7.19 35.94
C THR I 251 43.65 -7.10 36.77
N ASN I 252 43.68 -7.79 37.90
CA ASN I 252 44.85 -7.84 38.76
C ASN I 252 45.35 -6.47 39.17
N GLY I 253 44.41 -5.56 39.39
CA GLY I 253 44.71 -4.20 39.78
C GLY I 253 45.16 -3.32 38.64
N ARG I 254 45.05 -3.81 37.41
CA ARG I 254 45.50 -3.05 36.24
C ARG I 254 44.64 -1.84 35.96
N PHE I 255 43.32 -2.03 36.04
CA PHE I 255 42.36 -1.01 35.66
C PHE I 255 41.57 -0.52 36.83
N ASP I 256 41.58 0.80 36.99
CA ASP I 256 40.70 1.46 37.93
C ASP I 256 39.60 2.13 37.14
N ILE I 257 38.58 2.63 37.81
CA ILE I 257 37.53 3.40 37.14
C ILE I 257 37.10 4.59 38.00
N ASP I 258 36.68 5.69 37.39
CA ASP I 258 36.18 6.85 38.14
C ASP I 258 35.20 7.59 37.25
N PHE I 259 34.56 8.61 37.79
CA PHE I 259 33.59 9.41 37.04
C PHE I 259 33.92 10.91 37.14
N ASP I 260 33.97 11.57 35.99
CA ASP I 260 34.07 13.03 35.94
C ASP I 260 33.03 13.56 34.95
N ASP I 261 32.20 14.51 35.40
CA ASP I 261 31.23 15.12 34.50
C ASP I 261 31.93 15.89 33.39
N GLU I 262 32.96 16.65 33.78
CA GLU I 262 33.74 17.45 32.84
C GLU I 262 34.52 16.63 31.81
N LYS I 263 35.10 15.53 32.27
CA LYS I 263 36.06 14.76 31.47
C LYS I 263 35.46 13.76 30.46
N GLY I 264 34.15 13.80 30.27
CA GLY I 264 33.52 12.96 29.28
C GLY I 264 32.61 11.91 29.88
N GLY I 265 32.89 11.47 31.09
CA GLY I 265 32.09 10.40 31.65
C GLY I 265 33.03 9.47 32.35
N PHE I 266 32.74 8.17 32.29
CA PHE I 266 33.62 7.22 32.92
C PHE I 266 35.00 7.39 32.28
N ILE I 267 35.98 7.51 33.17
CA ILE I 267 37.40 7.54 32.86
C ILE I 267 38.12 6.37 33.55
N ILE I 268 38.76 5.55 32.73
CA ILE I 268 39.49 4.38 33.18
C ILE I 268 40.95 4.76 33.42
N LYS I 269 41.64 4.02 34.27
CA LYS I 269 43.05 4.30 34.52
C LYS I 269 43.82 3.01 34.32
N ASP I 270 44.72 3.03 33.36
CA ASP I 270 45.53 1.86 33.02
C ASP I 270 46.84 2.06 33.75
N TRP I 271 47.04 1.27 34.80
CA TRP I 271 48.20 1.43 35.68
C TRP I 271 48.42 2.90 36.05
N GLY I 272 47.33 3.57 36.38
CA GLY I 272 47.39 4.97 36.71
C GLY I 272 47.43 5.93 35.53
N ILE I 273 46.85 5.54 34.41
CA ILE I 273 46.81 6.42 33.24
C ILE I 273 45.41 6.67 32.73
N GLU I 274 44.93 7.90 32.84
CA GLU I 274 43.57 8.20 32.42
C GLU I 274 43.34 7.98 30.93
N ARG I 275 42.59 6.93 30.64
CA ARG I 275 42.06 6.67 29.31
C ARG I 275 40.53 6.77 29.37
N PRO I 276 39.94 7.54 28.44
CA PRO I 276 38.49 7.66 28.28
C PRO I 276 37.94 6.30 27.89
N ALA I 277 36.70 6.02 28.29
CA ALA I 277 36.13 4.69 28.22
C ALA I 277 36.09 4.17 26.80
N ARG I 278 35.80 5.06 25.86
CA ARG I 278 35.77 4.69 24.45
C ARG I 278 37.14 4.19 24.01
N GLY I 279 38.20 4.83 24.49
CA GLY I 279 39.53 4.49 24.05
C GLY I 279 39.96 3.05 24.20
N LEU I 280 39.22 2.29 25.03
CA LEU I 280 39.53 0.90 25.39
C LEU I 280 39.20 -0.08 24.29
N SER I 281 39.77 -1.28 24.38
CA SER I 281 39.60 -2.21 23.29
C SER I 281 38.20 -2.78 23.34
N GLY I 282 37.82 -3.47 22.26
CA GLY I 282 36.57 -4.17 22.17
C GLY I 282 36.35 -5.07 23.38
N GLY I 283 37.37 -5.84 23.73
CA GLY I 283 37.24 -6.83 24.78
C GLY I 283 37.37 -6.23 26.17
N GLU I 284 38.19 -5.20 26.31
CA GLU I 284 38.31 -4.50 27.58
C GLU I 284 36.98 -3.80 27.90
N ARG I 285 36.24 -3.44 26.87
CA ARG I 285 35.00 -2.73 27.10
C ARG I 285 33.88 -3.67 27.49
N ALA I 286 33.82 -4.86 26.88
CA ALA I 286 32.93 -5.90 27.38
C ALA I 286 33.20 -6.17 28.87
N LEU I 287 34.42 -6.60 29.18
CA LEU I 287 34.84 -6.86 30.56
C LEU I 287 34.50 -5.74 31.58
N ILE I 288 34.78 -4.48 31.24
CA ILE I 288 34.58 -3.34 32.16
C ILE I 288 33.11 -2.89 32.22
N SER I 289 32.37 -3.16 31.14
CA SER I 289 30.94 -2.90 31.10
C SER I 289 30.19 -3.90 31.94
N ILE I 290 30.57 -5.16 31.82
CA ILE I 290 29.97 -6.19 32.64
C ILE I 290 30.23 -5.93 34.14
N SER I 291 31.38 -5.39 34.48
CA SER I 291 31.67 -5.05 35.88
C SER I 291 30.74 -3.98 36.42
N LEU I 292 30.49 -2.95 35.60
CA LEU I 292 29.62 -1.86 35.96
C LEU I 292 28.18 -2.35 36.06
N ALA I 293 27.89 -3.44 35.34
CA ALA I 293 26.53 -3.91 35.27
C ALA I 293 26.15 -4.82 36.44
N MET I 294 27.08 -5.66 36.89
CA MET I 294 26.87 -6.47 38.08
C MET I 294 26.75 -5.60 39.32
N SER I 295 27.60 -4.57 39.37
CA SER I 295 27.65 -3.61 40.44
C SER I 295 26.32 -2.91 40.52
N LEU I 296 25.80 -2.53 39.35
CA LEU I 296 24.51 -1.85 39.28
C LEU I 296 23.39 -2.74 39.79
N ALA I 297 23.44 -4.01 39.41
CA ALA I 297 22.47 -5.00 39.82
C ALA I 297 22.54 -5.21 41.34
N GLU I 298 23.74 -5.46 41.87
CA GLU I 298 23.91 -5.59 43.31
C GLU I 298 23.35 -4.38 44.08
N VAL I 299 23.81 -3.20 43.75
CA VAL I 299 23.37 -1.97 44.42
C VAL I 299 21.85 -1.71 44.24
N ALA I 300 21.24 -2.32 43.23
CA ALA I 300 19.80 -2.17 43.04
C ALA I 300 19.03 -3.45 43.39
N SER I 301 19.60 -4.29 44.24
CA SER I 301 18.91 -5.48 44.69
C SER I 301 17.70 -5.06 45.52
N GLY I 302 16.50 -5.37 45.04
CA GLY I 302 15.28 -5.00 45.73
C GLY I 302 14.41 -4.17 44.82
N ARG I 303 15.04 -3.21 44.16
CA ARG I 303 14.37 -2.33 43.23
C ARG I 303 14.31 -2.94 41.83
N LEU I 304 15.27 -3.81 41.55
CA LEU I 304 15.35 -4.46 40.25
C LEU I 304 15.95 -5.82 40.49
N ASP I 305 15.17 -6.86 40.26
CA ASP I 305 15.62 -8.19 40.65
C ASP I 305 15.71 -9.13 39.49
N ALA I 306 16.12 -8.55 38.36
CA ALA I 306 16.37 -9.27 37.13
C ALA I 306 17.68 -8.75 36.53
N PHE I 307 18.52 -9.65 36.08
CA PHE I 307 19.73 -9.27 35.43
C PHE I 307 19.85 -10.13 34.16
N PHE I 308 19.65 -9.49 33.00
CA PHE I 308 19.72 -10.17 31.71
C PHE I 308 20.81 -9.60 30.83
N ILE I 309 21.72 -10.43 30.33
CA ILE I 309 22.70 -9.99 29.32
C ILE I 309 22.57 -10.78 28.02
N ASP I 310 22.33 -10.11 26.91
CA ASP I 310 22.37 -10.79 25.61
C ASP I 310 23.61 -10.44 24.77
N GLU I 311 24.32 -11.48 24.31
CA GLU I 311 25.41 -11.35 23.34
C GLU I 311 26.58 -10.42 23.69
N GLY I 312 27.07 -10.48 24.93
CA GLY I 312 28.17 -9.63 25.36
C GLY I 312 29.57 -10.22 25.54
N PHE I 313 29.78 -11.46 25.12
CA PHE I 313 30.95 -12.21 25.53
C PHE I 313 31.79 -12.61 24.33
N SER I 314 31.23 -12.42 23.15
CA SER I 314 31.93 -12.77 21.93
C SER I 314 33.19 -11.89 21.74
N SER I 315 33.18 -10.69 22.32
CA SER I 315 34.33 -9.81 22.20
C SER I 315 35.49 -10.26 23.05
N LEU I 316 35.21 -11.07 24.06
CA LEU I 316 36.24 -11.48 25.00
C LEU I 316 37.08 -12.63 24.43
N ASP I 317 38.40 -12.59 24.63
CA ASP I 317 39.25 -13.70 24.26
C ASP I 317 39.11 -14.87 25.26
N THR I 318 39.95 -15.89 25.14
CA THR I 318 39.80 -17.09 25.96
C THR I 318 40.05 -16.87 27.46
N GLU I 319 41.17 -16.25 27.78
CA GLU I 319 41.51 -15.98 29.18
C GLU I 319 40.50 -15.08 29.90
N ASN I 320 40.01 -14.03 29.24
CA ASN I 320 38.99 -13.16 29.87
C ASN I 320 37.57 -13.72 29.87
N LYS I 321 37.31 -14.67 28.97
CA LYS I 321 36.00 -15.27 28.86
C LYS I 321 35.82 -16.24 30.04
N GLU I 322 36.93 -16.81 30.49
CA GLU I 322 36.90 -17.76 31.59
C GLU I 322 36.86 -16.97 32.88
N LYS I 323 37.59 -15.88 32.93
CA LYS I 323 37.57 -15.05 34.09
C LYS I 323 36.22 -14.50 34.38
N ILE I 324 35.54 -14.07 33.35
CA ILE I 324 34.22 -13.54 33.43
C ILE I 324 33.15 -14.54 33.78
N ALA I 325 33.25 -15.73 33.25
CA ALA I 325 32.32 -16.78 33.60
C ALA I 325 32.38 -17.21 35.04
N SER I 326 33.56 -17.43 35.55
CA SER I 326 33.88 -17.39 36.99
C SER I 326 33.09 -16.39 37.85
N VAL I 327 33.19 -15.09 37.59
CA VAL I 327 32.60 -14.12 38.52
C VAL I 327 31.11 -13.90 38.35
N LEU I 328 30.55 -14.30 37.21
CA LEU I 328 29.11 -14.20 36.99
C LEU I 328 28.51 -15.40 37.70
N LYS I 329 29.18 -16.55 37.58
CA LYS I 329 28.82 -17.77 38.28
C LYS I 329 28.69 -17.50 39.77
N GLU I 330 29.42 -16.49 40.25
CA GLU I 330 29.39 -16.18 41.67
C GLU I 330 28.12 -15.45 42.03
N LEU I 331 27.40 -14.92 41.05
CA LEU I 331 26.12 -14.25 41.30
C LEU I 331 24.97 -15.22 41.61
N GLU I 332 25.20 -16.49 41.31
CA GLU I 332 24.26 -17.60 41.50
C GLU I 332 23.66 -17.61 42.91
N ARG I 333 24.36 -16.96 43.85
CA ARG I 333 23.92 -16.86 45.24
C ARG I 333 22.64 -16.05 45.53
N LEU I 334 22.51 -14.91 44.87
CA LEU I 334 21.44 -13.96 45.15
C LEU I 334 20.05 -14.45 44.75
N ASN I 335 19.03 -14.07 45.50
CA ASN I 335 17.67 -14.48 45.18
C ASN I 335 17.05 -13.54 44.15
N LYS I 336 17.66 -13.49 42.98
CA LYS I 336 17.14 -12.73 41.85
C LYS I 336 17.38 -13.50 40.55
N VAL I 337 16.53 -13.28 39.56
CA VAL I 337 16.71 -13.92 38.27
C VAL I 337 17.97 -13.39 37.60
N ILE I 338 18.73 -14.27 36.97
CA ILE I 338 19.89 -13.86 36.20
C ILE I 338 20.00 -14.69 34.93
N VAL I 339 19.72 -14.06 33.79
CA VAL I 339 19.72 -14.77 32.53
C VAL I 339 20.83 -14.27 31.60
N PHE I 340 21.57 -15.21 31.03
CA PHE I 340 22.62 -14.90 30.07
C PHE I 340 22.32 -15.62 28.75
N ILE I 341 22.46 -14.90 27.64
CA ILE I 341 22.13 -15.43 26.32
C ILE I 341 23.40 -15.62 25.52
N THR I 342 23.55 -16.79 24.89
CA THR I 342 24.75 -17.05 24.10
C THR I 342 24.50 -18.10 23.00
N HIS I 343 25.35 -18.11 21.98
CA HIS I 343 25.30 -19.11 20.93
C HIS I 343 26.57 -19.90 21.10
N ASP I 344 27.49 -19.33 21.87
CA ASP I 344 28.74 -19.98 22.20
C ASP I 344 28.47 -21.12 23.15
N ARG I 345 28.48 -22.35 22.64
CA ARG I 345 28.25 -23.53 23.47
C ARG I 345 29.32 -23.61 24.54
N GLU I 346 30.55 -23.28 24.18
CA GLU I 346 31.64 -23.35 25.15
C GLU I 346 31.28 -22.56 26.40
N PHE I 347 31.12 -21.24 26.23
CA PHE I 347 30.76 -20.32 27.33
C PHE I 347 29.52 -20.74 28.14
N SER I 348 28.54 -21.38 27.51
CA SER I 348 27.36 -21.84 28.22
C SER I 348 27.55 -23.05 29.17
N GLU I 349 28.62 -23.81 28.98
CA GLU I 349 28.87 -25.00 29.81
C GLU I 349 29.61 -24.71 31.11
N ALA I 350 29.96 -23.45 31.30
CA ALA I 350 30.48 -23.01 32.58
C ALA I 350 29.32 -23.04 33.57
N PHE I 351 28.08 -22.98 33.05
CA PHE I 351 26.88 -22.88 33.88
C PHE I 351 26.00 -24.12 33.87
N ASP I 352 25.42 -24.41 35.03
CA ASP I 352 24.67 -25.64 35.23
C ASP I 352 23.31 -25.72 34.55
N ARG I 353 22.52 -24.65 34.65
CA ARG I 353 21.14 -24.67 34.18
C ARG I 353 20.92 -23.97 32.83
N LYS I 354 20.26 -24.63 31.89
CA LYS I 354 20.26 -24.16 30.53
C LYS I 354 18.94 -24.32 29.84
N LEU I 355 18.51 -23.26 29.20
CA LEU I 355 17.30 -23.28 28.40
C LEU I 355 17.70 -23.28 26.93
N ARG I 356 17.29 -24.29 26.17
CA ARG I 356 17.68 -24.37 24.78
C ARG I 356 16.54 -23.97 23.86
N ILE I 357 16.82 -23.04 22.93
CA ILE I 357 15.81 -22.57 22.00
C ILE I 357 16.29 -22.84 20.58
N THR I 358 15.44 -23.47 19.78
CA THR I 358 15.71 -23.68 18.37
C THR I 358 14.40 -23.59 17.59
N GLY I 359 14.46 -23.04 16.39
CA GLY I 359 13.29 -22.96 15.54
C GLY I 359 12.13 -22.26 16.22
N GLY I 360 12.43 -21.22 16.99
CA GLY I 360 11.39 -20.44 17.63
C GLY I 360 10.58 -21.12 18.73
N VAL I 361 11.14 -22.16 19.34
CA VAL I 361 10.48 -22.94 20.41
C VAL I 361 11.52 -23.59 21.35
N VAL I 362 11.11 -23.90 22.58
CA VAL I 362 11.99 -24.57 23.53
C VAL I 362 12.20 -26.04 23.14
N VAL I 363 13.43 -26.53 23.23
CA VAL I 363 13.74 -27.89 22.86
C VAL I 363 14.52 -28.57 23.97
N ASN I 364 14.42 -29.91 24.00
CA ASN I 364 14.87 -30.76 25.12
C ASN I 364 13.95 -30.66 26.35
N LYS J 2 18.86 3.79 52.84
CA LYS J 2 19.62 2.67 52.26
C LYS J 2 19.90 2.96 50.79
N LEU J 3 20.30 4.19 50.51
CA LEU J 3 20.30 4.70 49.14
C LEU J 3 18.91 5.22 48.82
N ASP J 4 18.04 5.20 49.83
CA ASP J 4 16.68 5.73 49.72
C ASP J 4 16.78 7.24 49.61
N TYR J 5 16.09 7.82 48.63
CA TYR J 5 16.13 9.27 48.34
C TYR J 5 15.85 10.16 49.56
N PHE J 6 14.73 9.92 50.24
CA PHE J 6 14.38 10.74 51.39
C PHE J 6 15.23 10.45 52.62
N GLU J 7 15.59 9.18 52.83
CA GLU J 7 16.54 8.83 53.88
C GLU J 7 17.88 9.56 53.70
N LEU J 8 18.44 9.53 52.50
CA LEU J 8 19.64 10.30 52.25
C LEU J 8 19.36 11.79 52.36
N PHE J 9 18.10 12.19 52.22
CA PHE J 9 17.76 13.59 52.40
C PHE J 9 17.86 13.97 53.87
N LYS J 10 17.32 13.10 54.72
CA LYS J 10 17.32 13.35 56.15
C LYS J 10 18.75 13.56 56.66
N GLU J 11 19.70 12.84 56.06
CA GLU J 11 21.11 12.99 56.44
C GLU J 11 21.66 14.31 55.91
N TYR J 12 21.38 14.60 54.66
CA TYR J 12 21.87 15.82 54.02
C TYR J 12 21.39 17.07 54.73
N LEU J 13 20.23 16.97 55.37
CA LEU J 13 19.58 18.15 55.94
C LEU J 13 20.13 18.53 57.30
N LYS J 14 20.37 17.53 58.15
CA LYS J 14 20.87 17.76 59.50
C LYS J 14 22.25 18.40 59.48
N LYS J 15 23.04 18.06 58.46
CA LYS J 15 24.36 18.63 58.29
C LYS J 15 24.32 19.97 57.54
N ARG J 16 23.11 20.48 57.31
CA ARG J 16 22.94 21.73 56.58
C ARG J 16 22.13 22.79 57.34
N GLU J 17 21.00 22.37 57.92
CA GLU J 17 20.03 23.29 58.49
C GLU J 17 19.77 23.00 59.95
N GLU J 18 19.85 24.05 60.77
CA GLU J 18 19.59 23.93 62.20
C GLU J 18 18.11 23.61 62.42
N ASN J 19 17.27 24.11 61.51
CA ASN J 19 15.84 23.91 61.59
C ASN J 19 15.42 22.58 60.98
N HIS J 20 16.39 21.70 60.73
CA HIS J 20 16.13 20.45 60.04
C HIS J 20 15.05 19.59 60.71
N GLU J 21 14.92 19.70 62.04
CA GLU J 21 13.94 18.89 62.76
C GLU J 21 12.52 19.25 62.36
N LYS J 22 12.22 20.56 62.36
CA LYS J 22 10.93 21.06 61.86
C LYS J 22 10.65 20.65 60.40
N LEU J 23 11.68 20.81 59.56
CA LEU J 23 11.59 20.54 58.12
C LEU J 23 11.31 19.08 57.79
N LEU J 24 11.94 18.16 58.50
CA LEU J 24 11.66 16.74 58.31
C LEU J 24 10.20 16.46 58.64
N LYS J 25 9.69 17.17 59.65
CA LYS J 25 8.32 16.97 60.10
C LYS J 25 7.36 17.52 59.04
N ILE J 26 7.75 18.62 58.41
CA ILE J 26 6.98 19.17 57.31
C ILE J 26 7.02 18.21 56.13
N LEU J 27 8.23 17.76 55.80
CA LEU J 27 8.40 16.77 54.73
C LEU J 27 7.51 15.55 55.00
N ASP J 28 7.65 14.96 56.18
CA ASP J 28 6.83 13.81 56.54
C ASP J 28 5.32 14.03 56.31
N GLU J 29 4.80 15.19 56.72
CA GLU J 29 3.38 15.47 56.53
C GLU J 29 2.97 15.56 55.06
N LEU J 30 3.90 16.03 54.23
CA LEU J 30 3.65 16.13 52.80
C LEU J 30 3.73 14.75 52.15
N LEU J 31 4.71 13.96 52.56
CA LEU J 31 4.87 12.61 52.01
C LEU J 31 3.62 11.76 52.26
N ASP J 32 3.14 11.75 53.50
CA ASP J 32 1.92 11.04 53.83
C ASP J 32 0.71 11.54 53.01
N GLU J 33 0.64 12.86 52.86
CA GLU J 33 -0.43 13.45 52.06
C GLU J 33 -0.30 12.93 50.64
N VAL J 34 0.93 12.82 50.17
CA VAL J 34 1.20 12.31 48.82
C VAL J 34 0.85 10.82 48.66
N LYS J 35 1.22 10.01 49.66
CA LYS J 35 0.93 8.59 49.59
C LYS J 35 -0.58 8.30 49.54
N LYS J 36 -1.37 9.22 50.10
CA LYS J 36 -2.83 9.10 50.12
C LYS J 36 -3.50 9.49 48.79
N SER J 37 -2.98 10.52 48.12
CA SER J 37 -3.56 11.02 46.88
C SER J 37 -3.70 9.92 45.81
N MET K 1 43.03 1.16 -3.75
CA MET K 1 44.02 1.55 -2.75
C MET K 1 44.72 0.29 -2.33
N ARG K 2 46.02 0.19 -2.60
CA ARG K 2 46.75 -1.01 -2.29
C ARG K 2 47.88 -0.80 -1.30
N PRO K 3 47.64 -1.16 -0.03
CA PRO K 3 48.65 -1.10 1.05
C PRO K 3 49.88 -1.92 0.68
N GLU K 4 51.07 -1.39 0.90
CA GLU K 4 52.30 -2.14 0.65
C GLU K 4 53.15 -2.27 1.91
N ARG K 5 53.19 -1.23 2.73
CA ARG K 5 54.02 -1.28 3.91
C ARG K 5 53.51 -0.29 4.95
N LEU K 6 53.73 -0.59 6.22
CA LEU K 6 53.29 0.26 7.30
C LEU K 6 54.25 0.14 8.45
N THR K 7 54.77 1.26 8.88
CA THR K 7 55.61 1.24 10.06
C THR K 7 54.93 2.09 11.13
N VAL K 8 54.71 1.52 12.30
CA VAL K 8 54.00 2.25 13.34
C VAL K 8 54.88 2.37 14.56
N ARG K 9 54.85 3.54 15.19
CA ARG K 9 55.57 3.66 16.45
C ARG K 9 54.76 4.43 17.49
N ASN K 10 54.58 3.82 18.66
CA ASN K 10 53.85 4.48 19.76
C ASN K 10 52.45 4.99 19.40
N PHE K 11 51.72 4.20 18.61
CA PHE K 11 50.38 4.61 18.19
C PHE K 11 49.33 3.73 18.87
N LEU K 12 48.43 4.35 19.59
CA LEU K 12 47.42 3.60 20.32
C LEU K 12 48.18 2.61 21.23
N GLY K 13 47.77 1.36 21.21
CA GLY K 13 48.49 0.31 21.91
C GLY K 13 49.88 0.07 21.35
N LEU K 14 50.02 0.13 20.03
CA LEU K 14 51.24 -0.31 19.34
C LEU K 14 52.49 0.29 19.89
N LYS K 15 53.52 -0.54 20.06
CA LYS K 15 54.83 -0.09 20.49
C LYS K 15 55.68 0.22 19.27
N ASN K 16 56.17 -0.83 18.60
CA ASN K 16 56.79 -0.68 17.29
C ASN K 16 56.42 -1.84 16.37
N VAL K 17 56.26 -1.57 15.08
CA VAL K 17 55.65 -2.53 14.17
C VAL K 17 56.08 -2.23 12.74
N ASP K 18 56.39 -3.26 11.95
CA ASP K 18 56.84 -3.04 10.58
C ASP K 18 56.31 -4.10 9.61
N ILE K 19 55.16 -3.83 9.03
CA ILE K 19 54.44 -4.83 8.24
C ILE K 19 54.52 -4.64 6.72
N GLU K 20 54.73 -5.72 5.96
CA GLU K 20 54.58 -5.63 4.51
C GLU K 20 53.28 -6.31 4.16
N PHE K 21 52.53 -5.69 3.26
CA PHE K 21 51.29 -6.26 2.78
C PHE K 21 51.48 -6.96 1.42
N GLN K 22 50.63 -7.93 1.11
CA GLN K 22 50.65 -8.57 -0.22
C GLN K 22 49.27 -9.13 -0.53
N SER K 23 49.02 -9.46 -1.79
CA SER K 23 47.70 -9.94 -2.17
C SER K 23 47.35 -11.29 -1.55
N GLY K 24 46.06 -11.58 -1.50
CA GLY K 24 45.57 -12.75 -0.79
C GLY K 24 45.19 -12.41 0.65
N ILE K 25 44.79 -13.43 1.39
CA ILE K 25 44.26 -13.31 2.73
C ILE K 25 45.31 -13.43 3.83
N THR K 26 45.47 -12.39 4.64
CA THR K 26 46.29 -12.50 5.86
C THR K 26 45.39 -12.40 7.09
N VAL K 27 45.67 -13.20 8.12
CA VAL K 27 44.94 -13.13 9.38
C VAL K 27 45.75 -12.53 10.53
N VAL K 28 45.18 -11.51 11.17
CA VAL K 28 45.80 -10.81 12.29
C VAL K 28 45.14 -11.33 13.55
N GLU K 29 45.95 -11.86 14.45
CA GLU K 29 45.48 -12.79 15.48
C GLU K 29 46.12 -12.42 16.81
N GLY K 30 45.32 -12.33 17.86
CA GLY K 30 45.88 -12.00 19.16
C GLY K 30 44.81 -11.68 20.21
N PRO K 31 45.24 -11.56 21.47
CA PRO K 31 44.33 -11.36 22.62
C PRO K 31 43.76 -9.95 22.72
N ASN K 32 42.76 -9.77 23.57
CA ASN K 32 42.29 -8.41 23.82
C ASN K 32 43.43 -7.52 24.25
N GLY K 33 43.41 -6.29 23.76
CA GLY K 33 44.47 -5.35 24.04
C GLY K 33 45.84 -5.76 23.55
N ALA K 34 45.91 -6.45 22.41
CA ALA K 34 47.20 -6.84 21.87
C ALA K 34 47.73 -5.71 21.03
N GLY K 35 46.91 -5.17 20.14
CA GLY K 35 47.27 -4.01 19.34
C GLY K 35 46.61 -4.09 17.98
N LYS K 36 45.63 -4.99 17.86
CA LYS K 36 45.06 -5.39 16.57
C LYS K 36 44.23 -4.30 15.94
N SER K 37 43.38 -3.70 16.75
CA SER K 37 42.55 -2.63 16.22
C SER K 37 43.39 -1.34 16.06
N SER K 38 44.51 -1.29 16.77
CA SER K 38 45.36 -0.14 16.75
C SER K 38 45.97 -0.12 15.39
N LEU K 39 46.26 -1.30 14.83
CA LEU K 39 46.82 -1.40 13.47
C LEU K 39 45.87 -0.92 12.38
N PHE K 40 44.61 -1.32 12.52
CA PHE K 40 43.50 -0.85 11.69
C PHE K 40 43.45 0.68 11.65
N GLU K 41 43.51 1.30 12.82
CA GLU K 41 43.30 2.73 12.93
C GLU K 41 44.53 3.48 12.43
N ALA K 42 45.71 2.91 12.67
CA ALA K 42 46.95 3.45 12.12
C ALA K 42 46.82 3.68 10.61
N ILE K 43 46.29 2.68 9.92
CA ILE K 43 46.10 2.80 8.48
C ILE K 43 45.15 3.92 8.12
N SER K 44 44.00 3.97 8.81
CA SER K 44 43.05 5.02 8.51
C SER K 44 43.57 6.37 8.97
N PHE K 45 44.43 6.38 9.99
CA PHE K 45 45.07 7.62 10.44
C PHE K 45 46.16 8.12 9.48
N ALA K 46 46.89 7.20 8.87
CA ALA K 46 47.91 7.60 7.92
C ALA K 46 47.25 8.25 6.70
N LEU K 47 46.11 7.72 6.27
CA LEU K 47 45.50 8.22 5.07
C LEU K 47 44.65 9.40 5.36
N PHE K 48 43.59 9.20 6.13
CA PHE K 48 42.61 10.24 6.30
C PHE K 48 42.78 11.12 7.50
N GLY K 49 43.89 11.02 8.21
CA GLY K 49 44.12 11.83 9.41
C GLY K 49 43.08 11.62 10.51
N ASN K 50 42.18 10.65 10.34
CA ASN K 50 41.14 10.31 11.33
C ASN K 50 41.27 8.85 11.74
N GLY K 51 41.04 8.57 13.01
CA GLY K 51 41.00 7.18 13.44
C GLY K 51 39.55 6.80 13.65
N ILE K 52 39.29 5.83 14.51
CA ILE K 52 37.91 5.42 14.77
C ILE K 52 37.47 5.80 16.18
N ARG K 53 38.32 5.54 17.17
CA ARG K 53 37.89 5.59 18.59
C ARG K 53 38.00 6.93 19.33
N TYR K 54 38.57 7.95 18.69
CA TYR K 54 38.83 9.24 19.33
C TYR K 54 38.58 10.42 18.40
N PRO K 55 37.83 11.43 18.88
CA PRO K 55 37.73 12.67 18.09
C PRO K 55 39.06 13.43 18.05
N ASN K 56 39.82 13.41 19.14
CA ASN K 56 41.02 14.25 19.24
C ASN K 56 42.35 13.58 18.88
N SER K 57 43.08 14.17 17.93
CA SER K 57 44.24 13.52 17.34
C SER K 57 45.35 13.15 18.34
N TYR K 58 45.64 14.00 19.32
CA TYR K 58 46.73 13.67 20.24
C TYR K 58 46.42 12.48 21.15
N ASP K 59 45.15 12.11 21.25
CA ASP K 59 44.76 10.93 22.01
C ASP K 59 45.33 9.64 21.43
N TYR K 60 45.73 9.69 20.16
CA TYR K 60 46.21 8.52 19.45
C TYR K 60 47.63 8.15 19.85
N VAL K 61 48.25 8.97 20.68
CA VAL K 61 49.64 8.74 21.05
C VAL K 61 49.71 7.78 22.24
N ASN K 62 50.62 6.82 22.15
CA ASN K 62 50.80 5.85 23.21
C ASN K 62 51.27 6.59 24.46
N ARG K 63 50.44 6.58 25.50
CA ARG K 63 50.69 7.39 26.69
C ARG K 63 51.92 6.94 27.47
N ASN K 64 52.36 5.72 27.23
CA ASN K 64 53.60 5.23 27.84
C ASN K 64 54.83 5.63 27.02
N ALA K 65 54.60 6.18 25.84
CA ALA K 65 55.71 6.67 25.04
C ALA K 65 56.30 7.79 25.89
N VAL K 66 57.60 7.69 26.14
CA VAL K 66 58.23 8.55 27.11
C VAL K 66 58.72 9.84 26.45
N ASP K 67 58.97 9.79 25.15
CA ASP K 67 59.26 11.01 24.41
C ASP K 67 57.99 11.57 23.79
N GLY K 68 56.87 10.91 24.10
CA GLY K 68 55.55 11.47 23.85
C GLY K 68 55.15 11.58 22.40
N THR K 69 55.86 10.84 21.55
CA THR K 69 55.73 10.97 20.11
C THR K 69 55.34 9.69 19.36
N ALA K 70 54.23 9.76 18.63
CA ALA K 70 53.75 8.72 17.75
C ALA K 70 54.11 9.01 16.30
N ARG K 71 54.76 8.05 15.64
CA ARG K 71 55.09 8.19 14.23
C ARG K 71 54.57 7.05 13.31
N LEU K 72 54.04 7.42 12.15
CA LEU K 72 53.51 6.50 11.14
C LEU K 72 54.27 6.63 9.85
N VAL K 73 54.51 5.51 9.17
CA VAL K 73 54.92 5.56 7.76
C VAL K 73 54.09 4.60 6.89
N PHE K 74 53.43 5.12 5.87
CA PHE K 74 52.53 4.26 5.12
C PHE K 74 52.76 4.39 3.63
N GLN K 75 53.25 3.33 3.04
CA GLN K 75 53.40 3.28 1.60
C GLN K 75 52.22 2.54 1.01
N PHE K 76 51.66 3.05 -0.08
CA PHE K 76 50.54 2.43 -0.75
C PHE K 76 50.57 2.70 -2.24
N GLU K 77 49.93 1.84 -3.01
CA GLU K 77 49.97 1.91 -4.44
C GLU K 77 48.57 2.12 -4.97
N ARG K 78 48.43 2.98 -5.98
CA ARG K 78 47.12 3.25 -6.57
C ARG K 78 47.16 3.60 -8.06
N GLY K 79 46.47 2.80 -8.87
CA GLY K 79 46.33 3.11 -10.29
C GLY K 79 47.66 3.18 -11.00
N GLY K 80 48.60 2.33 -10.58
CA GLY K 80 49.93 2.30 -11.13
C GLY K 80 50.97 3.10 -10.37
N LYS K 81 50.55 4.21 -9.77
CA LYS K 81 51.47 5.10 -9.08
C LYS K 81 51.69 4.67 -7.63
N ARG K 82 52.65 5.31 -6.96
CA ARG K 82 53.10 4.86 -5.64
C ARG K 82 53.39 6.05 -4.70
N TYR K 83 53.07 5.88 -3.42
CA TYR K 83 52.94 7.02 -2.50
C TYR K 83 53.45 6.68 -1.12
N GLU K 84 54.08 7.65 -0.48
CA GLU K 84 54.50 7.46 0.89
C GLU K 84 53.94 8.60 1.74
N ILE K 85 53.26 8.23 2.83
CA ILE K 85 52.84 9.16 3.87
C ILE K 85 53.69 8.98 5.12
N ILE K 86 54.32 10.06 5.56
CA ILE K 86 54.98 10.11 6.86
C ILE K 86 54.27 11.10 7.78
N ARG K 87 53.97 10.68 9.01
CA ARG K 87 53.28 11.48 10.01
C ARG K 87 53.90 11.36 11.41
N GLU K 88 54.09 12.50 12.07
CA GLU K 88 54.51 12.48 13.47
C GLU K 88 53.47 13.16 14.30
N ILE K 89 53.06 12.55 15.39
CA ILE K 89 52.19 13.26 16.31
C ILE K 89 52.92 13.42 17.61
N ASN K 90 53.32 14.64 17.91
CA ASN K 90 54.04 14.89 19.14
C ASN K 90 53.07 15.51 20.10
N ALA K 91 52.86 14.86 21.23
CA ALA K 91 51.79 15.32 22.12
C ALA K 91 52.28 16.21 23.24
N LEU K 92 53.57 16.15 23.56
CA LEU K 92 54.13 17.05 24.55
C LEU K 92 54.16 18.42 23.93
N GLN K 93 54.75 18.54 22.74
CA GLN K 93 54.76 19.80 21.99
C GLN K 93 53.41 20.17 21.36
N ARG K 94 52.44 19.28 21.48
CA ARG K 94 51.19 19.38 20.71
C ARG K 94 51.44 19.76 19.22
N LYS K 95 52.36 19.06 18.55
CA LYS K 95 52.60 19.29 17.12
C LYS K 95 52.24 18.05 16.29
N HIS K 96 51.68 18.27 15.10
CA HIS K 96 51.24 17.19 14.21
C HIS K 96 51.72 17.39 12.78
N ASN K 97 52.87 16.81 12.46
CA ASN K 97 53.41 16.84 11.10
C ASN K 97 52.82 15.78 10.17
N ALA K 98 52.82 16.07 8.88
CA ALA K 98 52.34 15.12 7.90
C ALA K 98 52.72 15.55 6.49
N LYS K 99 53.43 14.68 5.79
CA LYS K 99 53.88 14.97 4.44
C LYS K 99 53.51 13.85 3.47
N LEU K 100 53.05 14.23 2.27
CA LEU K 100 52.71 13.24 1.25
C LEU K 100 53.62 13.41 0.04
N SER K 101 54.23 12.31 -0.39
CA SER K 101 55.13 12.33 -1.54
C SER K 101 54.89 11.13 -2.46
N GLU K 102 55.20 11.30 -3.74
CA GLU K 102 55.06 10.22 -4.70
C GLU K 102 56.41 9.62 -4.94
N ILE K 103 56.49 8.30 -4.89
CA ILE K 103 57.65 7.59 -5.40
C ILE K 103 57.66 7.72 -6.92
N LEU K 104 58.83 7.70 -7.51
CA LEU K 104 58.88 7.83 -8.92
C LEU K 104 59.63 6.66 -9.36
N GLU K 105 59.32 6.17 -10.53
CA GLU K 105 59.99 4.96 -11.00
C GLU K 105 61.50 4.92 -10.76
N ASN K 106 62.15 6.08 -10.76
CA ASN K 106 63.59 6.15 -10.56
C ASN K 106 63.99 6.13 -9.08
N GLY K 107 63.01 5.85 -8.21
CA GLY K 107 63.29 5.72 -6.79
C GLY K 107 63.20 6.99 -5.97
N LYS K 108 63.14 8.15 -6.63
CA LYS K 108 63.05 9.43 -5.93
C LYS K 108 61.63 9.77 -5.41
N LYS K 109 61.56 10.55 -4.33
CA LYS K 109 60.27 10.96 -3.77
C LYS K 109 59.92 12.41 -4.13
N ALA K 110 58.83 12.58 -4.86
CA ALA K 110 58.38 13.90 -5.25
C ALA K 110 57.28 14.39 -4.31
N ALA K 111 57.53 15.49 -3.60
CA ALA K 111 56.57 16.00 -2.63
C ALA K 111 55.26 16.48 -3.25
N ILE K 112 54.14 15.95 -2.74
CA ILE K 112 52.81 16.36 -3.18
C ILE K 112 52.09 17.16 -2.11
N ALA K 113 52.35 16.85 -0.83
CA ALA K 113 51.79 17.66 0.27
C ALA K 113 52.58 17.58 1.58
N ALA K 114 52.56 18.66 2.34
CA ALA K 114 52.93 18.72 3.72
C ALA K 114 51.78 19.39 4.35
N LYS K 115 51.65 19.29 5.64
CA LYS K 115 50.45 19.73 6.33
C LYS K 115 49.40 18.63 6.33
N PRO K 116 48.84 18.35 7.50
CA PRO K 116 47.78 17.34 7.59
C PRO K 116 46.56 17.72 6.73
N THR K 117 46.19 18.99 6.70
CA THR K 117 44.99 19.43 5.99
C THR K 117 45.13 19.16 4.50
N SER K 118 46.29 19.44 4.00
CA SER K 118 46.62 19.20 2.63
C SER K 118 46.77 17.74 2.23
N VAL K 119 47.35 16.97 3.09
CA VAL K 119 47.51 15.53 2.89
C VAL K 119 46.14 14.81 2.84
N LYS K 120 45.16 15.30 3.59
CA LYS K 120 43.83 14.71 3.54
C LYS K 120 43.13 15.04 2.22
N GLN K 121 43.10 16.33 1.88
CA GLN K 121 42.62 16.80 0.57
C GLN K 121 43.23 16.03 -0.60
N GLU K 122 44.55 15.86 -0.56
CA GLU K 122 45.26 15.14 -1.60
C GLU K 122 45.00 13.62 -1.55
N VAL K 123 45.05 13.02 -0.36
CA VAL K 123 44.72 11.60 -0.25
C VAL K 123 43.30 11.32 -0.72
N GLU K 124 42.34 12.17 -0.35
CA GLU K 124 40.97 12.02 -0.87
C GLU K 124 40.85 12.11 -2.41
N LYS K 125 41.78 12.82 -3.07
CA LYS K 125 41.79 12.88 -4.53
C LYS K 125 42.29 11.57 -5.19
N ILE K 126 43.39 11.03 -4.67
CA ILE K 126 44.05 9.85 -5.21
C ILE K 126 43.24 8.58 -5.01
N LEU K 127 42.70 8.43 -3.81
CA LEU K 127 41.77 7.33 -3.51
C LEU K 127 40.49 7.47 -4.31
N GLY K 128 40.03 8.71 -4.44
CA GLY K 128 38.70 8.99 -4.99
C GLY K 128 37.57 8.86 -3.99
N ILE K 129 37.87 8.58 -2.72
CA ILE K 129 36.82 8.43 -1.69
C ILE K 129 37.05 9.24 -0.40
N GLU K 130 35.98 9.54 0.32
CA GLU K 130 36.10 10.16 1.63
C GLU K 130 36.17 9.09 2.75
N HIS K 131 36.56 9.50 3.96
CA HIS K 131 36.79 8.58 5.06
C HIS K 131 35.60 7.67 5.33
N ARG K 132 34.40 8.26 5.32
CA ARG K 132 33.20 7.52 5.65
C ARG K 132 33.00 6.36 4.70
N THR K 133 33.10 6.63 3.41
CA THR K 133 32.94 5.60 2.39
C THR K 133 33.90 4.42 2.59
N PHE K 134 35.18 4.74 2.76
CA PHE K 134 36.24 3.83 3.15
C PHE K 134 35.80 2.91 4.29
N ILE K 135 35.56 3.48 5.47
CA ILE K 135 35.18 2.63 6.59
C ILE K 135 33.84 1.87 6.51
N ARG K 136 32.95 2.26 5.60
CA ARG K 136 31.62 1.60 5.51
C ARG K 136 31.52 0.63 4.37
N THR K 137 32.62 0.36 3.69
CA THR K 137 32.51 -0.51 2.53
C THR K 137 33.47 -1.66 2.62
N VAL K 138 34.75 -1.35 2.64
CA VAL K 138 35.80 -2.36 2.50
C VAL K 138 36.83 -2.23 3.61
N PHE K 139 36.56 -1.35 4.56
CA PHE K 139 37.49 -1.19 5.64
C PHE K 139 36.70 -1.10 6.96
N LEU K 140 36.17 -2.25 7.38
CA LEU K 140 35.14 -2.31 8.43
C LEU K 140 35.69 -2.43 9.84
N PRO K 141 35.51 -1.36 10.64
CA PRO K 141 35.92 -1.31 12.04
C PRO K 141 35.21 -2.33 12.96
N GLN K 142 35.90 -2.71 14.02
CA GLN K 142 35.32 -3.53 15.05
C GLN K 142 34.07 -2.88 15.61
N GLY K 143 33.01 -3.64 15.73
CA GLY K 143 31.80 -3.13 16.31
C GLY K 143 30.88 -2.51 15.29
N GLU K 144 31.42 -2.13 14.14
CA GLU K 144 30.62 -1.43 13.15
C GLU K 144 30.38 -2.20 11.85
N ILE K 145 30.44 -3.53 11.95
CA ILE K 145 30.34 -4.45 10.81
C ILE K 145 29.24 -4.01 9.83
N ASP K 146 28.03 -3.75 10.35
CA ASP K 146 26.82 -3.56 9.54
C ASP K 146 26.31 -2.12 9.44
N LYS K 147 27.13 -1.12 9.70
CA LYS K 147 26.66 0.27 9.57
C LYS K 147 26.10 0.57 8.16
N LEU K 148 26.49 -0.21 7.17
CA LEU K 148 25.98 0.03 5.80
C LEU K 148 24.66 -0.69 5.50
N LEU K 149 24.59 -1.99 5.83
CA LEU K 149 23.41 -2.83 5.62
C LEU K 149 22.15 -2.24 6.22
N ILE K 150 22.26 -1.80 7.47
CA ILE K 150 21.20 -1.08 8.18
C ILE K 150 20.82 0.27 7.58
N SER K 151 21.83 0.99 7.09
CA SER K 151 21.74 2.44 6.83
C SER K 151 20.68 2.91 5.83
N PRO K 152 20.09 4.06 6.16
CA PRO K 152 19.00 4.70 5.40
C PRO K 152 19.34 4.85 3.90
N PRO K 153 18.31 4.84 3.04
CA PRO K 153 18.53 4.79 1.58
C PRO K 153 19.28 5.98 1.01
N SER K 154 19.41 7.07 1.77
CA SER K 154 20.05 8.27 1.26
C SER K 154 21.56 8.23 1.51
N GLU K 155 21.98 7.65 2.64
CA GLU K 155 23.40 7.47 2.90
C GLU K 155 23.98 6.31 2.09
N ILE K 156 23.14 5.32 1.82
CA ILE K 156 23.57 4.21 0.99
C ILE K 156 23.90 4.74 -0.38
N THR K 157 23.05 5.58 -0.95
CA THR K 157 23.33 6.12 -2.28
C THR K 157 24.55 7.04 -2.32
N GLU K 158 24.78 7.81 -1.26
CA GLU K 158 25.97 8.65 -1.21
C GLU K 158 27.26 7.81 -1.26
N ILE K 159 27.31 6.82 -0.38
CA ILE K 159 28.44 5.90 -0.27
C ILE K 159 28.72 5.07 -1.53
N ILE K 160 27.70 4.46 -2.12
CA ILE K 160 27.91 3.68 -3.35
C ILE K 160 28.44 4.53 -4.52
N SER K 161 27.80 5.64 -4.80
CA SER K 161 28.22 6.49 -5.89
C SER K 161 29.62 7.07 -5.65
N ASP K 162 29.96 7.28 -4.38
CA ASP K 162 31.26 7.84 -4.02
C ASP K 162 32.42 6.95 -4.41
N VAL K 163 32.26 5.66 -4.18
CA VAL K 163 33.20 4.66 -4.66
C VAL K 163 33.37 4.72 -6.18
N PHE K 164 32.23 4.91 -6.86
CA PHE K 164 32.13 4.64 -8.29
C PHE K 164 32.09 5.89 -9.16
N GLN K 165 32.43 7.03 -8.58
CA GLN K 165 32.49 8.29 -9.33
C GLN K 165 33.52 9.22 -8.71
N SER K 166 34.03 10.17 -9.50
CA SER K 166 34.92 11.18 -8.96
C SER K 166 34.14 12.40 -8.47
N LYS K 167 34.21 12.67 -7.17
CA LYS K 167 33.52 13.84 -6.63
C LYS K 167 34.21 15.09 -7.13
N GLU K 168 35.51 14.97 -7.44
CA GLU K 168 36.32 16.09 -7.96
C GLU K 168 35.92 16.62 -9.34
N THR K 169 35.65 15.71 -10.28
CA THR K 169 35.10 16.07 -11.58
C THR K 169 33.70 16.65 -11.44
N LEU K 170 32.81 15.90 -10.79
CA LEU K 170 31.42 16.30 -10.65
C LEU K 170 31.23 17.62 -9.91
N GLU K 171 32.16 17.97 -9.03
CA GLU K 171 32.07 19.22 -8.29
C GLU K 171 32.44 20.38 -9.19
N LYS K 172 33.52 20.20 -9.94
CA LYS K 172 33.94 21.21 -10.91
C LYS K 172 32.88 21.36 -11.99
N LEU K 173 32.56 20.25 -12.65
CA LEU K 173 31.56 20.24 -13.71
C LEU K 173 30.22 20.88 -13.32
N GLU K 174 29.84 20.80 -12.05
CA GLU K 174 28.62 21.44 -11.62
C GLU K 174 28.84 22.94 -11.56
N LYS K 175 30.03 23.34 -11.13
CA LYS K 175 30.36 24.77 -11.06
C LYS K 175 30.48 25.35 -12.46
N LEU K 176 31.27 24.72 -13.32
CA LEU K 176 31.51 25.22 -14.66
C LEU K 176 30.19 25.36 -15.41
N LEU K 177 29.33 24.37 -15.23
CA LEU K 177 28.05 24.35 -15.93
C LEU K 177 27.09 25.39 -15.36
N LYS K 178 27.27 25.76 -14.09
CA LYS K 178 26.51 26.87 -13.52
C LYS K 178 27.08 28.22 -13.99
N GLU K 179 28.40 28.32 -14.02
CA GLU K 179 29.08 29.53 -14.46
C GLU K 179 28.67 29.94 -15.88
N LYS K 180 28.49 28.98 -16.75
CA LYS K 180 28.10 29.31 -18.11
C LYS K 180 26.64 29.80 -18.15
N MET K 181 25.76 29.16 -17.40
CA MET K 181 24.35 29.53 -17.34
C MET K 181 24.10 30.91 -16.77
N LYS K 182 24.89 31.30 -15.82
CA LYS K 182 24.89 32.66 -15.27
C LYS K 182 25.41 33.71 -16.26
N LYS K 183 26.48 33.35 -16.96
CA LYS K 183 27.11 34.20 -17.96
C LYS K 183 26.16 34.39 -19.14
N LEU K 184 25.40 33.34 -19.45
CA LEU K 184 24.45 33.38 -20.55
C LEU K 184 23.17 34.10 -20.14
N GLU K 185 22.81 33.95 -18.87
CA GLU K 185 21.70 34.69 -18.31
C GLU K 185 21.99 36.17 -18.49
N ASN K 186 23.17 36.59 -17.99
CA ASN K 186 23.55 37.99 -17.91
C ASN K 186 23.54 38.73 -19.25
N GLU K 187 23.92 38.04 -20.32
CA GLU K 187 23.88 38.63 -21.66
C GLU K 187 22.45 39.05 -21.95
N ILE K 188 21.55 38.06 -21.98
CA ILE K 188 20.11 38.28 -22.14
C ILE K 188 19.57 39.34 -21.17
N SER K 189 20.35 39.61 -20.13
CA SER K 189 20.04 40.55 -19.07
C SER K 189 18.92 40.01 -18.21
N LYS K 202 17.76 38.62 -31.65
CA LYS K 202 17.97 37.34 -32.31
C LYS K 202 18.91 36.44 -31.50
N LYS K 203 20.15 36.91 -31.31
CA LYS K 203 21.09 36.26 -30.40
C LYS K 203 20.45 36.03 -29.04
N LEU K 204 19.62 37.00 -28.64
CA LEU K 204 18.79 36.90 -27.44
C LEU K 204 17.89 35.66 -27.48
N LYS K 205 17.73 35.07 -28.67
CA LYS K 205 17.11 33.75 -28.78
C LYS K 205 18.17 32.66 -29.01
N GLU K 206 19.25 32.99 -29.72
CA GLU K 206 20.34 32.04 -29.98
C GLU K 206 21.08 31.60 -28.71
N MET K 207 21.27 32.54 -27.79
CA MET K 207 21.89 32.23 -26.51
C MET K 207 20.86 31.59 -25.57
N SER K 208 19.65 32.14 -25.56
CA SER K 208 18.66 31.72 -24.60
C SER K 208 18.44 30.24 -24.82
N ASP K 209 18.50 29.82 -26.08
CA ASP K 209 18.25 28.43 -26.39
C ASP K 209 19.45 27.58 -26.05
N GLU K 210 20.59 28.21 -25.75
CA GLU K 210 21.74 27.58 -25.07
C GLU K 210 21.52 27.21 -23.59
N TYR K 211 20.88 28.13 -22.87
CA TYR K 211 20.70 28.14 -21.45
C TYR K 211 19.55 27.24 -21.19
N ASN K 212 18.96 26.77 -22.27
CA ASN K 212 17.86 25.82 -22.16
C ASN K 212 18.34 24.37 -22.22
N ASN K 213 19.21 24.09 -23.18
CA ASN K 213 19.85 22.79 -23.28
C ASN K 213 20.76 22.54 -22.09
N LEU K 214 21.46 23.59 -21.67
CA LEU K 214 22.47 23.49 -20.63
C LEU K 214 21.79 23.14 -19.35
N ASP K 215 20.53 23.55 -19.23
CA ASP K 215 19.74 23.33 -18.03
C ASP K 215 19.13 21.93 -18.08
N LEU K 216 18.88 21.47 -19.30
CA LEU K 216 18.44 20.10 -19.53
C LEU K 216 19.62 19.16 -19.31
N LEU K 217 20.84 19.67 -19.48
CA LEU K 217 22.02 18.88 -19.12
C LEU K 217 22.15 18.81 -17.60
N ARG K 218 21.99 19.96 -16.96
CA ARG K 218 22.07 20.09 -15.52
C ARG K 218 21.04 19.23 -14.80
N LYS K 219 19.86 19.07 -15.39
CA LYS K 219 18.76 18.35 -14.75
C LYS K 219 18.92 16.83 -14.85
N TYR K 220 19.48 16.36 -15.94
CA TYR K 220 19.75 14.95 -16.05
C TYR K 220 20.96 14.56 -15.22
N LEU K 221 21.67 15.55 -14.69
CA LEU K 221 22.95 15.25 -14.04
C LEU K 221 22.94 15.50 -12.55
N PHE K 222 22.26 16.56 -12.10
CA PHE K 222 22.36 16.93 -10.70
C PHE K 222 21.03 16.97 -9.96
N ASP K 223 19.93 16.75 -10.69
CA ASP K 223 18.67 16.42 -10.05
C ASP K 223 18.80 15.07 -9.36
N LYS K 224 18.66 15.12 -8.03
CA LYS K 224 19.01 14.01 -7.13
C LYS K 224 18.82 12.53 -7.52
N SER K 225 17.62 12.08 -7.94
CA SER K 225 16.50 12.87 -8.52
C SER K 225 16.32 12.68 -10.05
N ASN K 226 17.34 12.07 -10.62
CA ASN K 226 17.53 11.43 -11.92
C ASN K 226 18.73 10.50 -11.88
N PHE K 227 19.66 10.69 -12.80
CA PHE K 227 20.83 9.82 -12.95
C PHE K 227 21.43 9.20 -11.68
N SER K 228 21.66 9.99 -10.65
CA SER K 228 22.25 9.45 -9.43
C SER K 228 21.43 8.26 -8.96
N ARG K 229 20.11 8.43 -8.96
CA ARG K 229 19.14 7.37 -8.64
C ARG K 229 19.21 6.16 -9.58
N TYR K 230 19.33 6.41 -10.88
CA TYR K 230 19.48 5.33 -11.85
C TYR K 230 20.85 4.70 -11.71
N PHE K 231 21.82 5.50 -11.34
CA PHE K 231 23.20 5.02 -11.25
C PHE K 231 23.40 4.14 -10.03
N THR K 232 22.94 4.61 -8.87
CA THR K 232 22.93 3.77 -7.68
C THR K 232 22.24 2.43 -7.97
N GLY K 233 21.15 2.48 -8.71
CA GLY K 233 20.40 1.27 -9.02
C GLY K 233 21.15 0.26 -9.84
N ARG K 234 21.86 0.75 -10.86
CA ARG K 234 22.59 -0.12 -11.78
C ARG K 234 23.76 -0.76 -11.09
N VAL K 235 24.33 -0.03 -10.14
CA VAL K 235 25.45 -0.50 -9.34
C VAL K 235 25.04 -1.55 -8.28
N LEU K 236 23.97 -1.26 -7.55
CA LEU K 236 23.53 -2.19 -6.54
C LEU K 236 23.04 -3.47 -7.20
N GLU K 237 22.63 -3.38 -8.46
CA GLU K 237 22.31 -4.58 -9.22
C GLU K 237 23.58 -5.39 -9.42
N ALA K 238 24.67 -4.73 -9.77
CA ALA K 238 25.89 -5.47 -10.03
C ALA K 238 26.33 -6.13 -8.73
N VAL K 239 26.33 -5.35 -7.67
CA VAL K 239 26.74 -5.80 -6.35
C VAL K 239 25.85 -6.93 -5.81
N LEU K 240 24.55 -6.72 -5.78
CA LEU K 240 23.63 -7.71 -5.20
C LEU K 240 23.53 -8.99 -6.05
N LYS K 241 23.87 -8.89 -7.34
CA LYS K 241 23.92 -10.07 -8.18
C LYS K 241 24.84 -11.08 -7.48
N ARG K 242 26.02 -10.62 -7.08
CA ARG K 242 26.98 -11.42 -6.32
C ARG K 242 26.55 -11.73 -4.88
N THR K 243 25.79 -10.84 -4.24
CA THR K 243 25.48 -10.98 -2.84
C THR K 243 24.53 -12.17 -2.71
N LYS K 244 23.57 -12.23 -3.63
CA LYS K 244 22.63 -13.34 -3.70
C LYS K 244 23.36 -14.66 -3.86
N ALA K 245 24.42 -14.66 -4.65
CA ALA K 245 25.17 -15.88 -4.89
C ALA K 245 25.89 -16.35 -3.62
N TYR K 246 26.37 -15.41 -2.82
CA TYR K 246 27.00 -15.77 -1.56
C TYR K 246 25.94 -16.29 -0.60
N LEU K 247 24.82 -15.58 -0.53
CA LEU K 247 23.74 -15.94 0.38
C LEU K 247 23.16 -17.29 0.03
N ASP K 248 23.14 -17.61 -1.26
CA ASP K 248 22.60 -18.89 -1.70
C ASP K 248 23.49 -19.99 -1.15
N ILE K 249 24.79 -19.89 -1.44
CA ILE K 249 25.79 -20.83 -0.92
C ILE K 249 25.78 -20.92 0.60
N LEU K 250 25.92 -19.77 1.26
CA LEU K 250 26.02 -19.72 2.72
C LEU K 250 24.76 -20.20 3.45
N THR K 251 23.57 -19.93 2.92
CA THR K 251 22.35 -20.18 3.67
C THR K 251 21.42 -21.19 3.05
N ASN K 252 21.91 -21.91 2.02
CA ASN K 252 21.11 -22.91 1.32
C ASN K 252 19.81 -22.37 0.75
N GLY K 253 19.94 -21.28 -0.01
CA GLY K 253 18.81 -20.60 -0.63
C GLY K 253 17.81 -19.90 0.30
N ARG K 254 18.12 -19.78 1.59
CA ARG K 254 17.14 -19.23 2.52
C ARG K 254 16.94 -17.73 2.35
N PHE K 255 18.04 -16.99 2.25
CA PHE K 255 17.93 -15.55 2.15
C PHE K 255 18.16 -14.99 0.76
N ASP K 256 17.61 -13.81 0.54
CA ASP K 256 17.75 -13.09 -0.69
C ASP K 256 17.77 -11.63 -0.27
N ILE K 257 18.46 -10.80 -1.03
CA ILE K 257 18.56 -9.37 -0.69
C ILE K 257 18.09 -8.53 -1.87
N ASP K 258 17.67 -7.29 -1.60
CA ASP K 258 17.38 -6.32 -2.64
C ASP K 258 17.43 -4.90 -2.08
N PHE K 259 17.53 -3.92 -2.99
CA PHE K 259 17.47 -2.50 -2.63
C PHE K 259 16.11 -1.92 -3.03
N ASP K 260 15.52 -1.09 -2.18
CA ASP K 260 14.31 -0.33 -2.50
C ASP K 260 14.30 0.97 -1.68
N ASP K 261 14.41 2.10 -2.36
CA ASP K 261 14.46 3.39 -1.68
C ASP K 261 13.18 3.67 -0.92
N GLU K 262 12.05 3.32 -1.53
CA GLU K 262 10.74 3.51 -0.92
C GLU K 262 10.55 2.67 0.34
N LYS K 263 11.18 1.51 0.38
CA LYS K 263 11.04 0.57 1.49
C LYS K 263 12.02 0.78 2.65
N GLY K 264 12.75 1.89 2.64
CA GLY K 264 13.66 2.15 3.74
C GLY K 264 15.09 1.62 3.62
N GLY K 265 15.42 0.95 2.52
CA GLY K 265 16.83 0.61 2.30
C GLY K 265 17.03 -0.80 1.79
N PHE K 266 17.99 -1.51 2.37
CA PHE K 266 18.13 -2.93 2.09
C PHE K 266 16.96 -3.72 2.68
N ILE K 267 16.40 -4.60 1.85
CA ILE K 267 15.34 -5.52 2.26
C ILE K 267 15.78 -6.96 2.06
N ILE K 268 15.54 -7.80 3.07
CA ILE K 268 15.96 -9.20 3.04
C ILE K 268 14.70 -10.02 2.90
N LYS K 269 14.76 -11.14 2.19
CA LYS K 269 13.64 -12.07 2.11
C LYS K 269 13.97 -13.44 2.72
N ASP K 270 13.20 -13.81 3.73
CA ASP K 270 13.44 -15.03 4.50
C ASP K 270 12.48 -16.07 3.95
N TRP K 271 12.97 -16.94 3.07
CA TRP K 271 12.09 -17.80 2.28
C TRP K 271 10.95 -16.96 1.70
N GLY K 272 11.23 -16.01 0.83
CA GLY K 272 10.15 -15.26 0.21
C GLY K 272 9.52 -14.10 0.97
N ILE K 273 9.54 -14.12 2.30
CA ILE K 273 8.98 -13.03 3.10
C ILE K 273 9.89 -11.81 3.32
N GLU K 274 9.43 -10.62 2.98
CA GLU K 274 10.25 -9.41 3.19
C GLU K 274 10.46 -9.06 4.65
N ARG K 275 11.66 -8.63 4.97
CA ARG K 275 12.02 -8.16 6.30
C ARG K 275 13.11 -7.09 6.19
N PRO K 276 12.93 -5.95 6.87
CA PRO K 276 13.95 -4.88 6.89
C PRO K 276 15.27 -5.41 7.43
N ALA K 277 16.40 -4.91 6.95
CA ALA K 277 17.67 -5.51 7.34
C ALA K 277 17.93 -5.44 8.85
N ARG K 278 17.40 -4.43 9.51
CA ARG K 278 17.61 -4.33 10.96
C ARG K 278 16.77 -5.38 11.71
N GLY K 279 15.81 -5.97 11.01
CA GLY K 279 15.03 -7.02 11.62
C GLY K 279 15.90 -8.20 12.00
N LEU K 280 16.95 -8.40 11.20
CA LEU K 280 17.84 -9.53 11.30
C LEU K 280 18.42 -9.77 12.68
N SER K 281 19.14 -10.88 12.84
CA SER K 281 19.64 -11.27 14.13
C SER K 281 21.11 -10.88 14.20
N GLY K 282 21.71 -10.91 15.39
CA GLY K 282 23.13 -10.69 15.52
C GLY K 282 23.95 -11.43 14.46
N GLY K 283 23.92 -12.76 14.48
CA GLY K 283 24.67 -13.58 13.53
C GLY K 283 24.24 -13.43 12.08
N GLU K 284 22.94 -13.33 11.87
CA GLU K 284 22.37 -13.07 10.55
C GLU K 284 22.85 -11.75 9.90
N ARG K 285 22.97 -10.72 10.71
CA ARG K 285 23.27 -9.43 10.19
C ARG K 285 24.76 -9.39 9.88
N ALA K 286 25.51 -10.23 10.59
CA ALA K 286 26.94 -10.34 10.36
C ALA K 286 27.15 -11.15 9.09
N LEU K 287 26.40 -12.23 8.96
CA LEU K 287 26.52 -13.06 7.79
C LEU K 287 26.17 -12.28 6.50
N ILE K 288 25.28 -11.30 6.58
CA ILE K 288 24.81 -10.69 5.34
C ILE K 288 25.67 -9.47 5.01
N SER K 289 26.02 -8.72 6.05
CA SER K 289 26.90 -7.57 5.90
C SER K 289 28.23 -7.99 5.32
N ILE K 290 28.74 -9.11 5.78
CA ILE K 290 30.02 -9.61 5.33
C ILE K 290 29.93 -10.03 3.86
N SER K 291 28.84 -10.67 3.49
CA SER K 291 28.63 -11.07 2.11
C SER K 291 28.58 -9.85 1.20
N LEU K 292 27.94 -8.79 1.69
CA LEU K 292 27.70 -7.62 0.87
C LEU K 292 29.01 -6.86 0.71
N ALA K 293 29.75 -6.82 1.81
CA ALA K 293 31.09 -6.24 1.83
C ALA K 293 31.98 -6.92 0.81
N MET K 294 32.12 -8.23 0.93
CA MET K 294 32.80 -9.06 -0.04
C MET K 294 32.41 -8.74 -1.51
N SER K 295 31.12 -8.49 -1.75
CA SER K 295 30.56 -8.19 -3.08
C SER K 295 30.98 -6.82 -3.64
N LEU K 296 31.00 -5.82 -2.76
CA LEU K 296 31.40 -4.47 -3.09
C LEU K 296 32.86 -4.44 -3.50
N ALA K 297 33.71 -5.02 -2.67
CA ALA K 297 35.12 -5.07 -2.97
C ALA K 297 35.43 -5.95 -4.19
N GLU K 298 34.43 -6.67 -4.70
CA GLU K 298 34.63 -7.39 -5.96
C GLU K 298 34.24 -6.50 -7.12
N VAL K 299 33.14 -5.78 -7.00
CA VAL K 299 32.70 -4.92 -8.07
C VAL K 299 33.50 -3.63 -8.07
N ALA K 300 34.29 -3.40 -7.02
CA ALA K 300 35.06 -2.19 -6.94
C ALA K 300 36.57 -2.43 -7.10
N SER K 301 36.94 -3.59 -7.62
CA SER K 301 38.35 -3.85 -7.94
C SER K 301 38.80 -2.85 -9.01
N GLY K 302 40.02 -2.36 -8.89
CA GLY K 302 40.50 -1.27 -9.74
C GLY K 302 40.52 0.07 -9.04
N ARG K 303 39.46 0.35 -8.28
CA ARG K 303 39.35 1.59 -7.49
C ARG K 303 39.70 1.41 -6.01
N LEU K 304 39.19 0.34 -5.40
CA LEU K 304 39.60 -0.06 -4.06
C LEU K 304 40.18 -1.48 -4.12
N ASP K 305 41.46 -1.64 -3.75
CA ASP K 305 42.11 -2.94 -3.88
C ASP K 305 42.58 -3.54 -2.55
N ALA K 306 41.89 -3.15 -1.49
CA ALA K 306 42.16 -3.66 -0.16
C ALA K 306 40.82 -4.11 0.37
N PHE K 307 40.84 -4.93 1.40
CA PHE K 307 39.62 -5.42 2.01
C PHE K 307 39.99 -5.92 3.42
N PHE K 308 39.48 -5.21 4.44
CA PHE K 308 39.85 -5.40 5.84
C PHE K 308 38.62 -5.65 6.71
N ILE K 309 38.76 -6.47 7.75
CA ILE K 309 37.65 -6.71 8.69
C ILE K 309 38.13 -6.92 10.12
N ASP K 310 37.93 -5.94 10.99
CA ASP K 310 38.21 -6.08 12.41
C ASP K 310 37.03 -6.79 13.05
N GLU K 311 37.15 -8.11 13.25
CA GLU K 311 36.29 -8.87 14.18
C GLU K 311 34.79 -9.04 13.87
N GLY K 312 34.40 -9.33 12.64
CA GLY K 312 32.98 -9.56 12.40
C GLY K 312 32.43 -10.99 12.64
N PHE K 313 33.14 -11.85 13.37
CA PHE K 313 32.85 -13.26 13.20
C PHE K 313 32.54 -13.97 14.50
N SER K 314 32.59 -13.25 15.60
CA SER K 314 32.34 -13.92 16.87
C SER K 314 30.84 -13.96 17.13
N SER K 315 30.12 -13.09 16.44
CA SER K 315 28.67 -13.21 16.38
C SER K 315 28.20 -14.52 15.75
N LEU K 316 29.05 -15.18 14.98
CA LEU K 316 28.61 -16.38 14.25
C LEU K 316 28.71 -17.70 15.04
N ASP K 317 27.65 -18.50 15.01
CA ASP K 317 27.74 -19.84 15.63
C ASP K 317 28.71 -20.69 14.82
N THR K 318 29.06 -21.85 15.37
CA THR K 318 30.11 -22.73 14.83
C THR K 318 30.00 -23.01 13.33
N GLU K 319 28.81 -23.43 12.90
CA GLU K 319 28.54 -23.75 11.50
C GLU K 319 28.69 -22.56 10.57
N ASN K 320 27.97 -21.47 10.90
CA ASN K 320 28.01 -20.20 10.16
C ASN K 320 29.40 -19.59 10.12
N LYS K 321 30.15 -19.73 11.22
CA LYS K 321 31.55 -19.31 11.26
C LYS K 321 32.44 -20.14 10.32
N GLU K 322 32.23 -21.45 10.30
CA GLU K 322 32.88 -22.33 9.32
C GLU K 322 32.49 -22.06 7.88
N LYS K 323 31.19 -22.01 7.60
CA LYS K 323 30.68 -21.76 6.26
C LYS K 323 31.19 -20.46 5.70
N ILE K 324 31.15 -19.41 6.53
CA ILE K 324 31.61 -18.08 6.14
C ILE K 324 33.11 -18.07 5.88
N ALA K 325 33.87 -18.76 6.72
CA ALA K 325 35.30 -18.84 6.54
C ALA K 325 35.65 -19.67 5.28
N SER K 326 34.65 -20.27 4.65
CA SER K 326 34.88 -20.94 3.37
C SER K 326 34.66 -20.00 2.19
N VAL K 327 33.55 -19.27 2.16
CA VAL K 327 33.31 -18.35 1.05
C VAL K 327 34.34 -17.25 1.05
N LEU K 328 35.01 -17.06 2.19
CA LEU K 328 36.01 -16.02 2.33
C LEU K 328 37.38 -16.51 1.89
N LYS K 329 37.68 -17.76 2.22
CA LYS K 329 38.96 -18.35 1.82
C LYS K 329 39.04 -18.38 0.30
N GLU K 330 37.89 -18.46 -0.36
CA GLU K 330 37.86 -18.56 -1.82
C GLU K 330 38.14 -17.21 -2.51
N LEU K 331 38.62 -16.26 -1.72
CA LEU K 331 39.03 -14.98 -2.26
C LEU K 331 40.54 -14.99 -2.38
N GLU K 332 41.17 -16.02 -1.83
CA GLU K 332 42.64 -16.09 -1.75
C GLU K 332 43.30 -15.83 -3.09
N ARG K 333 42.63 -16.20 -4.18
CA ARG K 333 43.14 -15.95 -5.52
C ARG K 333 43.24 -14.47 -5.86
N LEU K 334 42.25 -13.70 -5.43
CA LEU K 334 42.04 -12.34 -5.91
C LEU K 334 43.20 -11.40 -5.63
N ASN K 335 43.48 -10.52 -6.60
CA ASN K 335 44.62 -9.61 -6.49
C ASN K 335 44.24 -8.42 -5.62
N LYS K 336 44.05 -8.72 -4.34
CA LYS K 336 43.48 -7.76 -3.42
C LYS K 336 44.17 -8.00 -2.10
N VAL K 337 44.42 -6.94 -1.32
CA VAL K 337 45.04 -7.13 0.00
C VAL K 337 43.96 -7.30 1.04
N ILE K 338 43.62 -8.56 1.31
CA ILE K 338 42.53 -8.93 2.17
C ILE K 338 43.14 -9.16 3.55
N VAL K 339 42.53 -8.59 4.59
CA VAL K 339 43.06 -8.75 5.96
C VAL K 339 41.97 -8.88 7.01
N PHE K 340 41.89 -10.06 7.63
CA PHE K 340 40.93 -10.33 8.69
C PHE K 340 41.64 -10.27 10.01
N ILE K 341 41.12 -9.46 10.93
CA ILE K 341 41.63 -9.37 12.29
C ILE K 341 40.76 -10.22 13.24
N THR K 342 41.39 -10.94 14.18
CA THR K 342 40.60 -11.76 15.12
C THR K 342 41.36 -12.17 16.39
N HIS K 343 40.62 -12.46 17.45
CA HIS K 343 41.22 -12.99 18.66
C HIS K 343 40.94 -14.49 18.74
N ASP K 344 39.97 -14.95 17.95
CA ASP K 344 39.45 -16.32 17.95
C ASP K 344 40.29 -17.35 17.13
N ARG K 345 41.01 -18.22 17.85
CA ARG K 345 41.83 -19.27 17.26
C ARG K 345 41.04 -20.21 16.35
N GLU K 346 39.77 -20.45 16.67
CA GLU K 346 38.93 -21.33 15.84
C GLU K 346 38.92 -20.81 14.40
N PHE K 347 38.45 -19.58 14.23
CA PHE K 347 38.37 -18.92 12.93
C PHE K 347 39.72 -18.67 12.22
N SER K 348 40.74 -18.22 12.94
CA SER K 348 42.00 -17.86 12.31
C SER K 348 42.79 -19.08 11.77
N GLU K 349 42.58 -20.24 12.40
CA GLU K 349 43.28 -21.45 12.00
C GLU K 349 42.88 -21.91 10.60
N ALA K 350 41.67 -21.54 10.19
CA ALA K 350 41.21 -21.74 8.83
C ALA K 350 42.27 -21.33 7.80
N PHE K 351 42.89 -20.17 8.01
CA PHE K 351 43.76 -19.51 7.03
C PHE K 351 45.23 -19.68 7.37
N ASP K 352 46.08 -19.60 6.35
CA ASP K 352 47.48 -20.03 6.48
C ASP K 352 48.50 -18.94 6.80
N ARG K 353 48.32 -17.75 6.25
CA ARG K 353 49.24 -16.66 6.52
C ARG K 353 48.74 -15.90 7.74
N LYS K 354 49.49 -15.93 8.82
CA LYS K 354 49.07 -15.29 10.07
C LYS K 354 50.10 -14.28 10.51
N LEU K 355 49.63 -13.13 10.95
CA LEU K 355 50.51 -12.20 11.67
C LEU K 355 50.02 -12.23 13.10
N ARG K 356 50.91 -12.42 14.06
CA ARG K 356 50.47 -12.47 15.43
C ARG K 356 51.00 -11.28 16.24
N ILE K 357 50.13 -10.68 17.04
CA ILE K 357 50.48 -9.50 17.82
C ILE K 357 50.20 -9.68 19.30
N THR K 358 51.18 -9.32 20.14
CA THR K 358 50.97 -9.19 21.58
C THR K 358 51.76 -8.02 22.19
N GLY K 359 51.11 -7.31 23.13
CA GLY K 359 51.71 -6.21 23.83
C GLY K 359 52.27 -5.20 22.85
N GLY K 360 51.50 -4.93 21.82
CA GLY K 360 51.87 -3.94 20.84
C GLY K 360 53.14 -4.24 20.09
N VAL K 361 53.57 -5.50 20.03
CA VAL K 361 54.65 -5.84 19.09
C VAL K 361 54.26 -7.07 18.30
N VAL K 362 54.72 -7.19 17.07
CA VAL K 362 54.49 -8.43 16.33
C VAL K 362 55.29 -9.55 16.99
N VAL K 363 54.72 -10.74 17.08
CA VAL K 363 55.43 -11.83 17.77
C VAL K 363 55.44 -13.12 16.98
N ASN K 364 56.25 -14.07 17.43
CA ASN K 364 56.36 -15.37 16.77
C ASN K 364 57.21 -15.29 15.50
N LYS L 2 30.87 -3.50 -15.61
CA LYS L 2 31.57 -2.23 -15.84
C LYS L 2 30.64 -1.05 -15.61
N LEU L 3 30.99 -0.21 -14.62
CA LEU L 3 30.14 0.90 -14.22
C LEU L 3 30.90 2.23 -14.24
N ASP L 4 31.30 2.66 -15.43
CA ASP L 4 31.89 3.99 -15.58
C ASP L 4 30.76 4.99 -15.58
N TYR L 5 30.81 5.92 -14.63
CA TYR L 5 29.79 6.96 -14.47
C TYR L 5 29.27 7.52 -15.79
N PHE L 6 30.17 8.05 -16.61
CA PHE L 6 29.74 8.77 -17.81
C PHE L 6 29.39 7.89 -18.99
N GLU L 7 30.10 6.78 -19.16
CA GLU L 7 29.67 5.78 -20.13
C GLU L 7 28.25 5.34 -19.78
N LEU L 8 28.00 5.12 -18.48
CA LEU L 8 26.67 4.79 -17.96
C LEU L 8 25.69 5.97 -18.10
N PHE L 9 26.23 7.18 -18.23
CA PHE L 9 25.41 8.36 -18.48
C PHE L 9 25.08 8.43 -19.96
N LYS L 10 26.12 8.24 -20.78
CA LYS L 10 26.01 8.40 -22.22
C LYS L 10 24.93 7.50 -22.80
N GLU L 11 24.69 6.38 -22.10
CA GLU L 11 23.63 5.45 -22.49
C GLU L 11 22.29 5.96 -21.99
N TYR L 12 22.16 6.11 -20.68
CA TYR L 12 20.94 6.59 -20.01
C TYR L 12 20.20 7.73 -20.71
N LEU L 13 20.95 8.67 -21.28
CA LEU L 13 20.34 9.78 -22.01
C LEU L 13 19.56 9.23 -23.20
N LYS L 14 20.26 8.55 -24.11
CA LYS L 14 19.67 7.98 -25.32
C LYS L 14 18.28 7.36 -25.11
N LYS L 15 18.05 6.79 -23.94
CA LYS L 15 16.77 6.19 -23.60
C LYS L 15 15.78 7.24 -23.10
N ARG L 16 16.29 8.43 -22.77
CA ARG L 16 15.44 9.49 -22.22
C ARG L 16 15.43 10.71 -23.13
N GLU L 17 16.41 10.79 -24.03
CA GLU L 17 16.61 12.01 -24.81
C GLU L 17 16.88 11.78 -26.30
N GLU L 18 16.13 12.52 -27.12
CA GLU L 18 16.29 12.49 -28.58
C GLU L 18 17.34 13.50 -29.01
N ASN L 19 17.60 14.47 -28.14
CA ASN L 19 18.46 15.60 -28.45
C ASN L 19 19.89 15.32 -28.04
N HIS L 20 20.15 14.04 -27.76
CA HIS L 20 21.39 13.62 -27.12
C HIS L 20 22.67 13.96 -27.89
N GLU L 21 22.69 13.82 -29.22
CA GLU L 21 23.95 14.18 -29.88
C GLU L 21 24.59 15.55 -29.52
N LYS L 22 23.79 16.61 -29.40
CA LYS L 22 24.30 17.90 -28.98
C LYS L 22 24.46 17.95 -27.46
N LEU L 23 23.50 17.37 -26.75
CA LEU L 23 23.61 17.23 -25.29
C LEU L 23 24.89 16.50 -24.92
N LEU L 24 25.07 15.29 -25.41
CA LEU L 24 26.31 14.54 -25.16
C LEU L 24 27.54 15.19 -25.80
N LYS L 25 27.32 16.19 -26.64
CA LYS L 25 28.40 16.99 -27.19
C LYS L 25 28.83 18.01 -26.14
N ILE L 26 27.84 18.74 -25.63
CA ILE L 26 28.08 19.80 -24.65
C ILE L 26 28.84 19.26 -23.44
N LEU L 27 28.37 18.13 -22.92
CA LEU L 27 28.99 17.50 -21.77
C LEU L 27 30.42 17.07 -22.10
N ASP L 28 30.66 16.71 -23.35
CA ASP L 28 32.03 16.38 -23.77
C ASP L 28 32.92 17.62 -23.82
N GLU L 29 32.35 18.75 -24.27
CA GLU L 29 33.04 20.02 -24.26
C GLU L 29 33.30 20.44 -22.83
N LEU L 30 32.26 20.32 -22.01
CA LEU L 30 32.29 20.74 -20.61
C LEU L 30 33.26 19.90 -19.78
N LEU L 31 33.32 18.61 -20.05
CA LEU L 31 34.25 17.72 -19.35
C LEU L 31 35.69 18.01 -19.78
N ASP L 32 35.85 18.39 -21.06
CA ASP L 32 37.13 18.85 -21.60
C ASP L 32 37.67 20.04 -20.79
N GLU L 33 36.85 21.09 -20.65
CA GLU L 33 37.26 22.25 -19.87
C GLU L 33 37.39 21.90 -18.38
N VAL L 34 36.62 20.88 -18.00
CA VAL L 34 36.72 20.20 -16.70
C VAL L 34 38.04 19.46 -16.60
N LYS L 35 38.46 18.86 -17.71
CA LYS L 35 39.73 18.14 -17.76
C LYS L 35 40.75 19.22 -17.96
N LYS L 36 40.99 20.00 -16.90
CA LYS L 36 41.94 21.09 -16.96
C LYS L 36 43.05 20.80 -17.96
PG ANP M . -21.46 14.41 -17.31
O1G ANP M . -22.20 13.26 -18.09
O2G ANP M . -19.96 14.45 -17.80
O3G ANP M . -21.30 14.14 -15.86
PB ANP M . -23.42 16.26 -18.54
O1B ANP M . -23.52 15.20 -19.67
O2B ANP M . -22.87 17.50 -19.15
N3B ANP M . -22.30 15.87 -17.35
PA ANP M . -26.18 16.23 -18.05
O1A ANP M . -26.57 16.80 -19.36
O2A ANP M . -26.43 14.71 -17.89
O3A ANP M . -24.71 16.56 -17.71
O5' ANP M . -27.01 17.02 -16.93
C5' ANP M . -26.81 18.45 -16.73
C4' ANP M . -27.29 18.86 -15.37
O4' ANP M . -28.75 18.95 -15.37
C3' ANP M . -26.93 17.90 -14.22
O3' ANP M . -26.43 18.61 -13.09
C2' ANP M . -28.26 17.21 -13.91
O2' ANP M . -28.26 16.84 -12.53
C1' ANP M . -29.25 18.30 -14.23
N9 ANP M . -30.60 17.86 -14.53
C8 ANP M . -31.02 16.61 -14.87
N7 ANP M . -32.32 16.52 -15.10
C5 ANP M . -32.78 17.80 -14.90
C6 ANP M . -34.06 18.38 -14.99
N6 ANP M . -35.15 17.70 -15.30
N1 ANP M . -34.17 19.70 -14.72
C2 ANP M . -33.07 20.39 -14.40
N3 ANP M . -31.82 19.95 -14.27
C4 ANP M . -31.73 18.65 -14.55
MG MG N . -23.28 13.27 -19.75
PG ANP O . -9.32 -2.57 -17.63
O1G ANP O . -10.75 -2.81 -17.26
O2G ANP O . -9.36 -2.15 -19.14
O3G ANP O . -8.83 -1.41 -16.67
PB ANP O . -8.42 -5.08 -16.25
O1B ANP O . -9.69 -4.83 -15.39
O2B ANP O . -7.22 -5.04 -15.37
N3B ANP O . -8.31 -3.92 -17.48
PA ANP O . -9.24 -7.76 -16.62
O1A ANP O . -10.74 -7.50 -16.57
O2A ANP O . -8.79 -8.35 -15.35
O3A ANP O . -8.44 -6.44 -17.03
O5' ANP O . -8.86 -8.77 -17.79
C5' ANP O . -7.52 -9.23 -17.87
C4' ANP O . -7.28 -9.85 -19.22
O4' ANP O . -7.73 -11.23 -19.21
C3' ANP O . -7.97 -9.20 -20.42
O3' ANP O . -7.03 -9.16 -21.49
C2' ANP O . -9.11 -10.17 -20.74
O2' ANP O . -9.54 -10.10 -22.09
C1' ANP O . -8.40 -11.48 -20.43
N9 ANP O . -9.27 -12.63 -20.26
C8 ANP O . -10.62 -12.64 -20.02
N7 ANP O . -11.11 -13.85 -19.87
C5 ANP O . -10.02 -14.68 -20.00
C6 ANP O . -9.88 -16.09 -19.95
N6 ANP O . -10.90 -16.92 -19.72
N1 ANP O . -8.64 -16.60 -20.13
C2 ANP O . -7.62 -15.76 -20.34
N3 ANP O . -7.64 -14.42 -20.42
C4 ANP O . -8.87 -13.94 -20.23
MG MG P . -11.18 -3.78 -14.99
PG ANP Q . 21.58 -14.52 17.21
O1G ANP Q . 21.62 -13.28 18.23
O2G ANP Q . 22.76 -15.48 17.58
O3G ANP Q . 21.75 -14.02 15.83
PB ANP Q . 18.78 -14.97 17.97
O1B ANP Q . 18.32 -16.11 18.77
O2B ANP Q . 19.07 -13.75 18.90
N3B ANP Q . 20.20 -15.48 17.26
PA ANP Q . 16.55 -13.55 16.92
O1A ANP Q . 15.64 -13.78 18.05
O2A ANP Q . 17.12 -12.13 16.88
O3A ANP Q . 17.72 -14.66 16.85
O5' ANP Q . 15.71 -13.78 15.61
C5' ANP Q . 15.19 -15.09 15.33
C4' ANP Q . 14.82 -15.16 13.87
O4' ANP Q . 13.62 -14.39 13.63
C3' ANP Q . 15.86 -14.64 12.88
O3' ANP Q . 16.05 -15.60 11.85
C2' ANP Q . 15.24 -13.31 12.39
O2' ANP Q . 15.69 -12.90 11.12
C1' ANP Q . 13.77 -13.70 12.41
N9 ANP Q . 12.82 -12.62 12.41
C8 ANP Q . 13.01 -11.29 12.67
N7 ANP Q . 11.92 -10.58 12.61
C5 ANP Q . 10.92 -11.50 12.31
C6 ANP Q . 9.54 -11.39 12.12
N6 ANP Q . 8.87 -10.24 12.21
N1 ANP Q . 8.85 -12.51 11.83
C2 ANP Q . 9.51 -13.67 11.74
N3 ANP Q . 10.82 -13.89 11.90
C4 ANP Q . 11.47 -12.77 12.19
MG MG R . 20.71 -12.78 19.89
PG ANP S . 40.42 -6.48 21.31
O1G ANP S . 39.85 -5.28 20.63
O2G ANP S . 40.04 -6.47 22.83
O3G ANP S . 39.80 -7.72 20.57
PB ANP S . 42.88 -5.16 20.27
O1B ANP S . 41.99 -4.91 19.02
O2B ANP S . 44.25 -5.60 19.92
N3B ANP S . 42.12 -6.38 21.18
PA ANP S . 43.37 -2.39 20.71
O1A ANP S . 42.17 -1.71 20.04
O2A ANP S . 44.59 -2.25 19.88
O3A ANP S . 43.09 -3.90 21.19
O5' ANP S . 43.77 -1.76 22.06
C5' ANP S . 45.21 -1.78 22.27
C4' ANP S . 45.50 -1.40 23.69
O4' ANP S . 45.90 -0.01 23.73
C3' ANP S . 44.32 -1.54 24.66
O3' ANP S . 44.77 -2.09 25.90
C2' ANP S . 43.84 -0.09 24.84
O2' ANP S . 43.29 0.11 26.11
C1' ANP S . 45.18 0.63 24.77
N9 ANP S . 45.10 2.05 24.44
C8 ANP S . 44.06 2.74 23.88
N7 ANP S . 44.29 4.01 23.70
C5 ANP S . 45.58 4.17 24.19
C6 ANP S . 46.43 5.30 24.28
N6 ANP S . 46.08 6.53 23.89
N1 ANP S . 47.66 5.12 24.82
C2 ANP S . 48.01 3.90 25.22
N3 ANP S . 47.31 2.77 25.17
C4 ANP S . 46.10 2.98 24.64
MG MG T . 39.99 -4.49 18.79
#